data_3MVK
#
_entry.id   3MVK
#
_cell.length_a   66.047
_cell.length_b   83.859
_cell.length_c   144.813
_cell.angle_alpha   90.000
_cell.angle_beta   95.110
_cell.angle_gamma   90.000
#
_symmetry.space_group_name_H-M   'P 1 21 1'
#
loop_
_entity.id
_entity.type
_entity.pdbx_description
1 polymer 'protein FucU'
2 non-polymer 'SODIUM ION'
3 non-polymer 'TRIETHYLENE GLYCOL'
4 non-polymer GLYCEROL
5 water water
#
_entity_poly.entity_id   1
_entity_poly.type   'polypeptide(L)'
_entity_poly.pdbx_seq_one_letter_code
;(MSE)LKGIPKIIPPELLKVLCE(MSE)GHGDQLVIADGNFPAESIGKNAIVVR(MSE)DGHGGGEILKAILTVFPLDTY
VDKPATL(MSE)EKVPGDTVATPIWDVYAGLIKEHDERGADAIGSLERFAFYEQAKNAYCVIASGESAQYANLILQKGVV
FNAE
;
_entity_poly.pdbx_strand_id   A,B,C,D,E,F,G,H,I,J
#
# COMPACT_ATOMS: atom_id res chain seq x y z
N ILE A 5 17.97 -7.44 28.18
CA ILE A 5 17.67 -7.82 26.76
C ILE A 5 18.91 -7.65 25.88
N PRO A 6 19.32 -8.73 25.21
CA PRO A 6 20.52 -8.74 24.39
C PRO A 6 20.60 -7.58 23.42
N LYS A 7 21.74 -6.90 23.43
CA LYS A 7 21.98 -5.71 22.63
C LYS A 7 21.80 -5.95 21.13
N ILE A 8 22.06 -7.17 20.67
CA ILE A 8 22.09 -7.41 19.21
C ILE A 8 20.69 -7.52 18.61
N ILE A 9 19.66 -7.66 19.45
CA ILE A 9 18.28 -7.86 18.94
C ILE A 9 17.70 -6.51 18.54
N PRO A 10 17.33 -6.35 17.24
CA PRO A 10 16.78 -5.03 16.85
C PRO A 10 15.32 -4.93 17.30
N PRO A 11 14.78 -3.70 17.33
CA PRO A 11 13.41 -3.53 17.87
C PRO A 11 12.35 -4.40 17.19
N GLU A 12 12.44 -4.55 15.87
CA GLU A 12 11.49 -5.40 15.15
C GLU A 12 11.53 -6.86 15.63
N LEU A 13 12.73 -7.36 15.90
CA LEU A 13 12.83 -8.73 16.36
C LEU A 13 12.33 -8.88 17.79
N LEU A 14 12.53 -7.85 18.61
CA LEU A 14 11.98 -7.89 19.95
C LEU A 14 10.46 -7.99 19.91
N LYS A 15 9.83 -7.21 19.03
CA LYS A 15 8.38 -7.28 18.81
C LYS A 15 7.97 -8.68 18.40
N VAL A 16 8.70 -9.24 17.43
CA VAL A 16 8.44 -10.59 16.94
C VAL A 16 8.50 -11.59 18.09
N LEU A 17 9.54 -11.52 18.91
CA LEU A 17 9.73 -12.53 19.93
C LEU A 17 8.62 -12.46 20.97
N CYS A 18 8.14 -11.25 21.22
CA CYS A 18 7.06 -11.05 22.18
CA CYS A 18 7.07 -11.04 22.18
C CYS A 18 5.71 -11.48 21.65
N GLU A 19 5.47 -11.24 20.38
CA GLU A 19 4.16 -11.55 19.85
C GLU A 19 4.01 -13.02 19.43
N GLY A 21 3.65 -16.91 20.09
CA GLY A 21 3.01 -17.62 21.18
C GLY A 21 3.37 -19.09 21.14
N HIS A 22 2.72 -19.86 22.02
CA HIS A 22 3.04 -21.28 22.21
C HIS A 22 2.89 -22.04 20.88
N GLY A 23 3.99 -22.64 20.42
CA GLY A 23 3.97 -23.40 19.18
C GLY A 23 4.47 -22.69 17.92
N ASP A 24 4.58 -21.35 17.96
CA ASP A 24 5.16 -20.60 16.84
C ASP A 24 6.64 -20.98 16.70
N GLN A 25 7.09 -20.99 15.46
CA GLN A 25 8.48 -21.33 15.17
C GLN A 25 9.24 -20.15 14.57
N LEU A 26 10.53 -20.04 14.90
CA LEU A 26 11.41 -19.16 14.13
C LEU A 26 12.61 -19.94 13.58
N VAL A 27 13.20 -19.40 12.53
CA VAL A 27 14.35 -20.05 11.89
C VAL A 27 15.56 -19.17 12.05
N ILE A 28 16.63 -19.71 12.63
CA ILE A 28 17.94 -19.05 12.55
C ILE A 28 18.57 -19.62 11.27
N ALA A 29 18.67 -18.79 10.24
CA ALA A 29 19.16 -19.20 8.91
C ALA A 29 20.65 -18.93 8.81
N ASP A 30 21.43 -19.91 8.38
CA ASP A 30 22.83 -19.64 8.08
C ASP A 30 23.02 -18.81 6.80
N GLY A 31 24.25 -18.42 6.51
CA GLY A 31 24.54 -17.47 5.41
C GLY A 31 24.22 -18.05 4.04
N ASN A 32 24.23 -19.37 3.92
CA ASN A 32 23.88 -20.01 2.65
C ASN A 32 22.41 -20.28 2.46
N PHE A 33 21.63 -20.06 3.50
CA PHE A 33 20.19 -20.38 3.47
C PHE A 33 19.42 -19.41 2.61
N PRO A 34 18.44 -19.91 1.84
CA PRO A 34 17.58 -19.01 1.07
C PRO A 34 16.56 -18.33 1.96
N ALA A 35 17.02 -17.42 2.83
CA ALA A 35 16.14 -16.82 3.86
C ALA A 35 14.98 -16.04 3.26
N GLU A 36 15.23 -15.24 2.20
CA GLU A 36 14.17 -14.40 1.66
C GLU A 36 13.09 -15.19 0.93
N SER A 37 13.49 -16.19 0.14
CA SER A 37 12.50 -16.98 -0.58
C SER A 37 11.72 -17.88 0.36
N ILE A 38 12.41 -18.58 1.27
CA ILE A 38 11.74 -19.45 2.22
C ILE A 38 10.82 -18.63 3.11
N GLY A 39 11.25 -17.43 3.47
CA GLY A 39 10.51 -16.54 4.34
C GLY A 39 9.54 -15.59 3.66
N LYS A 40 9.14 -15.91 2.44
CA LYS A 40 8.34 -14.97 1.68
C LYS A 40 7.02 -14.65 2.38
N ASN A 41 6.48 -15.61 3.13
CA ASN A 41 5.23 -15.40 3.87
C ASN A 41 5.44 -15.18 5.36
N ALA A 42 6.68 -14.90 5.72
CA ALA A 42 7.03 -14.69 7.13
C ALA A 42 7.69 -13.32 7.27
N ILE A 43 8.08 -13.01 8.50
CA ILE A 43 8.86 -11.82 8.77
C ILE A 43 10.34 -12.18 8.69
N VAL A 44 11.06 -11.56 7.76
CA VAL A 44 12.52 -11.83 7.62
C VAL A 44 13.29 -10.68 8.26
N VAL A 45 14.10 -11.00 9.26
CA VAL A 45 14.93 -9.99 9.94
C VAL A 45 16.37 -10.25 9.56
N ARG A 46 17.06 -9.24 9.01
CA ARG A 46 18.44 -9.41 8.62
C ARG A 46 19.38 -9.31 9.81
N ASP A 48 22.94 -10.11 9.13
CA ASP A 48 24.04 -10.57 8.28
C ASP A 48 25.43 -10.54 8.92
N GLY A 49 25.63 -9.64 9.86
CA GLY A 49 26.94 -9.56 10.51
C GLY A 49 27.14 -10.48 11.71
N HIS A 50 26.17 -11.36 11.96
CA HIS A 50 26.21 -12.18 13.16
C HIS A 50 26.23 -13.66 12.87
N GLY A 51 26.91 -14.38 13.76
CA GLY A 51 27.01 -15.83 13.68
C GLY A 51 25.80 -16.50 14.31
N GLY A 52 25.66 -17.79 14.01
CA GLY A 52 24.57 -18.60 14.54
C GLY A 52 24.60 -18.71 16.06
N GLY A 53 25.80 -18.92 16.60
CA GLY A 53 25.97 -19.04 18.05
C GLY A 53 25.56 -17.77 18.78
N GLU A 54 26.05 -16.61 18.31
CA GLU A 54 25.70 -15.32 18.88
C GLU A 54 24.18 -15.11 18.88
N ILE A 55 23.54 -15.42 17.76
CA ILE A 55 22.10 -15.22 17.63
C ILE A 55 21.34 -16.17 18.57
N LEU A 56 21.73 -17.45 18.57
CA LEU A 56 21.05 -18.42 19.43
C LEU A 56 21.17 -18.01 20.91
N LYS A 57 22.37 -17.60 21.32
CA LYS A 57 22.61 -17.16 22.69
C LYS A 57 21.65 -16.05 23.08
N ALA A 58 21.51 -15.07 22.19
CA ALA A 58 20.64 -13.92 22.43
C ALA A 58 19.17 -14.31 22.52
N ILE A 59 18.72 -15.14 21.57
CA ILE A 59 17.32 -15.57 21.53
CA ILE A 59 17.32 -15.58 21.53
C ILE A 59 16.94 -16.35 22.79
N LEU A 60 17.81 -17.28 23.18
CA LEU A 60 17.48 -18.17 24.29
C LEU A 60 17.38 -17.42 25.61
N THR A 61 18.00 -16.24 25.67
CA THR A 61 17.83 -15.42 26.89
C THR A 61 16.38 -14.96 27.06
N VAL A 62 15.62 -14.87 25.96
CA VAL A 62 14.25 -14.34 26.01
C VAL A 62 13.15 -15.28 25.49
N PHE A 63 13.54 -16.47 25.02
CA PHE A 63 12.63 -17.33 24.25
C PHE A 63 12.63 -18.72 24.86
N PRO A 64 11.51 -19.09 25.50
CA PRO A 64 11.51 -20.44 26.08
C PRO A 64 11.27 -21.51 25.01
N LEU A 65 12.02 -22.59 25.05
CA LEU A 65 11.79 -23.70 24.11
C LEU A 65 10.62 -24.58 24.55
N ASP A 66 9.80 -25.02 23.59
CA ASP A 66 8.58 -25.77 23.91
C ASP A 66 8.86 -27.13 24.62
N THR A 67 8.19 -27.34 25.75
CA THR A 67 8.24 -28.61 26.49
C THR A 67 7.10 -29.56 26.10
N TYR A 68 6.20 -29.10 25.23
CA TYR A 68 5.05 -29.88 24.75
C TYR A 68 5.39 -30.75 23.54
N VAL A 69 6.63 -30.63 23.09
CA VAL A 69 7.17 -31.51 22.05
C VAL A 69 8.52 -32.01 22.56
N ASP A 70 8.92 -33.16 22.03
CA ASP A 70 10.18 -33.86 22.33
C ASP A 70 11.38 -33.00 21.93
N LYS A 71 11.32 -32.46 20.71
CA LYS A 71 12.48 -31.85 20.06
C LYS A 71 12.12 -30.45 19.54
N PRO A 72 12.06 -29.45 20.45
CA PRO A 72 11.69 -28.09 20.02
C PRO A 72 12.75 -27.37 19.17
N ALA A 73 13.95 -27.92 19.06
CA ALA A 73 14.96 -27.36 18.19
C ALA A 73 15.22 -28.32 17.04
N THR A 74 15.43 -27.80 15.84
CA THR A 74 15.60 -28.69 14.67
C THR A 74 16.80 -28.27 13.81
N LEU A 75 17.70 -29.21 13.54
CA LEU A 75 18.84 -28.97 12.62
C LEU A 75 18.54 -29.51 11.24
N GLU A 77 19.92 -31.90 8.39
CA GLU A 77 20.83 -33.02 8.16
C GLU A 77 21.71 -32.77 6.95
N LYS A 78 22.95 -33.25 7.03
CA LYS A 78 23.86 -33.22 5.88
C LYS A 78 23.30 -34.04 4.72
N VAL A 79 23.40 -33.48 3.53
CA VAL A 79 23.04 -34.18 2.29
C VAL A 79 23.89 -35.45 2.24
N PRO A 80 23.26 -36.62 1.98
CA PRO A 80 24.03 -37.86 1.90
C PRO A 80 25.22 -37.72 0.96
N GLY A 81 26.40 -38.09 1.46
CA GLY A 81 27.65 -37.96 0.72
C GLY A 81 28.44 -36.68 0.99
N ASP A 82 27.83 -35.68 1.65
CA ASP A 82 28.50 -34.43 1.98
C ASP A 82 29.14 -34.66 3.33
N THR A 83 30.47 -34.75 3.36
CA THR A 83 31.16 -35.19 4.58
C THR A 83 31.72 -34.03 5.40
N VAL A 84 31.31 -32.81 5.05
CA VAL A 84 31.75 -31.59 5.75
C VAL A 84 31.53 -31.71 7.28
N ALA A 85 32.55 -31.31 8.05
CA ALA A 85 32.46 -31.29 9.51
C ALA A 85 31.39 -30.29 9.97
N THR A 86 30.68 -30.63 11.05
CA THR A 86 29.66 -29.71 11.61
C THR A 86 29.88 -29.40 13.11
N PRO A 87 31.05 -28.81 13.46
CA PRO A 87 31.31 -28.47 14.86
C PRO A 87 30.22 -27.58 15.51
N ILE A 88 29.55 -26.76 14.71
CA ILE A 88 28.55 -25.86 15.27
C ILE A 88 27.35 -26.60 15.91
N TRP A 89 27.07 -27.84 15.50
CA TRP A 89 25.98 -28.60 16.14
C TRP A 89 26.24 -28.79 17.63
N ASP A 90 27.51 -29.02 17.98
CA ASP A 90 27.89 -29.14 19.39
C ASP A 90 27.84 -27.80 20.11
N VAL A 91 28.11 -26.72 19.38
CA VAL A 91 28.00 -25.38 19.95
C VAL A 91 26.54 -25.09 20.29
N TYR A 92 25.65 -25.35 19.33
CA TYR A 92 24.22 -25.20 19.59
C TYR A 92 23.71 -26.06 20.76
N ALA A 93 24.16 -27.30 20.84
CA ALA A 93 23.71 -28.20 21.90
C ALA A 93 24.15 -27.63 23.25
N GLY A 94 25.38 -27.13 23.32
CA GLY A 94 25.87 -26.48 24.55
C GLY A 94 25.04 -25.29 24.99
N LEU A 95 24.72 -24.43 24.01
CA LEU A 95 23.88 -23.27 24.29
C LEU A 95 22.48 -23.64 24.75
N ILE A 96 21.91 -24.67 24.14
CA ILE A 96 20.59 -25.10 24.51
C ILE A 96 20.63 -25.69 25.93
N LYS A 97 21.67 -26.47 26.24
CA LYS A 97 21.84 -27.06 27.57
C LYS A 97 21.87 -25.99 28.66
N GLU A 98 22.38 -24.81 28.34
CA GLU A 98 22.49 -23.70 29.31
C GLU A 98 21.14 -23.20 29.78
N HIS A 99 20.12 -23.36 28.94
CA HIS A 99 18.77 -22.84 29.21
C HIS A 99 17.72 -23.89 29.41
N ASP A 100 18.03 -25.11 28.98
CA ASP A 100 17.05 -26.15 29.02
C ASP A 100 17.78 -27.43 29.36
N GLU A 101 17.35 -28.04 30.45
CA GLU A 101 18.01 -29.24 30.96
C GLU A 101 18.02 -30.40 29.98
N ARG A 102 17.10 -30.38 28.99
CA ARG A 102 17.12 -31.40 27.94
C ARG A 102 18.40 -31.38 27.10
N GLY A 103 19.01 -30.20 26.96
CA GLY A 103 20.23 -30.07 26.15
C GLY A 103 20.09 -30.66 24.75
N ALA A 104 21.05 -31.50 24.39
CA ALA A 104 21.09 -32.11 23.05
C ALA A 104 19.89 -33.00 22.73
N ASP A 105 19.18 -33.46 23.77
CA ASP A 105 18.00 -34.28 23.57
C ASP A 105 16.80 -33.47 23.11
N ALA A 106 16.93 -32.14 23.16
CA ALA A 106 15.90 -31.24 22.68
C ALA A 106 16.08 -30.95 21.19
N ILE A 107 17.12 -31.50 20.58
CA ILE A 107 17.44 -31.18 19.17
C ILE A 107 17.15 -32.37 18.26
N GLY A 108 16.22 -32.17 17.34
CA GLY A 108 16.00 -33.12 16.26
C GLY A 108 16.57 -32.65 14.94
N SER A 109 16.25 -33.34 13.86
CA SER A 109 16.76 -32.95 12.56
C SER A 109 15.79 -33.30 11.43
N LEU A 110 15.97 -32.61 10.31
CA LEU A 110 15.19 -32.87 9.11
C LEU A 110 16.13 -32.90 7.92
N GLU A 111 15.86 -33.82 7.00
CA GLU A 111 16.55 -33.88 5.72
C GLU A 111 16.44 -32.49 5.07
N ARG A 112 17.43 -32.09 4.28
CA ARG A 112 17.50 -30.75 3.68
C ARG A 112 16.20 -30.17 3.12
N PHE A 113 15.58 -30.89 2.20
CA PHE A 113 14.37 -30.38 1.59
C PHE A 113 13.14 -30.40 2.51
N ALA A 114 13.08 -31.37 3.41
CA ALA A 114 12.02 -31.37 4.43
C ALA A 114 12.21 -30.20 5.39
N PHE A 115 13.48 -29.88 5.69
CA PHE A 115 13.79 -28.67 6.48
C PHE A 115 13.26 -27.40 5.80
N TYR A 116 13.48 -27.25 4.49
CA TYR A 116 12.92 -26.10 3.77
C TYR A 116 11.41 -26.05 3.89
N GLU A 117 10.75 -27.21 3.78
CA GLU A 117 9.29 -27.24 3.90
C GLU A 117 8.81 -26.79 5.26
N GLN A 118 9.48 -27.25 6.31
CA GLN A 118 9.08 -26.86 7.66
C GLN A 118 9.34 -25.37 7.88
N ALA A 119 10.47 -24.89 7.37
CA ALA A 119 10.88 -23.48 7.56
C ALA A 119 9.90 -22.51 6.91
N LYS A 120 9.25 -22.94 5.82
CA LYS A 120 8.24 -22.09 5.15
C LYS A 120 7.04 -21.78 6.05
N ASN A 121 6.88 -22.54 7.12
CA ASN A 121 5.79 -22.35 8.07
C ASN A 121 6.20 -21.45 9.26
N ALA A 122 7.44 -20.98 9.27
CA ALA A 122 7.93 -20.19 10.41
C ALA A 122 7.26 -18.84 10.46
N TYR A 123 7.10 -18.31 11.67
CA TYR A 123 6.61 -16.96 11.86
C TYR A 123 7.68 -15.95 11.44
N CYS A 124 8.93 -16.29 11.74
CA CYS A 124 10.03 -15.36 11.52
C CYS A 124 11.24 -16.16 11.06
N VAL A 125 11.95 -15.61 10.08
CA VAL A 125 13.26 -16.14 9.65
C VAL A 125 14.31 -15.08 9.91
N ILE A 126 15.32 -15.44 10.70
CA ILE A 126 16.44 -14.55 10.98
C ILE A 126 17.58 -14.90 10.05
N ALA A 127 17.97 -13.95 9.19
CA ALA A 127 19.02 -14.20 8.20
C ALA A 127 20.37 -13.85 8.77
N SER A 128 21.07 -14.86 9.28
CA SER A 128 22.40 -14.63 9.88
C SER A 128 23.45 -14.55 8.81
N GLY A 129 24.68 -14.23 9.22
CA GLY A 129 25.81 -14.38 8.32
C GLY A 129 26.70 -15.60 8.59
N GLU A 130 26.14 -16.60 9.28
CA GLU A 130 26.93 -17.78 9.69
C GLU A 130 27.56 -18.48 8.50
N SER A 131 28.89 -18.59 8.51
CA SER A 131 29.59 -19.18 7.36
C SER A 131 29.63 -20.70 7.38
N ALA A 132 29.50 -21.30 8.57
CA ALA A 132 29.43 -22.76 8.66
C ALA A 132 28.22 -23.31 7.89
N GLN A 133 28.40 -24.43 7.18
CA GLN A 133 27.29 -25.09 6.51
C GLN A 133 26.48 -25.92 7.52
N TYR A 134 25.23 -26.14 7.19
CA TYR A 134 24.27 -26.87 8.05
C TYR A 134 24.17 -26.21 9.42
N ALA A 135 24.21 -24.88 9.46
CA ALA A 135 24.10 -24.14 10.72
C ALA A 135 22.72 -23.51 10.94
N ASN A 136 21.72 -23.99 10.20
CA ASN A 136 20.33 -23.57 10.36
C ASN A 136 19.70 -24.19 11.58
N LEU A 137 18.78 -23.47 12.22
CA LEU A 137 18.09 -24.07 13.37
C LEU A 137 16.66 -23.55 13.42
N ILE A 138 15.71 -24.45 13.57
CA ILE A 138 14.31 -24.06 13.81
C ILE A 138 14.08 -24.17 15.30
N LEU A 139 13.47 -23.15 15.89
CA LEU A 139 13.13 -23.16 17.31
C LEU A 139 11.64 -22.96 17.49
N GLN A 140 11.05 -23.80 18.33
CA GLN A 140 9.62 -23.70 18.62
C GLN A 140 9.37 -23.16 20.03
N LYS A 141 8.49 -22.16 20.14
CA LYS A 141 8.29 -21.43 21.39
C LYS A 141 7.43 -22.16 22.39
N GLY A 142 7.85 -22.12 23.64
CA GLY A 142 7.04 -22.71 24.69
C GLY A 142 6.14 -21.73 25.41
N VAL A 143 5.68 -22.13 26.58
CA VAL A 143 4.76 -21.35 27.41
C VAL A 143 5.57 -20.45 28.32
N VAL A 144 4.99 -19.30 28.66
CA VAL A 144 5.56 -18.42 29.69
C VAL A 144 4.73 -18.50 30.96
N ILE B 5 33.59 -7.44 -0.60
CA ILE B 5 32.37 -6.83 0.04
C ILE B 5 32.17 -7.31 1.47
N PRO B 6 32.24 -6.39 2.44
CA PRO B 6 32.17 -6.76 3.85
C PRO B 6 30.93 -7.55 4.19
N LYS B 7 31.12 -8.66 4.91
CA LYS B 7 30.07 -9.61 5.18
C LYS B 7 28.94 -9.02 6.01
N ILE B 8 29.25 -8.00 6.82
CA ILE B 8 28.24 -7.43 7.73
C ILE B 8 27.17 -6.60 7.05
N ILE B 9 27.41 -6.21 5.80
CA ILE B 9 26.47 -5.33 5.07
C ILE B 9 25.29 -6.15 4.51
N PRO B 10 24.04 -5.87 4.97
CA PRO B 10 22.88 -6.65 4.49
C PRO B 10 22.52 -6.25 3.07
N PRO B 11 21.78 -7.10 2.34
CA PRO B 11 21.46 -6.84 0.92
C PRO B 11 20.84 -5.45 0.69
N GLU B 12 19.92 -5.05 1.57
CA GLU B 12 19.31 -3.73 1.46
C GLU B 12 20.31 -2.58 1.54
N LEU B 13 21.30 -2.70 2.43
CA LEU B 13 22.30 -1.62 2.54
C LEU B 13 23.24 -1.62 1.33
N LEU B 14 23.52 -2.79 0.77
CA LEU B 14 24.35 -2.84 -0.43
C LEU B 14 23.65 -2.06 -1.56
N LYS B 15 22.33 -2.28 -1.67
CA LYS B 15 21.53 -1.57 -2.66
C LYS B 15 21.58 -0.06 -2.44
N VAL B 16 21.41 0.34 -1.18
CA VAL B 16 21.48 1.76 -0.80
C VAL B 16 22.82 2.36 -1.21
N LEU B 17 23.92 1.68 -0.88
CA LEU B 17 25.24 2.24 -1.12
C LEU B 17 25.49 2.39 -2.60
N CYS B 18 24.97 1.44 -3.38
CA CYS B 18 25.13 1.46 -4.83
CA CYS B 18 25.14 1.45 -4.82
C CYS B 18 24.31 2.55 -5.49
N GLU B 19 23.09 2.77 -4.98
CA GLU B 19 22.24 3.77 -5.59
C GLU B 19 22.47 5.22 -5.14
N GLY B 21 24.50 8.58 -4.96
CA GLY B 21 25.40 9.22 -5.92
C GLY B 21 26.12 10.38 -5.28
N HIS B 22 26.84 11.14 -6.11
CA HIS B 22 27.69 12.25 -5.64
C HIS B 22 26.91 13.26 -4.80
N GLY B 23 27.31 13.44 -3.56
CA GLY B 23 26.64 14.37 -2.70
C GLY B 23 25.63 13.80 -1.71
N ASP B 24 25.15 12.57 -1.97
CA ASP B 24 24.19 11.96 -1.04
C ASP B 24 24.88 11.70 0.30
N GLN B 25 24.10 11.75 1.38
CA GLN B 25 24.66 11.49 2.72
C GLN B 25 24.06 10.27 3.39
N LEU B 26 24.86 9.60 4.21
CA LEU B 26 24.34 8.60 5.11
C LEU B 26 24.77 8.92 6.54
N VAL B 27 23.98 8.45 7.48
CA VAL B 27 24.30 8.67 8.89
C VAL B 27 24.61 7.33 9.52
N ILE B 28 25.77 7.21 10.18
CA ILE B 28 26.01 6.09 11.10
C ILE B 28 25.55 6.62 12.46
N ALA B 29 24.45 6.07 12.98
CA ALA B 29 23.84 6.51 14.23
C ALA B 29 24.33 5.64 15.38
N ASP B 30 24.78 6.26 16.47
CA ASP B 30 25.11 5.51 17.66
C ASP B 30 23.86 4.98 18.40
N GLY B 31 24.07 4.16 19.42
CA GLY B 31 22.98 3.49 20.13
C GLY B 31 21.98 4.43 20.78
N ASN B 32 22.43 5.62 21.15
CA ASN B 32 21.55 6.64 21.75
C ASN B 32 20.82 7.54 20.77
N PHE B 33 21.17 7.42 19.48
CA PHE B 33 20.63 8.38 18.50
C PHE B 33 19.18 8.03 18.16
N PRO B 34 18.35 9.05 17.95
CA PRO B 34 16.95 8.81 17.51
C PRO B 34 16.88 8.44 16.01
N ALA B 35 17.36 7.24 15.66
CA ALA B 35 17.52 6.87 14.25
C ALA B 35 16.18 6.80 13.52
N GLU B 36 15.17 6.22 14.15
CA GLU B 36 13.88 6.07 13.44
C GLU B 36 13.15 7.38 13.22
N SER B 37 13.14 8.25 14.23
CA SER B 37 12.47 9.53 14.10
C SER B 37 13.21 10.48 13.14
N ILE B 38 14.53 10.59 13.30
CA ILE B 38 15.36 11.39 12.39
C ILE B 38 15.27 10.86 10.97
N GLY B 39 15.24 9.53 10.85
CA GLY B 39 15.19 8.89 9.55
C GLY B 39 13.80 8.65 8.98
N LYS B 40 12.81 9.40 9.48
CA LYS B 40 11.43 9.15 9.08
C LYS B 40 11.27 9.21 7.58
N ASN B 41 11.99 10.10 6.89
CA ASN B 41 11.90 10.20 5.42
C ASN B 41 13.09 9.57 4.69
N ALA B 42 13.82 8.73 5.40
CA ALA B 42 15.01 8.10 4.86
C ALA B 42 14.79 6.60 4.91
N ILE B 43 15.77 5.88 4.39
CA ILE B 43 15.84 4.45 4.57
C ILE B 43 16.60 4.19 5.86
N VAL B 44 15.96 3.55 6.83
CA VAL B 44 16.65 3.21 8.09
C VAL B 44 17.03 1.74 8.06
N VAL B 45 18.32 1.44 8.19
CA VAL B 45 18.82 0.07 8.22
C VAL B 45 19.29 -0.27 9.62
N ARG B 46 18.72 -1.32 10.22
CA ARG B 46 19.14 -1.69 11.58
C ARG B 46 20.43 -2.50 11.57
N ASP B 48 21.93 -3.16 14.92
CA ASP B 48 21.94 -3.00 16.35
C ASP B 48 23.06 -3.76 17.05
N GLY B 49 23.50 -4.86 16.45
CA GLY B 49 24.57 -5.65 17.09
C GLY B 49 25.99 -5.21 16.80
N HIS B 50 26.14 -4.10 16.05
CA HIS B 50 27.45 -3.65 15.61
C HIS B 50 27.84 -2.29 16.15
N GLY B 51 29.15 -2.10 16.35
CA GLY B 51 29.73 -0.83 16.77
C GLY B 51 29.97 0.12 15.61
N GLY B 52 30.25 1.37 15.94
CA GLY B 52 30.45 2.41 14.93
C GLY B 52 31.68 2.15 14.08
N GLY B 53 32.77 1.75 14.74
CA GLY B 53 34.02 1.45 14.01
C GLY B 53 33.89 0.33 13.00
N GLU B 54 33.25 -0.77 13.40
CA GLU B 54 33.00 -1.89 12.47
C GLU B 54 32.18 -1.47 11.25
N ILE B 55 31.12 -0.70 11.52
CA ILE B 55 30.27 -0.22 10.44
C ILE B 55 31.02 0.75 9.54
N LEU B 56 31.73 1.70 10.13
CA LEU B 56 32.49 2.67 9.34
C LEU B 56 33.51 1.96 8.44
N LYS B 57 34.27 1.02 9.01
CA LYS B 57 35.28 0.29 8.23
C LYS B 57 34.66 -0.41 7.02
N ALA B 58 33.54 -1.08 7.26
CA ALA B 58 32.83 -1.79 6.21
C ALA B 58 32.35 -0.85 5.11
N ILE B 59 31.72 0.25 5.52
CA ILE B 59 31.19 1.25 4.59
C ILE B 59 32.31 1.83 3.73
N LEU B 60 33.42 2.21 4.35
CA LEU B 60 34.51 2.87 3.60
C LEU B 60 35.17 1.95 2.57
N THR B 61 35.01 0.65 2.72
CA THR B 61 35.56 -0.24 1.70
C THR B 61 34.83 -0.08 0.39
N VAL B 62 33.58 0.38 0.42
CA VAL B 62 32.78 0.50 -0.79
C VAL B 62 32.25 1.91 -1.13
N PHE B 63 32.56 2.88 -0.27
CA PHE B 63 31.92 4.22 -0.29
C PHE B 63 33.01 5.30 -0.31
N PRO B 64 33.24 5.95 -1.46
CA PRO B 64 34.25 7.03 -1.51
C PRO B 64 33.75 8.29 -0.79
N LEU B 65 34.59 8.94 0.00
CA LEU B 65 34.22 10.22 0.60
C LEU B 65 34.42 11.38 -0.38
N ASP B 66 33.45 12.29 -0.39
CA ASP B 66 33.43 13.42 -1.32
C ASP B 66 34.68 14.30 -1.20
N THR B 67 35.35 14.48 -2.33
CA THR B 67 36.49 15.42 -2.41
C THR B 67 36.05 16.81 -2.86
N TYR B 68 34.77 16.97 -3.20
CA TYR B 68 34.24 18.27 -3.62
C TYR B 68 33.83 19.15 -2.45
N VAL B 69 33.87 18.58 -1.24
CA VAL B 69 33.75 19.36 -0.01
C VAL B 69 35.01 19.11 0.85
N ASP B 70 35.33 20.09 1.69
CA ASP B 70 36.45 20.03 2.66
C ASP B 70 36.34 18.84 3.61
N LYS B 71 35.15 18.67 4.17
CA LYS B 71 34.95 17.83 5.33
C LYS B 71 33.72 16.96 5.07
N PRO B 72 33.91 15.88 4.29
CA PRO B 72 32.76 14.99 3.94
C PRO B 72 32.28 14.11 5.10
N ALA B 73 32.98 14.08 6.22
CA ALA B 73 32.54 13.34 7.40
C ALA B 73 32.21 14.33 8.50
N THR B 74 31.11 14.12 9.23
CA THR B 74 30.70 15.07 10.24
C THR B 74 30.37 14.38 11.57
N LEU B 75 31.01 14.88 12.63
CA LEU B 75 30.75 14.44 14.01
C LEU B 75 29.74 15.34 14.69
N GLU B 77 29.20 17.50 17.95
CA GLU B 77 29.87 18.15 19.10
C GLU B 77 29.21 17.82 20.42
N LYS B 78 30.03 17.74 21.47
CA LYS B 78 29.52 17.59 22.82
C LYS B 78 28.69 18.81 23.19
N VAL B 79 27.58 18.58 23.87
CA VAL B 79 26.75 19.68 24.38
C VAL B 79 27.55 20.48 25.42
N PRO B 80 27.31 21.79 25.51
CA PRO B 80 27.91 22.59 26.63
C PRO B 80 27.71 21.92 28.00
N GLY B 81 28.80 21.75 28.76
CA GLY B 81 28.73 21.16 30.11
C GLY B 81 28.87 19.65 30.18
N ASP B 82 28.82 19.00 29.02
CA ASP B 82 29.01 17.56 28.93
C ASP B 82 30.49 17.29 28.74
N THR B 83 31.05 16.56 29.68
CA THR B 83 32.50 16.37 29.75
C THR B 83 32.92 14.94 29.46
N VAL B 84 32.01 14.14 28.89
CA VAL B 84 32.30 12.75 28.57
C VAL B 84 33.50 12.64 27.61
N ALA B 85 34.34 11.63 27.80
CA ALA B 85 35.46 11.36 26.92
C ALA B 85 34.95 10.82 25.58
N THR B 86 35.62 11.20 24.50
CA THR B 86 35.23 10.72 23.15
C THR B 86 36.38 10.05 22.39
N PRO B 87 36.91 8.91 22.91
CA PRO B 87 38.01 8.26 22.19
C PRO B 87 37.61 7.68 20.82
N ILE B 88 36.32 7.43 20.60
CA ILE B 88 35.88 6.93 19.30
C ILE B 88 36.19 7.91 18.16
N TRP B 89 36.29 9.20 18.47
CA TRP B 89 36.60 10.17 17.43
C TRP B 89 37.98 9.90 16.81
N ASP B 90 38.94 9.52 17.64
CA ASP B 90 40.25 9.06 17.13
C ASP B 90 40.20 7.75 16.34
N VAL B 91 39.36 6.82 16.77
CA VAL B 91 39.13 5.59 16.03
C VAL B 91 38.59 5.94 14.64
N TYR B 92 37.57 6.80 14.58
CA TYR B 92 36.99 7.17 13.28
C TYR B 92 38.01 7.86 12.37
N ALA B 93 38.80 8.76 12.95
CA ALA B 93 39.86 9.43 12.20
C ALA B 93 40.84 8.43 11.62
N GLY B 94 41.24 7.44 12.43
CA GLY B 94 42.13 6.37 11.96
C GLY B 94 41.56 5.59 10.78
N LEU B 95 40.25 5.28 10.87
CA LEU B 95 39.61 4.52 9.83
C LEU B 95 39.45 5.33 8.56
N ILE B 96 39.10 6.61 8.68
CA ILE B 96 38.94 7.44 7.51
C ILE B 96 40.29 7.59 6.78
N LYS B 97 41.35 7.73 7.57
CA LYS B 97 42.72 7.87 7.01
C LYS B 97 43.15 6.64 6.21
N GLU B 98 42.52 5.49 6.47
CA GLU B 98 42.79 4.28 5.66
C GLU B 98 42.28 4.38 4.23
N HIS B 99 41.34 5.30 4.00
CA HIS B 99 40.71 5.43 2.69
C HIS B 99 40.79 6.81 2.06
N ASP B 100 41.08 7.81 2.87
CA ASP B 100 41.17 9.17 2.39
C ASP B 100 42.40 9.89 2.97
N GLU B 101 43.23 10.42 2.08
CA GLU B 101 44.50 11.07 2.49
C GLU B 101 44.31 12.21 3.49
N ARG B 102 43.11 12.80 3.55
CA ARG B 102 42.88 13.90 4.47
C ARG B 102 42.80 13.46 5.91
N GLY B 103 42.47 12.19 6.15
CA GLY B 103 42.40 11.66 7.52
C GLY B 103 41.50 12.51 8.40
N ALA B 104 41.99 12.94 9.56
CA ALA B 104 41.17 13.74 10.49
C ALA B 104 40.71 15.09 9.91
N ASP B 105 41.47 15.63 8.96
CA ASP B 105 41.12 16.89 8.29
C ASP B 105 39.86 16.74 7.44
N ALA B 106 39.42 15.50 7.20
CA ALA B 106 38.17 15.28 6.45
C ALA B 106 36.96 15.31 7.38
N ILE B 107 37.19 15.44 8.68
CA ILE B 107 36.10 15.39 9.64
C ILE B 107 35.77 16.75 10.22
N GLY B 108 34.52 17.15 10.07
CA GLY B 108 34.03 18.37 10.68
C GLY B 108 33.06 18.02 11.78
N SER B 109 32.32 19.03 12.25
CA SER B 109 31.39 18.79 13.32
C SER B 109 30.21 19.73 13.27
N LEU B 110 29.13 19.30 13.90
CA LEU B 110 27.95 20.14 14.06
C LEU B 110 27.50 20.04 15.51
N GLU B 111 27.04 21.18 16.03
CA GLU B 111 26.34 21.25 17.29
C GLU B 111 25.18 20.24 17.24
N ARG B 112 24.85 19.66 18.40
CA ARG B 112 23.88 18.56 18.51
C ARG B 112 22.60 18.76 17.71
N PHE B 113 21.90 19.87 17.96
CA PHE B 113 20.64 20.09 17.24
C PHE B 113 20.79 20.40 15.76
N ALA B 114 21.90 21.05 15.39
CA ALA B 114 22.22 21.26 13.98
C ALA B 114 22.54 19.92 13.29
N PHE B 115 23.19 19.02 14.03
CA PHE B 115 23.47 17.66 13.54
C PHE B 115 22.16 16.95 13.23
N TYR B 116 21.21 16.98 14.15
CA TYR B 116 19.90 16.38 13.89
C TYR B 116 19.27 16.94 12.63
N GLU B 117 19.33 18.28 12.47
CA GLU B 117 18.78 18.95 11.28
C GLU B 117 19.42 18.43 9.99
N GLN B 118 20.74 18.35 9.95
CA GLN B 118 21.40 17.82 8.78
C GLN B 118 21.05 16.34 8.55
N ALA B 119 20.98 15.56 9.62
CA ALA B 119 20.76 14.12 9.51
C ALA B 119 19.38 13.80 8.94
N LYS B 120 18.42 14.71 9.12
CA LYS B 120 17.07 14.55 8.55
C LYS B 120 17.11 14.58 7.03
N ASN B 121 18.18 15.12 6.44
CA ASN B 121 18.33 15.14 4.98
C ASN B 121 19.05 13.93 4.42
N ALA B 122 19.46 13.01 5.29
CA ALA B 122 20.25 11.87 4.82
C ALA B 122 19.40 10.93 3.96
N TYR B 123 20.07 10.27 3.00
CA TYR B 123 19.42 9.25 2.20
C TYR B 123 19.14 8.00 3.04
N CYS B 124 20.03 7.72 3.98
CA CYS B 124 19.95 6.47 4.74
C CYS B 124 20.54 6.72 6.12
N VAL B 125 19.86 6.20 7.12
CA VAL B 125 20.37 6.20 8.51
C VAL B 125 20.62 4.75 8.91
N ILE B 126 21.83 4.46 9.38
CA ILE B 126 22.19 3.12 9.83
C ILE B 126 22.16 3.13 11.35
N ALA B 127 21.26 2.36 11.94
CA ALA B 127 21.11 2.37 13.38
C ALA B 127 22.04 1.35 14.01
N SER B 128 23.20 1.83 14.47
CA SER B 128 24.14 0.93 15.14
C SER B 128 23.77 0.70 16.61
N GLY B 129 24.53 -0.16 17.26
CA GLY B 129 24.42 -0.39 18.69
C GLY B 129 25.60 0.23 19.44
N GLU B 130 26.31 1.15 18.78
CA GLU B 130 27.51 1.75 19.40
C GLU B 130 27.18 2.39 20.76
N SER B 131 27.86 1.93 21.80
CA SER B 131 27.52 2.37 23.17
C SER B 131 28.16 3.71 23.55
N ALA B 132 29.26 4.05 22.88
CA ALA B 132 29.91 5.34 23.11
C ALA B 132 28.97 6.50 22.75
N GLN B 133 28.89 7.51 23.62
CA GLN B 133 28.20 8.76 23.26
C GLN B 133 29.02 9.57 22.25
N TYR B 134 28.30 10.40 21.50
CA TYR B 134 28.84 11.22 20.41
C TYR B 134 29.58 10.38 19.37
N ALA B 135 29.04 9.20 19.07
CA ALA B 135 29.65 8.31 18.09
C ALA B 135 28.91 8.33 16.74
N ASN B 136 28.13 9.38 16.52
CA ASN B 136 27.40 9.54 15.25
C ASN B 136 28.30 10.11 14.20
N LEU B 137 28.08 9.71 12.95
CA LEU B 137 28.89 10.22 11.85
C LEU B 137 28.03 10.38 10.61
N ILE B 138 28.04 11.58 10.03
CA ILE B 138 27.41 11.77 8.71
C ILE B 138 28.51 11.61 7.66
N LEU B 139 28.27 10.83 6.61
CA LEU B 139 29.23 10.67 5.51
C LEU B 139 28.61 11.10 4.20
N GLN B 140 29.37 11.90 3.43
CA GLN B 140 28.91 12.37 2.11
C GLN B 140 29.65 11.68 0.97
N LYS B 141 28.89 11.14 0.02
CA LYS B 141 29.49 10.31 -1.04
C LYS B 141 30.19 11.11 -2.11
N GLY B 142 31.35 10.62 -2.52
CA GLY B 142 32.09 11.24 -3.62
C GLY B 142 31.81 10.58 -4.96
N VAL B 143 32.74 10.78 -5.91
CA VAL B 143 32.57 10.25 -7.26
C VAL B 143 33.32 8.92 -7.37
N VAL B 144 32.78 8.03 -8.19
CA VAL B 144 33.38 6.73 -8.48
C VAL B 144 33.99 6.72 -9.88
N ILE C 5 10.40 1.67 -32.49
CA ILE C 5 10.80 1.94 -31.06
C ILE C 5 12.12 1.24 -30.73
N PRO C 6 13.14 2.02 -30.32
CA PRO C 6 14.42 1.45 -29.97
C PRO C 6 14.28 0.36 -28.90
N LYS C 7 15.02 -0.73 -29.09
CA LYS C 7 14.92 -1.91 -28.22
C LYS C 7 15.36 -1.64 -26.80
N ILE C 8 16.27 -0.70 -26.61
CA ILE C 8 16.80 -0.49 -25.26
C ILE C 8 15.79 0.13 -24.28
N ILE C 9 14.70 0.70 -24.79
CA ILE C 9 13.69 1.40 -23.96
C ILE C 9 12.76 0.38 -23.30
N PRO C 10 12.80 0.27 -21.94
CA PRO C 10 11.91 -0.71 -21.30
C PRO C 10 10.46 -0.23 -21.33
N PRO C 11 9.50 -1.16 -21.12
CA PRO C 11 8.08 -0.79 -21.22
C PRO C 11 7.69 0.40 -20.34
N GLU C 12 8.21 0.45 -19.11
CA GLU C 12 7.93 1.57 -18.23
C GLU C 12 8.39 2.93 -18.78
N LEU C 13 9.53 2.95 -19.45
CA LEU C 13 10.02 4.20 -19.99
C LEU C 13 9.21 4.59 -21.22
N LEU C 14 8.81 3.62 -22.02
CA LEU C 14 7.90 3.92 -23.14
C LEU C 14 6.63 4.59 -22.61
N LYS C 15 6.08 4.05 -21.52
CA LYS C 15 4.88 4.64 -20.92
C LYS C 15 5.15 6.10 -20.49
N VAL C 16 6.26 6.31 -19.80
CA VAL C 16 6.67 7.66 -19.35
C VAL C 16 6.76 8.63 -20.52
N LEU C 17 7.43 8.21 -21.58
CA LEU C 17 7.68 9.10 -22.72
C LEU C 17 6.37 9.48 -23.38
N CYS C 18 5.43 8.55 -23.42
CA CYS C 18 4.11 8.82 -23.97
CA CYS C 18 4.11 8.82 -23.97
C CYS C 18 3.24 9.70 -23.07
N GLU C 19 3.38 9.55 -21.75
CA GLU C 19 2.61 10.30 -20.74
C GLU C 19 3.06 11.74 -20.60
N GLY C 21 4.02 15.50 -21.49
CA GLY C 21 3.46 16.48 -22.40
C GLY C 21 4.34 17.71 -22.52
N HIS C 22 3.79 18.75 -23.12
CA HIS C 22 4.55 19.94 -23.45
C HIS C 22 5.10 20.62 -22.21
N GLY C 23 6.43 20.69 -22.13
CA GLY C 23 7.06 21.33 -20.97
C GLY C 23 7.60 20.39 -19.93
N ASP C 24 7.19 19.12 -19.99
CA ASP C 24 7.70 18.13 -19.05
C ASP C 24 9.17 17.89 -19.30
N GLN C 25 9.92 17.61 -18.23
CA GLN C 25 11.35 17.34 -18.36
C GLN C 25 11.75 15.94 -17.92
N LEU C 26 12.77 15.40 -18.58
CA LEU C 26 13.40 14.20 -18.07
C LEU C 26 14.87 14.42 -17.94
N VAL C 27 15.49 13.65 -17.06
CA VAL C 27 16.94 13.73 -16.84
C VAL C 27 17.64 12.46 -17.30
N ILE C 28 18.63 12.61 -18.15
CA ILE C 28 19.54 11.49 -18.41
C ILE C 28 20.71 11.72 -17.43
N ALA C 29 20.77 10.90 -16.39
CA ALA C 29 21.75 11.04 -15.30
C ALA C 29 22.93 10.14 -15.59
N ASP C 30 24.15 10.66 -15.40
CA ASP C 30 25.33 9.83 -15.51
C ASP C 30 25.53 8.90 -14.30
N GLY C 31 26.59 8.09 -14.37
CA GLY C 31 26.86 7.03 -13.41
C GLY C 31 27.05 7.54 -11.99
N ASN C 32 27.59 8.75 -11.87
CA ASN C 32 27.84 9.35 -10.56
C ASN C 32 26.68 10.14 -9.97
N PHE C 33 25.63 10.39 -10.77
CA PHE C 33 24.55 11.25 -10.37
C PHE C 33 23.72 10.61 -9.26
N PRO C 34 23.27 11.41 -8.29
CA PRO C 34 22.39 10.86 -7.25
C PRO C 34 20.94 10.71 -7.76
N ALA C 35 20.72 9.70 -8.59
CA ALA C 35 19.46 9.60 -9.35
C ALA C 35 18.28 9.30 -8.46
N GLU C 36 18.46 8.39 -7.49
CA GLU C 36 17.35 7.98 -6.64
C GLU C 36 16.94 9.09 -5.70
N SER C 37 17.90 9.80 -5.13
CA SER C 37 17.56 10.88 -4.18
C SER C 37 16.93 12.10 -4.87
N ILE C 38 17.57 12.55 -5.95
CA ILE C 38 17.06 13.64 -6.79
C ILE C 38 15.66 13.30 -7.34
N GLY C 39 15.49 12.06 -7.79
CA GLY C 39 14.20 11.63 -8.34
C GLY C 39 13.25 11.03 -7.34
N LYS C 40 13.39 11.36 -6.06
CA LYS C 40 12.55 10.75 -5.02
C LYS C 40 11.08 11.01 -5.26
N ASN C 41 10.76 12.15 -5.88
CA ASN C 41 9.37 12.51 -6.22
C ASN C 41 9.04 12.33 -7.69
N ALA C 42 9.89 11.60 -8.38
CA ALA C 42 9.74 11.36 -9.81
C ALA C 42 9.73 9.87 -10.08
N ILE C 43 9.69 9.52 -11.36
CA ILE C 43 9.84 8.14 -11.76
C ILE C 43 11.30 7.92 -12.13
N VAL C 44 11.96 7.01 -11.43
CA VAL C 44 13.38 6.70 -11.72
C VAL C 44 13.45 5.38 -12.45
N VAL C 45 13.97 5.43 -13.69
CA VAL C 45 14.18 4.24 -14.52
C VAL C 45 15.67 3.87 -14.57
N ARG C 46 15.99 2.64 -14.19
CA ARG C 46 17.39 2.19 -14.17
C ARG C 46 17.84 1.79 -15.58
N ASP C 48 21.46 1.19 -16.01
CA ASP C 48 22.84 1.14 -15.52
C ASP C 48 23.86 0.63 -16.55
N GLY C 49 23.42 -0.19 -17.48
CA GLY C 49 24.39 -0.75 -18.45
C GLY C 49 24.55 0.05 -19.72
N HIS C 50 24.01 1.28 -19.73
CA HIS C 50 23.89 2.08 -20.95
C HIS C 50 24.54 3.45 -20.84
N GLY C 51 25.06 3.93 -21.96
CA GLY C 51 25.70 5.24 -22.02
C GLY C 51 24.71 6.35 -22.34
N GLY C 52 25.16 7.60 -22.15
CA GLY C 52 24.33 8.77 -22.33
C GLY C 52 23.95 8.94 -23.80
N GLY C 53 24.91 8.72 -24.68
CA GLY C 53 24.68 8.82 -26.13
C GLY C 53 23.61 7.88 -26.62
N GLU C 54 23.75 6.60 -26.27
CA GLU C 54 22.79 5.59 -26.77
C GLU C 54 21.39 5.85 -26.21
N ILE C 55 21.31 6.35 -24.98
CA ILE C 55 20.03 6.65 -24.40
C ILE C 55 19.38 7.86 -25.08
N LEU C 56 20.15 8.94 -25.24
CA LEU C 56 19.64 10.12 -25.92
C LEU C 56 19.17 9.77 -27.34
N LYS C 57 20.00 9.03 -28.07
CA LYS C 57 19.65 8.61 -29.43
C LYS C 57 18.28 7.93 -29.47
N ALA C 58 18.05 6.99 -28.55
CA ALA C 58 16.79 6.28 -28.48
C ALA C 58 15.64 7.20 -28.12
N ILE C 59 15.83 8.06 -27.12
CA ILE C 59 14.75 8.95 -26.68
C ILE C 59 14.30 9.88 -27.81
N LEU C 60 15.25 10.39 -28.58
CA LEU C 60 14.94 11.40 -29.58
C LEU C 60 14.15 10.82 -30.76
N THR C 61 14.13 9.50 -30.88
CA THR C 61 13.32 8.88 -31.94
C THR C 61 11.84 9.05 -31.63
N VAL C 62 11.50 9.28 -30.36
CA VAL C 62 10.10 9.39 -29.94
C VAL C 62 9.76 10.67 -29.17
N PHE C 63 10.76 11.51 -28.88
CA PHE C 63 10.58 12.63 -27.97
C PHE C 63 10.97 13.91 -28.70
N PRO C 64 9.97 14.76 -29.05
CA PRO C 64 10.34 16.03 -29.70
C PRO C 64 10.91 17.04 -28.69
N LEU C 65 11.96 17.76 -29.07
CA LEU C 65 12.48 18.79 -28.17
C LEU C 65 11.67 20.07 -28.27
N ASP C 66 11.43 20.72 -27.13
CA ASP C 66 10.58 21.91 -27.06
C ASP C 66 11.11 23.05 -27.93
N THR C 67 10.26 23.60 -28.78
CA THR C 67 10.62 24.79 -29.58
C THR C 67 10.13 26.09 -28.94
N TYR C 68 9.38 25.97 -27.83
CA TYR C 68 8.89 27.13 -27.09
C TYR C 68 9.94 27.69 -26.15
N VAL C 69 11.07 27.01 -26.06
CA VAL C 69 12.23 27.57 -25.38
C VAL C 69 13.39 27.48 -26.37
N ASP C 70 14.37 28.37 -26.20
CA ASP C 70 15.54 28.35 -27.08
C ASP C 70 16.45 27.14 -26.84
N LYS C 71 16.55 26.72 -25.58
CA LYS C 71 17.48 25.67 -25.22
C LYS C 71 16.80 24.56 -24.40
N PRO C 72 16.11 23.65 -25.10
CA PRO C 72 15.36 22.58 -24.44
C PRO C 72 16.23 21.47 -23.85
N ALA C 73 17.53 21.43 -24.17
CA ALA C 73 18.47 20.50 -23.57
C ALA C 73 19.38 21.28 -22.63
N THR C 74 19.63 20.73 -21.44
CA THR C 74 20.45 21.42 -20.45
C THR C 74 21.59 20.53 -19.93
N LEU C 75 22.83 21.04 -20.02
CA LEU C 75 24.00 20.38 -19.43
C LEU C 75 24.34 20.98 -18.07
N GLU C 77 27.16 22.75 -15.86
CA GLU C 77 28.43 23.47 -16.00
C GLU C 77 29.58 22.81 -15.26
N LYS C 78 30.75 22.91 -15.85
CA LYS C 78 31.97 22.33 -15.29
C LYS C 78 32.34 23.00 -13.97
N VAL C 79 32.96 22.27 -13.06
CA VAL C 79 33.50 22.90 -11.85
C VAL C 79 34.48 24.01 -12.27
N PRO C 80 34.43 25.17 -11.59
CA PRO C 80 35.22 26.34 -12.03
C PRO C 80 36.70 26.12 -12.45
N GLY C 81 37.42 25.21 -11.82
CA GLY C 81 38.82 25.00 -12.27
C GLY C 81 39.01 24.17 -13.55
N ASP C 82 37.97 23.46 -13.95
CA ASP C 82 38.12 22.27 -14.79
C ASP C 82 38.21 22.54 -16.29
N THR C 83 39.34 22.15 -16.86
CA THR C 83 39.53 22.34 -18.31
C THR C 83 39.42 21.03 -19.12
N VAL C 84 38.98 19.94 -18.48
CA VAL C 84 38.85 18.63 -19.13
C VAL C 84 38.05 18.67 -20.45
N ALA C 85 38.41 17.80 -21.39
CA ALA C 85 37.66 17.66 -22.63
C ALA C 85 36.28 17.08 -22.32
N THR C 86 35.29 17.55 -23.07
CA THR C 86 33.91 17.10 -22.88
C THR C 86 33.42 16.53 -24.19
N PRO C 87 34.09 15.47 -24.68
CA PRO C 87 33.67 14.94 -25.97
C PRO C 87 32.19 14.57 -26.01
N ILE C 88 31.58 14.17 -24.89
CA ILE C 88 30.16 13.75 -24.96
C ILE C 88 29.22 14.91 -25.33
N TRP C 89 29.64 16.14 -25.08
CA TRP C 89 28.82 17.31 -25.46
C TRP C 89 28.66 17.38 -26.98
N ASP C 90 29.71 17.03 -27.71
CA ASP C 90 29.63 17.03 -29.16
C ASP C 90 28.82 15.86 -29.68
N VAL C 91 28.91 14.73 -28.98
CA VAL C 91 28.06 13.59 -29.27
C VAL C 91 26.59 13.99 -29.12
N TYR C 92 26.25 14.58 -27.97
CA TYR C 92 24.88 15.04 -27.73
C TYR C 92 24.41 16.03 -28.80
N ALA C 93 25.24 17.04 -29.10
CA ALA C 93 24.88 18.04 -30.10
C ALA C 93 24.56 17.38 -31.45
N GLY C 94 25.41 16.42 -31.84
CA GLY C 94 25.24 15.65 -33.06
C GLY C 94 23.94 14.89 -33.10
N LEU C 95 23.58 14.25 -31.99
CA LEU C 95 22.35 13.47 -31.93
C LEU C 95 21.11 14.36 -31.99
N ILE C 96 21.21 15.53 -31.36
CA ILE C 96 20.12 16.50 -31.38
C ILE C 96 19.95 17.06 -32.80
N LYS C 97 21.06 17.34 -33.47
CA LYS C 97 21.06 17.86 -34.85
C LYS C 97 20.30 16.97 -35.84
N GLU C 98 20.33 15.65 -35.63
CA GLU C 98 19.56 14.71 -36.47
C GLU C 98 18.07 14.98 -36.46
N HIS C 99 17.56 15.56 -35.36
CA HIS C 99 16.13 15.81 -35.21
C HIS C 99 15.77 17.28 -35.17
N ASP C 100 16.75 18.12 -34.85
CA ASP C 100 16.47 19.52 -34.60
C ASP C 100 17.56 20.39 -35.17
N GLU C 101 17.20 21.21 -36.16
CA GLU C 101 18.15 22.05 -36.89
C GLU C 101 18.97 22.98 -35.96
N ARG C 102 18.48 23.21 -34.74
CA ARG C 102 19.21 24.03 -33.77
C ARG C 102 20.52 23.35 -33.32
N GLY C 103 20.55 22.02 -33.35
CA GLY C 103 21.71 21.24 -32.92
C GLY C 103 22.28 21.77 -31.62
N ALA C 104 23.59 22.04 -31.61
CA ALA C 104 24.31 22.55 -30.43
C ALA C 104 23.71 23.79 -29.80
N ASP C 105 23.03 24.62 -30.60
CA ASP C 105 22.41 25.86 -30.10
C ASP C 105 21.20 25.58 -29.20
N ALA C 106 20.66 24.37 -29.29
CA ALA C 106 19.56 23.94 -28.43
C ALA C 106 20.01 23.49 -27.03
N ILE C 107 21.32 23.48 -26.78
CA ILE C 107 21.86 23.04 -25.47
C ILE C 107 22.30 24.24 -24.61
N GLY C 108 21.68 24.36 -23.44
CA GLY C 108 22.05 25.36 -22.43
C GLY C 108 22.78 24.65 -21.30
N SER C 109 23.00 25.38 -20.21
CA SER C 109 23.69 24.83 -19.06
C SER C 109 23.24 25.47 -17.75
N LEU C 110 23.50 24.77 -16.65
CA LEU C 110 23.19 25.28 -15.32
C LEU C 110 24.34 24.92 -14.41
N GLU C 111 24.65 25.83 -13.49
CA GLU C 111 25.60 25.55 -12.42
C GLU C 111 25.18 24.30 -11.66
N ARG C 112 26.16 23.54 -11.17
CA ARG C 112 25.93 22.25 -10.49
C ARG C 112 24.70 22.21 -9.56
N PHE C 113 24.65 23.09 -8.57
CA PHE C 113 23.56 23.06 -7.61
C PHE C 113 22.21 23.51 -8.13
N ALA C 114 22.21 24.48 -9.04
CA ALA C 114 21.00 24.85 -9.79
C ALA C 114 20.51 23.70 -10.69
N PHE C 115 21.44 22.93 -11.24
CA PHE C 115 21.10 21.78 -12.07
C PHE C 115 20.38 20.74 -11.22
N TYR C 116 20.92 20.48 -10.03
CA TYR C 116 20.23 19.58 -9.11
C TYR C 116 18.84 20.06 -8.79
N GLU C 117 18.66 21.35 -8.55
CA GLU C 117 17.33 21.87 -8.20
C GLU C 117 16.33 21.70 -9.34
N GLN C 118 16.78 21.95 -10.57
CA GLN C 118 15.94 21.72 -11.75
C GLN C 118 15.60 20.24 -11.92
N ALA C 119 16.60 19.38 -11.78
CA ALA C 119 16.41 17.94 -11.88
C ALA C 119 15.36 17.42 -10.90
N LYS C 120 15.26 18.01 -9.71
CA LYS C 120 14.24 17.60 -8.73
C LYS C 120 12.82 17.81 -9.23
N ASN C 121 12.66 18.62 -10.27
CA ASN C 121 11.34 18.93 -10.82
C ASN C 121 11.01 18.05 -12.01
N ALA C 122 11.95 17.21 -12.43
CA ALA C 122 11.75 16.35 -13.64
C ALA C 122 10.69 15.29 -13.40
N TYR C 123 9.96 14.93 -14.47
CA TYR C 123 8.95 13.88 -14.40
C TYR C 123 9.61 12.52 -14.22
N CYS C 124 10.79 12.37 -14.81
CA CYS C 124 11.48 11.10 -14.87
C CYS C 124 12.99 11.33 -14.86
N VAL C 125 13.70 10.50 -14.09
CA VAL C 125 15.18 10.46 -14.08
C VAL C 125 15.61 9.08 -14.59
N ILE C 126 16.44 9.06 -15.63
CA ILE C 126 16.97 7.82 -16.18
C ILE C 126 18.37 7.66 -15.63
N ALA C 127 18.57 6.64 -14.82
CA ALA C 127 19.86 6.38 -14.20
C ALA C 127 20.77 5.56 -15.13
N SER C 128 21.61 6.25 -15.89
CA SER C 128 22.51 5.57 -16.85
C SER C 128 23.77 5.09 -16.13
N GLY C 129 24.61 4.38 -16.88
CA GLY C 129 25.95 4.08 -16.38
C GLY C 129 27.04 4.93 -17.01
N GLU C 130 26.67 6.07 -17.58
CA GLU C 130 27.63 6.91 -18.32
C GLU C 130 28.82 7.36 -17.44
N SER C 131 30.05 7.12 -17.91
CA SER C 131 31.24 7.60 -17.20
C SER C 131 31.89 8.86 -17.83
N ALA C 132 31.46 9.26 -19.03
CA ALA C 132 32.02 10.46 -19.71
C ALA C 132 31.92 11.72 -18.87
N GLN C 133 32.85 12.65 -19.09
CA GLN C 133 32.85 13.92 -18.36
C GLN C 133 31.62 14.78 -18.64
N TYR C 134 30.98 15.20 -17.55
CA TYR C 134 29.85 16.15 -17.57
C TYR C 134 28.72 15.70 -18.47
N ALA C 135 28.21 14.51 -18.18
CA ALA C 135 27.29 13.84 -19.08
C ALA C 135 25.80 13.97 -18.71
N ASN C 136 25.49 14.57 -17.58
CA ASN C 136 24.10 14.75 -17.20
C ASN C 136 23.39 15.65 -18.18
N LEU C 137 22.15 15.29 -18.54
CA LEU C 137 21.43 16.07 -19.53
C LEU C 137 19.95 16.14 -19.19
N ILE C 138 19.41 17.35 -19.11
CA ILE C 138 17.96 17.51 -18.96
C ILE C 138 17.32 17.79 -20.32
N LEU C 139 16.21 17.11 -20.62
CA LEU C 139 15.47 17.35 -21.87
C LEU C 139 14.06 17.79 -21.59
N GLN C 140 13.59 18.80 -22.33
CA GLN C 140 12.22 19.32 -22.16
C GLN C 140 11.39 18.99 -23.40
N LYS C 141 10.22 18.42 -23.19
CA LYS C 141 9.41 17.90 -24.31
C LYS C 141 8.65 19.02 -25.02
N GLY C 142 8.59 18.91 -26.35
CA GLY C 142 7.82 19.87 -27.14
C GLY C 142 6.44 19.36 -27.52
N VAL C 143 5.88 20.02 -28.52
CA VAL C 143 4.54 19.76 -29.02
C VAL C 143 4.60 18.73 -30.15
N VAL C 144 3.56 17.90 -30.22
CA VAL C 144 3.26 17.17 -31.43
C VAL C 144 2.15 17.93 -32.15
N PHE C 145 2.45 18.37 -33.38
CA PHE C 145 1.57 19.30 -34.13
C PHE C 145 0.47 18.60 -34.92
N ILE D 5 -27.05 2.82 20.28
CA ILE D 5 -26.31 3.35 19.08
C ILE D 5 -27.30 3.58 17.95
N PRO D 6 -27.37 4.83 17.44
CA PRO D 6 -28.25 5.09 16.31
C PRO D 6 -27.96 4.16 15.13
N LYS D 7 -29.02 3.56 14.62
CA LYS D 7 -28.96 2.58 13.54
C LYS D 7 -28.31 3.10 12.24
N ILE D 8 -28.45 4.40 11.97
CA ILE D 8 -27.90 4.90 10.72
C ILE D 8 -26.38 5.04 10.68
N ILE D 9 -25.73 5.02 11.84
CA ILE D 9 -24.27 5.19 11.90
C ILE D 9 -23.54 3.89 11.52
N PRO D 10 -22.74 3.91 10.45
CA PRO D 10 -22.01 2.71 10.02
C PRO D 10 -20.83 2.48 10.97
N PRO D 11 -20.31 1.24 11.02
CA PRO D 11 -19.25 0.95 11.98
C PRO D 11 -18.03 1.89 11.88
N GLU D 12 -17.62 2.24 10.67
CA GLU D 12 -16.51 3.17 10.53
C GLU D 12 -16.77 4.53 11.20
N LEU D 13 -17.99 5.04 11.09
CA LEU D 13 -18.30 6.34 11.71
C LEU D 13 -18.38 6.24 13.22
N LEU D 14 -18.86 5.12 13.74
CA LEU D 14 -18.85 4.89 15.19
C LEU D 14 -17.41 4.94 15.71
N LYS D 15 -16.49 4.28 14.98
CA LYS D 15 -15.08 4.33 15.32
C LYS D 15 -14.55 5.77 15.33
N VAL D 16 -14.92 6.53 14.30
CA VAL D 16 -14.45 7.90 14.17
C VAL D 16 -14.92 8.75 15.34
N LEU D 17 -16.19 8.62 15.67
CA LEU D 17 -16.78 9.43 16.72
C LEU D 17 -16.12 9.13 18.06
N CYS D 18 -15.78 7.86 18.30
CA CYS D 18 -15.14 7.43 19.54
CA CYS D 18 -15.14 7.41 19.54
C CYS D 18 -13.69 7.88 19.64
N GLU D 19 -12.97 7.85 18.53
CA GLU D 19 -11.56 8.25 18.56
C GLU D 19 -11.30 9.77 18.50
N GLY D 21 -11.39 13.45 19.98
CA GLY D 21 -11.19 13.93 21.34
C GLY D 21 -11.55 15.41 21.41
N HIS D 22 -11.24 16.01 22.55
CA HIS D 22 -11.67 17.38 22.87
C HIS D 22 -11.08 18.36 21.89
N GLY D 23 -11.95 19.07 21.17
CA GLY D 23 -11.52 20.03 20.16
C GLY D 23 -11.52 19.55 18.71
N ASP D 24 -11.58 18.25 18.51
CA ASP D 24 -11.67 17.71 17.15
C ASP D 24 -12.98 18.14 16.51
N GLN D 25 -12.93 18.32 15.20
CA GLN D 25 -14.11 18.76 14.49
C GLN D 25 -14.56 17.75 13.43
N LEU D 26 -15.86 17.68 13.21
CA LEU D 26 -16.35 16.96 12.04
C LEU D 26 -17.26 17.87 11.25
N VAL D 27 -17.43 17.55 9.97
CA VAL D 27 -18.28 18.34 9.10
C VAL D 27 -19.41 17.46 8.64
N ILE D 28 -20.66 17.92 8.81
CA ILE D 28 -21.81 17.33 8.12
C ILE D 28 -21.97 18.13 6.85
N ALA D 29 -21.61 17.52 5.72
CA ALA D 29 -21.59 18.18 4.42
C ALA D 29 -22.93 17.95 3.72
N ASP D 30 -23.52 19.03 3.20
CA ASP D 30 -24.74 18.89 2.43
C ASP D 30 -24.45 18.32 1.02
N GLY D 31 -25.49 18.06 0.24
CA GLY D 31 -25.32 17.31 -1.02
C GLY D 31 -24.50 18.06 -2.07
N ASN D 32 -24.48 19.38 -1.94
CA ASN D 32 -23.75 20.27 -2.86
C ASN D 32 -22.28 20.45 -2.49
N PHE D 33 -21.91 20.03 -1.29
CA PHE D 33 -20.61 20.36 -0.72
C PHE D 33 -19.53 19.51 -1.38
N PRO D 34 -18.36 20.11 -1.65
CA PRO D 34 -17.26 19.31 -2.21
C PRO D 34 -16.57 18.46 -1.11
N ALA D 35 -17.27 17.40 -0.67
CA ALA D 35 -16.84 16.65 0.52
C ALA D 35 -15.53 15.91 0.29
N GLU D 36 -15.36 15.32 -0.91
CA GLU D 36 -14.14 14.52 -1.16
C GLU D 36 -12.90 15.39 -1.26
N SER D 37 -13.01 16.54 -1.92
CA SER D 37 -11.82 17.38 -2.03
C SER D 37 -11.45 18.11 -0.74
N ILE D 38 -12.45 18.67 -0.06
CA ILE D 38 -12.22 19.32 1.21
C ILE D 38 -11.69 18.29 2.21
N GLY D 39 -12.24 17.08 2.17
CA GLY D 39 -11.83 16.05 3.10
C GLY D 39 -10.69 15.18 2.60
N LYS D 40 -9.89 15.69 1.66
CA LYS D 40 -8.81 14.86 1.10
C LYS D 40 -7.78 14.38 2.12
N ASN D 41 -7.54 15.20 3.15
CA ASN D 41 -6.69 14.80 4.27
C ASN D 41 -7.43 14.28 5.50
N ALA D 42 -8.73 14.06 5.35
CA ALA D 42 -9.59 13.62 6.45
C ALA D 42 -10.17 12.25 6.15
N ILE D 43 -10.95 11.74 7.08
CA ILE D 43 -11.75 10.58 6.81
C ILE D 43 -13.10 11.00 6.26
N VAL D 44 -13.43 10.55 5.06
CA VAL D 44 -14.73 10.90 4.46
C VAL D 44 -15.65 9.69 4.52
N VAL D 45 -16.79 9.88 5.17
CA VAL D 45 -17.78 8.79 5.33
C VAL D 45 -18.98 9.17 4.46
N ARG D 46 -19.38 8.29 3.57
CA ARG D 46 -20.51 8.55 2.69
C ARG D 46 -21.83 8.29 3.43
N ASP D 48 -24.93 9.29 1.63
CA ASP D 48 -25.61 9.92 0.51
C ASP D 48 -27.11 9.84 0.59
N GLY D 49 -27.60 8.78 1.22
CA GLY D 49 -29.04 8.61 1.33
C GLY D 49 -29.69 9.32 2.51
N HIS D 50 -28.91 10.14 3.24
CA HIS D 50 -29.45 10.75 4.48
C HIS D 50 -29.38 12.27 4.48
N GLY D 51 -30.33 12.89 5.20
CA GLY D 51 -30.31 14.36 5.32
C GLY D 51 -29.50 14.85 6.51
N GLY D 52 -29.28 16.15 6.58
CA GLY D 52 -28.52 16.76 7.68
C GLY D 52 -29.14 16.56 9.05
N GLY D 53 -30.46 16.72 9.15
CA GLY D 53 -31.14 16.59 10.45
C GLY D 53 -30.97 15.22 11.09
N GLU D 54 -31.26 14.16 10.35
CA GLU D 54 -31.15 12.82 10.92
C GLU D 54 -29.71 12.50 11.28
N ILE D 55 -28.76 12.93 10.45
CA ILE D 55 -27.35 12.75 10.80
C ILE D 55 -26.97 13.46 12.09
N LEU D 56 -27.33 14.75 12.19
CA LEU D 56 -27.04 15.50 13.43
C LEU D 56 -27.67 14.84 14.68
N LYS D 57 -28.93 14.47 14.59
CA LYS D 57 -29.59 13.78 15.72
C LYS D 57 -28.80 12.54 16.16
N ALA D 58 -28.41 11.73 15.18
CA ALA D 58 -27.67 10.50 15.46
C ALA D 58 -26.33 10.80 16.14
N ILE D 59 -25.61 11.80 15.65
CA ILE D 59 -24.30 12.15 16.17
C ILE D 59 -24.45 12.70 17.59
N LEU D 60 -25.42 13.57 17.79
CA LEU D 60 -25.61 14.16 19.11
C LEU D 60 -25.95 13.15 20.21
N THR D 61 -26.51 12.01 19.85
CA THR D 61 -26.74 10.96 20.86
C THR D 61 -25.43 10.43 21.48
N VAL D 62 -24.32 10.56 20.75
CA VAL D 62 -23.05 10.02 21.21
C VAL D 62 -21.88 11.03 21.29
N PHE D 63 -22.13 12.28 20.89
CA PHE D 63 -21.09 13.27 20.69
C PHE D 63 -21.41 14.54 21.47
N PRO D 64 -20.65 14.84 22.52
CA PRO D 64 -20.89 16.08 23.27
C PRO D 64 -20.34 17.31 22.54
N LEU D 65 -21.09 18.41 22.51
CA LEU D 65 -20.58 19.62 21.88
C LEU D 65 -19.73 20.41 22.86
N ASP D 66 -18.59 20.91 22.37
CA ASP D 66 -17.61 21.58 23.23
C ASP D 66 -18.21 22.73 24.06
N THR D 67 -17.96 22.71 25.37
CA THR D 67 -18.37 23.84 26.23
C THR D 67 -17.23 24.83 26.42
N TYR D 68 -16.06 24.54 25.85
CA TYR D 68 -14.88 25.41 26.02
C TYR D 68 -14.82 26.49 24.97
N VAL D 69 -15.78 26.47 24.05
CA VAL D 69 -16.01 27.56 23.12
C VAL D 69 -17.50 27.91 23.23
N ASP D 70 -17.87 29.14 22.88
CA ASP D 70 -19.26 29.52 23.00
C ASP D 70 -20.08 28.91 21.89
N LYS D 71 -19.47 28.74 20.71
CA LYS D 71 -20.24 28.29 19.56
C LYS D 71 -19.60 27.07 18.89
N PRO D 72 -19.82 25.88 19.48
CA PRO D 72 -19.21 24.64 18.97
C PRO D 72 -19.81 24.12 17.66
N ALA D 73 -20.94 24.69 17.22
CA ALA D 73 -21.52 24.33 15.92
C ALA D 73 -21.39 25.52 14.98
N THR D 74 -21.01 25.26 13.72
CA THR D 74 -20.77 26.36 12.79
C THR D 74 -21.51 26.14 11.47
N LEU D 75 -22.32 27.12 11.07
CA LEU D 75 -22.98 27.14 9.77
C LEU D 75 -22.19 27.96 8.73
N GLU D 77 -22.40 30.94 6.21
CA GLU D 77 -23.15 32.13 5.82
C GLU D 77 -23.49 32.14 4.34
N LYS D 78 -24.68 32.63 4.02
CA LYS D 78 -25.10 32.77 2.63
C LYS D 78 -24.16 33.75 1.93
N VAL D 79 -23.79 33.44 0.69
CA VAL D 79 -23.01 34.36 -0.14
C VAL D 79 -23.84 35.66 -0.30
N PRO D 80 -23.21 36.84 -0.17
CA PRO D 80 -23.95 38.09 -0.39
C PRO D 80 -24.69 38.08 -1.71
N GLY D 81 -25.98 38.40 -1.67
CA GLY D 81 -26.86 38.33 -2.84
C GLY D 81 -27.75 37.11 -2.85
N ASP D 82 -27.24 36.00 -2.30
CA ASP D 82 -27.96 34.75 -2.21
C ASP D 82 -28.82 34.72 -0.94
N VAL D 84 -32.15 32.33 -0.60
CA VAL D 84 -32.99 31.16 -0.33
C VAL D 84 -33.26 31.01 1.16
N ALA D 85 -34.43 30.46 1.49
CA ALA D 85 -34.79 30.25 2.90
C ALA D 85 -34.02 29.07 3.52
N THR D 86 -33.78 29.14 4.83
CA THR D 86 -32.94 28.14 5.51
C THR D 86 -33.60 27.53 6.75
N PRO D 87 -34.77 26.89 6.58
CA PRO D 87 -35.43 26.26 7.75
C PRO D 87 -34.63 25.16 8.40
N ILE D 88 -33.70 24.54 7.68
CA ILE D 88 -32.90 23.51 8.30
C ILE D 88 -32.04 24.07 9.44
N TRP D 89 -31.74 25.36 9.41
CA TRP D 89 -30.98 25.96 10.51
C TRP D 89 -31.78 25.85 11.82
N ASP D 90 -33.11 26.01 11.74
CA ASP D 90 -33.96 25.84 12.93
C ASP D 90 -34.06 24.39 13.36
N VAL D 91 -34.01 23.47 12.39
CA VAL D 91 -33.99 22.06 12.70
C VAL D 91 -32.73 21.78 13.50
N TYR D 92 -31.59 22.22 12.97
CA TYR D 92 -30.32 22.07 13.67
C TYR D 92 -30.37 22.63 15.10
N ALA D 93 -30.91 23.85 15.24
CA ALA D 93 -31.03 24.47 16.57
C ALA D 93 -31.89 23.63 17.51
N GLY D 94 -33.03 23.17 17.01
CA GLY D 94 -33.95 22.30 17.75
C GLY D 94 -33.34 20.98 18.21
N LEU D 95 -32.50 20.39 17.36
CA LEU D 95 -31.82 19.15 17.71
C LEU D 95 -30.74 19.36 18.76
N ILE D 96 -30.01 20.46 18.63
CA ILE D 96 -28.97 20.79 19.60
C ILE D 96 -29.61 21.05 20.97
N LYS D 97 -30.75 21.75 20.97
CA LYS D 97 -31.50 22.05 22.19
C LYS D 97 -31.90 20.79 22.96
N GLU D 98 -32.12 19.68 22.25
CA GLU D 98 -32.37 18.38 22.90
C GLU D 98 -31.26 17.99 23.88
N HIS D 99 -30.01 18.27 23.52
CA HIS D 99 -28.83 17.85 24.31
C HIS D 99 -28.11 18.96 25.04
N ASP D 100 -28.20 20.17 24.53
CA ASP D 100 -27.39 21.26 25.03
C ASP D 100 -28.29 22.48 25.24
N GLU D 101 -28.34 22.97 26.48
CA GLU D 101 -29.20 24.09 26.85
C GLU D 101 -28.98 25.34 25.97
N ARG D 102 -27.78 25.48 25.40
CA ARG D 102 -27.47 26.65 24.57
C ARG D 102 -28.35 26.73 23.31
N GLY D 103 -28.77 25.58 22.80
CA GLY D 103 -29.59 25.50 21.58
C GLY D 103 -29.00 26.34 20.46
N ALA D 104 -29.82 27.21 19.87
CA ALA D 104 -29.37 28.09 18.78
C ALA D 104 -28.17 28.98 19.10
N ASP D 105 -27.97 29.32 20.38
CA ASP D 105 -26.81 30.15 20.78
C ASP D 105 -25.48 29.39 20.69
N ALA D 106 -25.57 28.07 20.50
CA ALA D 106 -24.37 27.26 20.32
C ALA D 106 -23.92 27.27 18.84
N ILE D 107 -24.70 27.91 17.98
CA ILE D 107 -24.40 27.89 16.55
C ILE D 107 -23.85 29.22 16.08
N GLY D 108 -22.64 29.17 15.54
CA GLY D 108 -22.04 30.34 14.94
C GLY D 108 -22.01 30.18 13.43
N SER D 109 -21.22 31.02 12.78
CA SER D 109 -21.19 30.99 11.33
C SER D 109 -19.86 31.47 10.79
N LEU D 110 -19.59 31.07 9.56
CA LEU D 110 -18.41 31.50 8.83
C LEU D 110 -18.77 31.80 7.38
N GLU D 111 -18.13 32.84 6.84
CA GLU D 111 -18.31 33.18 5.43
C GLU D 111 -17.84 31.98 4.60
N ARG D 112 -18.45 31.80 3.43
CA ARG D 112 -18.23 30.62 2.60
C ARG D 112 -16.75 30.14 2.51
N PHE D 113 -15.83 31.00 2.06
CA PHE D 113 -14.45 30.55 1.91
C PHE D 113 -13.71 30.29 3.21
N ALA D 114 -14.06 31.05 4.24
CA ALA D 114 -13.55 30.78 5.60
C ALA D 114 -14.09 29.44 6.10
N PHE D 115 -15.33 29.12 5.73
CA PHE D 115 -15.95 27.83 6.09
C PHE D 115 -15.15 26.69 5.46
N TYR D 116 -14.86 26.81 4.15
CA TYR D 116 -14.05 25.78 3.47
C TYR D 116 -12.71 25.58 4.16
N GLU D 117 -12.04 26.68 4.49
CA GLU D 117 -10.73 26.61 5.16
C GLU D 117 -10.80 25.89 6.49
N GLN D 118 -11.83 26.20 7.25
CA GLN D 118 -12.03 25.50 8.51
C GLN D 118 -12.34 24.02 8.29
N ALA D 119 -13.16 23.73 7.30
CA ALA D 119 -13.55 22.34 7.03
C ALA D 119 -12.39 21.44 6.62
N LYS D 120 -11.37 22.01 5.97
CA LYS D 120 -10.18 21.24 5.56
C LYS D 120 -9.37 20.75 6.76
N ASN D 121 -9.64 21.35 7.93
CA ASN D 121 -9.01 20.94 9.18
C ASN D 121 -9.78 19.88 9.95
N ALA D 122 -10.96 19.50 9.45
CA ALA D 122 -11.79 18.50 10.13
C ALA D 122 -11.16 17.11 10.15
N TYR D 123 -11.43 16.39 11.25
CA TYR D 123 -10.97 14.99 11.36
C TYR D 123 -11.78 14.11 10.40
N CYS D 124 -13.06 14.44 10.23
CA CYS D 124 -13.97 13.61 9.46
C CYS D 124 -14.96 14.52 8.74
N VAL D 125 -15.25 14.21 7.47
CA VAL D 125 -16.31 14.86 6.72
C VAL D 125 -17.35 13.79 6.40
N ILE D 126 -18.60 14.06 6.79
CA ILE D 126 -19.71 13.16 6.50
C ILE D 126 -20.42 13.68 5.26
N ALA D 127 -20.39 12.92 4.17
CA ALA D 127 -21.00 13.39 2.92
C ALA D 127 -22.48 13.00 2.88
N SER D 128 -23.35 13.95 3.26
CA SER D 128 -24.79 13.66 3.25
C SER D 128 -25.37 13.86 1.87
N GLY D 129 -26.65 13.52 1.72
CA GLY D 129 -27.40 13.86 0.53
C GLY D 129 -28.36 15.03 0.73
N GLU D 130 -28.13 15.82 1.78
CA GLU D 130 -29.04 16.92 2.15
C GLU D 130 -29.19 17.89 1.00
N SER D 131 -30.45 18.12 0.60
CA SER D 131 -30.75 18.91 -0.59
C SER D 131 -30.95 20.37 -0.29
N ALA D 132 -31.20 20.72 0.98
CA ALA D 132 -31.28 22.12 1.34
C ALA D 132 -29.90 22.76 1.18
N GLN D 133 -29.88 23.99 0.66
CA GLN D 133 -28.61 24.70 0.53
C GLN D 133 -28.20 25.33 1.87
N TYR D 134 -26.90 25.49 2.04
CA TYR D 134 -26.32 26.03 3.29
C TYR D 134 -26.68 25.17 4.48
N ALA D 135 -26.68 23.85 4.26
CA ALA D 135 -27.01 22.90 5.31
C ALA D 135 -25.73 22.27 5.89
N ASN D 136 -24.58 22.78 5.46
CA ASN D 136 -23.31 22.34 6.05
C ASN D 136 -23.19 22.72 7.52
N LEU D 137 -22.58 21.84 8.32
CA LEU D 137 -22.48 22.10 9.77
C LEU D 137 -21.19 21.51 10.27
N ILE D 138 -20.37 22.37 10.87
CA ILE D 138 -19.18 21.90 11.59
C ILE D 138 -19.51 21.71 13.07
N LEU D 139 -19.16 20.55 13.62
CA LEU D 139 -19.31 20.30 15.06
C LEU D 139 -17.96 20.10 15.74
N GLN D 140 -17.78 20.73 16.90
CA GLN D 140 -16.53 20.59 17.66
C GLN D 140 -16.82 19.77 18.93
N LYS D 141 -16.07 18.69 19.11
CA LYS D 141 -16.29 17.78 20.22
C LYS D 141 -15.84 18.36 21.56
N GLY D 142 -16.66 18.15 22.59
CA GLY D 142 -16.31 18.53 23.94
C GLY D 142 -15.75 17.40 24.78
N VAL D 143 -15.81 17.60 26.10
CA VAL D 143 -15.25 16.67 27.05
C VAL D 143 -16.30 15.66 27.47
N VAL D 144 -15.85 14.45 27.72
CA VAL D 144 -16.64 13.47 28.46
C VAL D 144 -16.14 13.50 29.91
N PHE D 145 -16.99 13.91 30.85
CA PHE D 145 -16.59 14.19 32.25
C PHE D 145 -16.61 12.95 33.15
N ILE E 5 9.73 -6.89 32.16
CA ILE E 5 8.95 -5.95 31.29
C ILE E 5 7.49 -5.94 31.72
N PRO E 6 6.94 -4.75 32.00
CA PRO E 6 5.54 -4.65 32.45
C PRO E 6 4.60 -5.37 31.49
N LYS E 7 3.80 -6.25 32.06
CA LYS E 7 2.84 -7.05 31.31
C LYS E 7 1.88 -6.24 30.43
N ILE E 8 1.60 -4.99 30.80
CA ILE E 8 0.59 -4.23 30.06
C ILE E 8 1.08 -3.67 28.72
N ILE E 9 2.40 -3.68 28.50
CA ILE E 9 2.97 -3.06 27.29
C ILE E 9 2.82 -4.04 26.10
N PRO E 10 2.07 -3.66 25.05
CA PRO E 10 1.93 -4.57 23.92
C PRO E 10 3.20 -4.58 23.07
N PRO E 11 3.39 -5.65 22.27
CA PRO E 11 4.63 -5.78 21.49
C PRO E 11 4.98 -4.53 20.68
N GLU E 12 3.99 -3.89 20.05
CA GLU E 12 4.27 -2.69 19.26
C GLU E 12 4.81 -1.54 20.13
N LEU E 13 4.28 -1.39 21.33
CA LEU E 13 4.79 -0.33 22.17
C LEU E 13 6.21 -0.66 22.67
N LEU E 14 6.50 -1.93 22.91
CA LEU E 14 7.85 -2.32 23.30
C LEU E 14 8.83 -1.94 22.19
N LYS E 15 8.45 -2.22 20.94
CA LYS E 15 9.29 -1.83 19.79
C LYS E 15 9.53 -0.31 19.72
N VAL E 16 8.45 0.46 19.90
CA VAL E 16 8.52 1.92 19.91
C VAL E 16 9.47 2.42 20.99
N LEU E 17 9.35 1.88 22.20
CA LEU E 17 10.16 2.40 23.32
C LEU E 17 11.63 2.14 23.04
N CYS E 18 11.89 1.00 22.40
CA CYS E 18 13.26 0.58 22.07
CA CYS E 18 13.25 0.55 22.08
C CYS E 18 13.86 1.40 20.96
N GLU E 19 13.05 1.74 19.96
CA GLU E 19 13.60 2.50 18.83
C GLU E 19 13.67 4.01 19.05
N GLY E 21 15.10 7.31 20.61
CA GLY E 21 16.46 7.66 21.07
C GLY E 21 16.44 8.95 21.87
N HIS E 22 17.63 9.45 22.15
CA HIS E 22 17.79 10.59 23.06
C HIS E 22 17.07 11.83 22.54
N GLY E 23 16.13 12.34 23.32
CA GLY E 23 15.39 13.55 22.94
C GLY E 23 14.03 13.26 22.29
N ASP E 24 13.82 12.01 21.87
CA ASP E 24 12.48 11.65 21.32
C ASP E 24 11.41 11.79 22.42
N GLN E 25 10.20 12.12 22.02
CA GLN E 25 9.10 12.29 23.00
C GLN E 25 7.95 11.34 22.72
N LEU E 26 7.28 10.94 23.79
CA LEU E 26 6.02 10.26 23.63
C LEU E 26 4.98 10.99 24.46
N VAL E 27 3.73 10.79 24.09
CA VAL E 27 2.63 11.41 24.84
C VAL E 27 1.77 10.34 25.46
N ILE E 28 1.58 10.43 26.79
CA ILE E 28 0.52 9.67 27.45
C ILE E 28 -0.74 10.54 27.42
N ALA E 29 -1.69 10.18 26.56
CA ALA E 29 -2.89 10.95 26.33
C ALA E 29 -4.00 10.49 27.25
N ASP E 30 -4.66 11.43 27.91
CA ASP E 30 -5.86 11.09 28.69
C ASP E 30 -7.06 10.78 27.80
N GLY E 31 -8.15 10.31 28.41
CA GLY E 31 -9.27 9.78 27.63
C GLY E 31 -9.98 10.84 26.82
N ASN E 32 -9.81 12.09 27.22
CA ASN E 32 -10.40 13.20 26.49
C ASN E 32 -9.53 13.80 25.37
N PHE E 33 -8.29 13.33 25.28
CA PHE E 33 -7.31 13.94 24.38
C PHE E 33 -7.59 13.48 22.94
N PRO E 34 -7.38 14.37 21.97
CA PRO E 34 -7.56 13.97 20.55
C PRO E 34 -6.33 13.19 20.06
N ALA E 35 -6.18 11.96 20.55
CA ALA E 35 -4.93 11.19 20.31
C ALA E 35 -4.73 10.86 18.83
N GLU E 36 -5.82 10.50 18.16
CA GLU E 36 -5.69 10.10 16.75
C GLU E 36 -5.36 11.27 15.83
N SER E 37 -5.99 12.42 16.04
CA SER E 37 -5.74 13.57 15.17
C SER E 37 -4.40 14.21 15.47
N ILE E 38 -4.08 14.36 16.77
CA ILE E 38 -2.76 14.88 17.16
C ILE E 38 -1.64 13.95 16.68
N GLY E 39 -1.89 12.65 16.78
CA GLY E 39 -0.88 11.66 16.41
C GLY E 39 -0.93 11.22 14.95
N LYS E 40 -1.54 12.02 14.08
CA LYS E 40 -1.77 11.62 12.68
C LYS E 40 -0.47 11.27 11.99
N ASN E 41 0.61 11.96 12.36
CA ASN E 41 1.93 11.71 11.80
C ASN E 41 2.87 10.92 12.70
N ALA E 42 2.31 10.27 13.70
CA ALA E 42 3.05 9.54 14.69
C ALA E 42 2.48 8.15 14.77
N ILE E 43 3.06 7.34 15.66
CA ILE E 43 2.53 6.03 15.95
C ILE E 43 1.56 6.18 17.12
N VAL E 44 0.31 5.80 16.90
CA VAL E 44 -0.70 5.84 17.99
C VAL E 44 -0.99 4.43 18.49
N VAL E 45 -0.73 4.21 19.78
CA VAL E 45 -0.96 2.90 20.43
C VAL E 45 -2.14 3.02 21.36
N ARG E 46 -3.16 2.19 21.15
CA ARG E 46 -4.35 2.24 22.00
C ARG E 46 -4.12 1.54 23.33
N ASP E 48 -6.85 1.95 25.84
CA ASP E 48 -8.10 2.52 26.34
C ASP E 48 -8.55 1.98 27.68
N GLY E 49 -8.11 0.79 28.05
CA GLY E 49 -8.57 0.22 29.32
C GLY E 49 -7.66 0.55 30.50
N HIS E 50 -6.67 1.41 30.30
CA HIS E 50 -5.69 1.70 31.35
C HIS E 50 -5.68 3.18 31.70
N GLY E 51 -5.41 3.47 32.96
CA GLY E 51 -5.27 4.85 33.40
C GLY E 51 -3.86 5.41 33.26
N GLY E 52 -3.74 6.72 33.47
CA GLY E 52 -2.48 7.41 33.26
C GLY E 52 -1.39 6.91 34.20
N GLY E 53 -1.74 6.71 35.47
CA GLY E 53 -0.77 6.26 36.46
C GLY E 53 -0.19 4.89 36.11
N GLU E 54 -1.07 3.96 35.74
CA GLU E 54 -0.64 2.58 35.42
C GLU E 54 0.29 2.60 34.19
N ILE E 55 -0.05 3.38 33.19
CA ILE E 55 0.83 3.53 32.02
C ILE E 55 2.17 4.16 32.34
N LEU E 56 2.14 5.26 33.10
CA LEU E 56 3.35 5.97 33.40
C LEU E 56 4.27 5.05 34.19
N LYS E 57 3.70 4.33 35.16
CA LYS E 57 4.50 3.40 35.98
C LYS E 57 5.22 2.38 35.10
N ALA E 58 4.48 1.81 34.15
CA ALA E 58 5.04 0.79 33.25
C ALA E 58 6.14 1.37 32.36
N ILE E 59 5.86 2.53 31.75
CA ILE E 59 6.83 3.18 30.87
C ILE E 59 8.14 3.51 31.60
N LEU E 60 8.02 4.06 32.81
CA LEU E 60 9.19 4.47 33.57
C LEU E 60 10.10 3.30 33.94
N THR E 61 9.57 2.09 33.98
CA THR E 61 10.41 0.91 34.27
C THR E 61 11.41 0.65 33.15
N VAL E 62 11.08 1.07 31.93
CA VAL E 62 11.91 0.78 30.75
C VAL E 62 12.38 2.02 29.98
N PHE E 63 12.05 3.22 30.46
CA PHE E 63 12.23 4.46 29.67
C PHE E 63 12.93 5.53 30.53
N PRO E 64 14.20 5.81 30.26
CA PRO E 64 14.92 6.81 31.08
C PRO E 64 14.48 8.23 30.73
N LEU E 65 14.21 9.06 31.74
CA LEU E 65 13.84 10.45 31.48
C LEU E 65 15.08 11.30 31.24
N ASP E 66 14.97 12.19 30.28
CA ASP E 66 16.12 12.96 29.80
C ASP E 66 16.72 13.85 30.90
N THR E 67 18.03 13.74 31.11
CA THR E 67 18.74 14.59 32.09
C THR E 67 19.37 15.81 31.42
N TYR E 68 19.28 15.87 30.09
CA TYR E 68 19.86 16.95 29.30
C TYR E 68 18.93 18.14 29.22
N VAL E 69 17.71 17.97 29.74
CA VAL E 69 16.80 19.10 29.94
C VAL E 69 16.41 19.08 31.41
N ASP E 70 15.99 20.22 31.93
CA ASP E 70 15.60 20.29 33.32
C ASP E 70 14.27 19.60 33.59
N LYS E 71 13.34 19.70 32.63
CA LYS E 71 11.98 19.20 32.82
C LYS E 71 11.54 18.26 31.68
N PRO E 72 11.94 16.99 31.75
CA PRO E 72 11.65 16.02 30.68
C PRO E 72 10.20 15.53 30.67
N ALA E 73 9.40 15.91 31.68
CA ALA E 73 7.99 15.56 31.71
C ALA E 73 7.20 16.86 31.61
N THR E 74 6.16 16.87 30.78
CA THR E 74 5.36 18.06 30.54
C THR E 74 3.87 17.82 30.69
N LEU E 75 3.23 18.67 31.49
CA LEU E 75 1.80 18.62 31.69
C LEU E 75 1.12 19.71 30.88
N GLU E 77 -1.32 22.76 31.03
CA GLU E 77 -1.91 23.76 31.96
C GLU E 77 -3.42 23.87 31.81
N LYS E 78 -4.12 24.07 32.92
CA LYS E 78 -5.56 24.26 32.86
C LYS E 78 -5.88 25.53 32.08
N VAL E 79 -6.95 25.49 31.30
CA VAL E 79 -7.41 26.72 30.61
C VAL E 79 -7.85 27.75 31.67
N PRO E 80 -7.58 29.04 31.43
CA PRO E 80 -8.07 30.10 32.34
C PRO E 80 -9.56 29.95 32.59
N GLY E 81 -9.97 30.07 33.85
CA GLY E 81 -11.37 29.87 34.23
C GLY E 81 -11.81 28.43 34.50
N ASP E 82 -10.93 27.45 34.23
CA ASP E 82 -11.26 26.06 34.51
C ASP E 82 -10.62 25.70 35.86
N THR E 83 -11.44 25.43 36.86
CA THR E 83 -10.90 25.28 38.22
C THR E 83 -10.88 23.82 38.70
N VAL E 84 -11.08 22.89 37.77
CA VAL E 84 -11.09 21.46 38.11
C VAL E 84 -9.80 21.12 38.85
N ALA E 85 -9.91 20.27 39.86
CA ALA E 85 -8.73 19.86 40.60
C ALA E 85 -7.96 18.85 39.76
N THR E 86 -6.67 18.74 40.07
CA THR E 86 -5.78 17.84 39.31
C THR E 86 -4.90 16.98 40.23
N PRO E 87 -5.51 16.16 41.10
CA PRO E 87 -4.70 15.28 41.96
C PRO E 87 -3.86 14.27 41.17
N ILE E 88 -4.25 14.00 39.92
CA ILE E 88 -3.45 13.09 39.11
C ILE E 88 -2.04 13.64 38.89
N TRP E 89 -1.88 14.97 38.88
CA TRP E 89 -0.55 15.55 38.74
C TRP E 89 0.36 15.10 39.88
N ASP E 90 -0.25 14.94 41.06
CA ASP E 90 0.47 14.53 42.26
C ASP E 90 0.79 13.03 42.20
N VAL E 91 -0.16 12.25 41.69
CA VAL E 91 0.09 10.83 41.40
C VAL E 91 1.33 10.71 40.47
N TYR E 92 1.34 11.50 39.40
CA TYR E 92 2.45 11.46 38.42
C TYR E 92 3.79 11.86 39.06
N ALA E 93 3.77 12.92 39.86
CA ALA E 93 4.97 13.36 40.58
C ALA E 93 5.56 12.23 41.44
N GLY E 94 4.69 11.50 42.14
CA GLY E 94 5.09 10.35 42.95
C GLY E 94 5.74 9.25 42.16
N LEU E 95 5.19 8.98 40.99
CA LEU E 95 5.74 7.95 40.10
C LEU E 95 7.10 8.37 39.53
N ILE E 96 7.21 9.65 39.17
CA ILE E 96 8.45 10.15 38.58
C ILE E 96 9.57 10.15 39.64
N LYS E 97 9.22 10.55 40.86
CA LYS E 97 10.17 10.56 41.97
C LYS E 97 10.80 9.19 42.20
N GLU E 98 10.03 8.13 42.00
CA GLU E 98 10.56 6.76 42.18
C GLU E 98 11.70 6.39 41.22
N HIS E 99 11.80 7.08 40.09
CA HIS E 99 12.80 6.75 39.08
C HIS E 99 13.83 7.83 38.91
N ASP E 100 13.41 9.07 39.13
CA ASP E 100 14.25 10.23 38.92
C ASP E 100 14.23 11.08 40.18
N GLU E 101 15.41 11.41 40.70
CA GLU E 101 15.49 12.15 41.95
C GLU E 101 14.93 13.57 41.87
N ARG E 102 14.82 14.10 40.64
CA ARG E 102 14.26 15.43 40.43
C ARG E 102 12.80 15.52 40.85
N GLY E 103 12.07 14.40 40.78
CA GLY E 103 10.66 14.31 41.21
C GLY E 103 9.72 15.27 40.49
N ALA E 104 8.96 16.04 41.27
CA ALA E 104 8.07 17.08 40.72
C ALA E 104 8.79 18.18 39.93
N ASP E 105 10.08 18.41 40.27
CA ASP E 105 10.90 19.42 39.60
C ASP E 105 11.29 19.03 38.18
N ALA E 106 11.05 17.77 37.82
CA ALA E 106 11.30 17.29 36.46
C ALA E 106 10.06 17.50 35.61
N ILE E 107 8.97 17.97 36.24
CA ILE E 107 7.73 18.21 35.53
C ILE E 107 7.53 19.68 35.21
N GLY E 108 7.45 19.98 33.91
CA GLY E 108 7.12 21.29 33.44
C GLY E 108 5.70 21.32 32.89
N SER E 109 5.36 22.41 32.23
CA SER E 109 4.00 22.59 31.69
C SER E 109 3.92 23.48 30.45
N LEU E 110 2.86 23.26 29.67
CA LEU E 110 2.53 24.07 28.51
C LEU E 110 1.06 24.44 28.48
N GLU E 111 0.79 25.66 28.04
CA GLU E 111 -0.54 26.15 27.80
C GLU E 111 -1.19 25.16 26.81
N ARG E 112 -2.50 24.96 26.93
CA ARG E 112 -3.24 23.92 26.17
C ARG E 112 -2.86 23.85 24.69
N PHE E 113 -2.96 24.96 23.99
CA PHE E 113 -2.72 24.94 22.54
C PHE E 113 -1.24 24.74 22.18
N ALA E 114 -0.36 25.27 23.01
CA ALA E 114 1.07 25.00 22.90
C ALA E 114 1.39 23.53 23.15
N PHE E 115 0.66 22.91 24.08
CA PHE E 115 0.82 21.50 24.38
C PHE E 115 0.43 20.68 23.16
N TYR E 116 -0.70 21.02 22.53
CA TYR E 116 -1.11 20.33 21.30
C TYR E 116 -0.03 20.41 20.23
N GLU E 117 0.54 21.60 20.05
CA GLU E 117 1.57 21.79 19.02
C GLU E 117 2.80 20.93 19.30
N GLN E 118 3.21 20.84 20.56
CA GLN E 118 4.35 20.04 20.92
C GLN E 118 4.03 18.55 20.74
N ALA E 119 2.81 18.15 21.13
CA ALA E 119 2.41 16.74 21.03
C ALA E 119 2.39 16.24 19.59
N LYS E 120 2.06 17.13 18.66
CA LYS E 120 2.11 16.79 17.24
C LYS E 120 3.51 16.37 16.75
N ASN E 121 4.54 16.71 17.51
CA ASN E 121 5.93 16.35 17.18
C ASN E 121 6.38 15.05 17.85
N ALA E 122 5.51 14.44 18.66
CA ALA E 122 5.86 13.20 19.36
C ALA E 122 6.05 12.02 18.42
N TYR E 123 6.96 11.14 18.80
CA TYR E 123 7.19 9.92 18.02
C TYR E 123 5.99 9.00 18.17
N CYS E 124 5.38 9.01 19.36
CA CYS E 124 4.31 8.07 19.69
C CYS E 124 3.33 8.72 20.65
N VAL E 125 2.05 8.45 20.41
CA VAL E 125 0.96 8.90 21.29
C VAL E 125 0.27 7.66 21.83
N ILE E 126 0.21 7.55 23.15
CA ILE E 126 -0.44 6.43 23.81
C ILE E 126 -1.82 6.88 24.24
N ALA E 127 -2.86 6.32 23.62
CA ALA E 127 -4.24 6.72 23.95
C ALA E 127 -4.75 5.95 25.15
N SER E 128 -4.67 6.57 26.33
CA SER E 128 -5.16 5.92 27.55
C SER E 128 -6.66 6.13 27.70
N GLY E 129 -7.25 5.48 28.69
CA GLY E 129 -8.64 5.71 29.06
C GLY E 129 -8.77 6.53 30.34
N GLU E 130 -7.72 7.28 30.66
CA GLU E 130 -7.68 8.08 31.91
C GLU E 130 -8.85 9.06 31.95
N SER E 131 -9.69 8.95 32.98
CA SER E 131 -10.88 9.82 33.06
C SER E 131 -10.62 11.23 33.65
N ALA E 132 -9.54 11.38 34.41
CA ALA E 132 -9.15 12.70 34.93
C ALA E 132 -8.84 13.66 33.79
N GLN E 133 -9.34 14.90 33.90
CA GLN E 133 -8.94 15.96 32.99
C GLN E 133 -7.51 16.44 33.27
N TYR E 134 -6.90 16.99 32.24
CA TYR E 134 -5.50 17.45 32.25
C TYR E 134 -4.54 16.36 32.72
N ALA E 135 -4.80 15.12 32.30
CA ALA E 135 -3.94 13.99 32.72
C ALA E 135 -2.97 13.58 31.62
N ASN E 136 -2.79 14.47 30.65
CA ASN E 136 -1.82 14.25 29.55
C ASN E 136 -0.43 14.46 30.02
N LEU E 137 0.52 13.70 29.50
CA LEU E 137 1.90 13.88 29.94
C LEU E 137 2.84 13.59 28.79
N ILE E 138 3.71 14.56 28.46
CA ILE E 138 4.74 14.33 27.45
C ILE E 138 5.99 13.86 28.15
N LEU E 139 6.63 12.81 27.64
CA LEU E 139 7.88 12.34 28.22
C LEU E 139 9.00 12.37 27.22
N GLN E 140 10.15 12.89 27.63
CA GLN E 140 11.30 12.96 26.71
C GLN E 140 12.35 11.96 27.13
N LYS E 141 12.83 11.16 26.17
CA LYS E 141 13.76 10.06 26.47
C LYS E 141 15.19 10.55 26.66
N GLY E 142 15.86 10.01 27.66
CA GLY E 142 17.25 10.35 27.89
C GLY E 142 18.17 9.33 27.27
N VAL E 143 19.40 9.33 27.77
CA VAL E 143 20.48 8.50 27.26
C VAL E 143 20.52 7.17 28.00
N VAL E 144 20.86 6.10 27.29
CA VAL E 144 21.32 4.89 27.97
C VAL E 144 22.86 4.96 27.99
N PHE E 145 23.45 5.15 29.19
CA PHE E 145 24.91 5.36 29.30
C PHE E 145 25.70 4.06 29.21
N ILE F 5 -26.90 8.45 -19.37
CA ILE F 5 -25.52 8.98 -19.22
C ILE F 5 -24.63 8.56 -20.39
N PRO F 6 -23.78 9.48 -20.86
CA PRO F 6 -22.96 9.25 -22.06
C PRO F 6 -22.09 8.00 -22.00
N LYS F 7 -22.15 7.21 -23.08
CA LYS F 7 -21.45 5.94 -23.19
C LYS F 7 -19.93 6.02 -23.00
N ILE F 8 -19.34 7.15 -23.41
CA ILE F 8 -17.88 7.27 -23.39
C ILE F 8 -17.28 7.40 -21.99
N ILE F 9 -18.12 7.71 -20.99
CA ILE F 9 -17.63 7.97 -19.61
C ILE F 9 -17.39 6.64 -18.88
N PRO F 10 -16.13 6.35 -18.49
CA PRO F 10 -15.85 5.09 -17.79
C PRO F 10 -16.36 5.16 -16.36
N PRO F 11 -16.52 3.99 -15.70
CA PRO F 11 -17.07 3.97 -14.33
C PRO F 11 -16.31 4.89 -13.36
N GLU F 12 -14.98 4.92 -13.44
CA GLU F 12 -14.21 5.78 -12.54
C GLU F 12 -14.52 7.26 -12.73
N LEU F 13 -14.74 7.69 -13.97
CA LEU F 13 -15.05 9.09 -14.22
C LEU F 13 -16.47 9.41 -13.77
N LEU F 14 -17.39 8.44 -13.88
CA LEU F 14 -18.74 8.63 -13.37
C LEU F 14 -18.66 8.93 -11.86
N LYS F 15 -17.84 8.14 -11.17
CA LYS F 15 -17.71 8.31 -9.73
C LYS F 15 -17.12 9.69 -9.39
N VAL F 16 -16.09 10.09 -10.14
CA VAL F 16 -15.47 11.41 -9.98
C VAL F 16 -16.51 12.52 -10.11
N LEU F 17 -17.32 12.45 -11.16
CA LEU F 17 -18.26 13.53 -11.48
C LEU F 17 -19.34 13.64 -10.40
N CYS F 18 -19.71 12.49 -9.85
CA CYS F 18 -20.71 12.45 -8.78
CA CYS F 18 -20.72 12.44 -8.79
C CYS F 18 -20.15 12.96 -7.47
N GLU F 19 -18.89 12.66 -7.20
CA GLU F 19 -18.33 13.07 -5.94
C GLU F 19 -17.79 14.51 -5.87
N GLY F 21 -18.12 18.47 -5.90
CA GLY F 21 -19.12 19.38 -5.34
C GLY F 21 -18.91 20.81 -5.81
N HIS F 22 -19.66 21.72 -5.22
CA HIS F 22 -19.68 23.12 -5.66
C HIS F 22 -18.30 23.76 -5.54
N GLY F 23 -17.75 24.18 -6.68
CA GLY F 23 -16.46 24.84 -6.67
C GLY F 23 -15.32 23.96 -7.14
N ASP F 24 -15.54 22.65 -7.16
CA ASP F 24 -14.48 21.71 -7.57
C ASP F 24 -14.25 21.91 -9.05
N GLN F 25 -13.01 21.71 -9.47
CA GLN F 25 -12.66 21.86 -10.88
C GLN F 25 -12.16 20.57 -11.52
N LEU F 26 -12.46 20.41 -12.81
CA LEU F 26 -11.82 19.37 -13.59
C LEU F 26 -11.20 20.01 -14.82
N VAL F 27 -10.20 19.34 -15.34
CA VAL F 27 -9.50 19.80 -16.52
C VAL F 27 -9.72 18.81 -17.64
N ILE F 28 -10.14 19.31 -18.80
CA ILE F 28 -10.13 18.53 -20.02
C ILE F 28 -8.82 18.91 -20.68
N ALA F 29 -7.90 17.97 -20.73
CA ALA F 29 -6.53 18.20 -21.21
C ALA F 29 -6.41 17.80 -22.67
N ASP F 30 -5.86 18.69 -23.50
CA ASP F 30 -5.62 18.30 -24.88
C ASP F 30 -4.46 17.30 -25.00
N GLY F 31 -4.25 16.77 -26.20
CA GLY F 31 -3.25 15.73 -26.42
C GLY F 31 -1.83 16.13 -26.06
N ASN F 32 -1.52 17.42 -26.13
CA ASN F 32 -0.18 17.93 -25.83
C ASN F 32 0.02 18.32 -24.38
N PHE F 33 -1.05 18.28 -23.59
CA PHE F 33 -0.99 18.73 -22.20
C PHE F 33 -0.23 17.74 -21.34
N PRO F 34 0.52 18.25 -20.36
CA PRO F 34 1.24 17.36 -19.43
C PRO F 34 0.28 16.86 -18.35
N ALA F 35 -0.64 15.98 -18.77
CA ALA F 35 -1.76 15.61 -17.91
C ALA F 35 -1.29 14.83 -16.68
N GLU F 36 -0.36 13.89 -16.85
CA GLU F 36 0.07 13.11 -15.68
C GLU F 36 0.87 13.93 -14.67
N SER F 37 1.74 14.81 -15.15
CA SER F 37 2.55 15.58 -14.20
C SER F 37 1.71 16.67 -13.53
N ILE F 38 0.90 17.38 -14.31
CA ILE F 38 0.00 18.39 -13.73
C ILE F 38 -0.96 17.74 -12.73
N GLY F 39 -1.44 16.54 -13.07
CA GLY F 39 -2.43 15.87 -12.23
C GLY F 39 -1.85 14.93 -11.20
N LYS F 40 -0.60 15.18 -10.81
CA LYS F 40 0.12 14.27 -9.92
C LYS F 40 -0.64 14.08 -8.61
N ASN F 41 -1.32 15.14 -8.17
CA ASN F 41 -2.07 15.11 -6.89
C ASN F 41 -3.57 15.08 -7.13
N ALA F 42 -3.96 14.68 -8.32
CA ALA F 42 -5.35 14.66 -8.75
C ALA F 42 -5.66 13.25 -9.23
N ILE F 43 -6.91 13.03 -9.65
CA ILE F 43 -7.30 11.81 -10.31
C ILE F 43 -7.15 12.06 -11.79
N VAL F 44 -6.32 11.26 -12.47
CA VAL F 44 -6.15 11.42 -13.92
C VAL F 44 -6.88 10.27 -14.62
N VAL F 45 -7.83 10.60 -15.47
CA VAL F 45 -8.58 9.60 -16.25
C VAL F 45 -8.15 9.70 -17.70
N ARG F 46 -7.67 8.58 -18.25
CA ARG F 46 -7.25 8.54 -19.65
C ARG F 46 -8.43 8.45 -20.57
N ASP F 48 -7.66 8.85 -24.21
CA ASP F 48 -6.75 9.14 -25.32
C ASP F 48 -7.38 9.04 -26.72
N GLY F 49 -8.41 8.22 -26.83
CA GLY F 49 -9.09 8.06 -28.13
C GLY F 49 -10.18 9.08 -28.41
N HIS F 50 -10.33 10.08 -27.55
CA HIS F 50 -11.44 11.05 -27.68
C HIS F 50 -10.98 12.48 -27.81
N GLY F 51 -11.76 13.25 -28.56
CA GLY F 51 -11.46 14.68 -28.77
C GLY F 51 -12.04 15.54 -27.67
N GLY F 52 -11.64 16.81 -27.65
CA GLY F 52 -12.10 17.76 -26.64
C GLY F 52 -13.60 18.05 -26.67
N GLY F 53 -14.13 18.23 -27.87
CA GLY F 53 -15.56 18.46 -28.07
C GLY F 53 -16.43 17.31 -27.61
N GLU F 54 -16.06 16.09 -28.00
CA GLU F 54 -16.77 14.87 -27.62
C GLU F 54 -16.85 14.76 -26.10
N ILE F 55 -15.70 14.94 -25.45
CA ILE F 55 -15.63 14.87 -23.99
C ILE F 55 -16.43 15.99 -23.32
N LEU F 56 -16.26 17.23 -23.76
CA LEU F 56 -17.01 18.34 -23.15
C LEU F 56 -18.53 18.10 -23.26
N LYS F 57 -18.99 17.70 -24.45
CA LYS F 57 -20.41 17.45 -24.68
C LYS F 57 -20.93 16.40 -23.68
N ALA F 58 -20.18 15.30 -23.52
CA ALA F 58 -20.55 14.26 -22.58
C ALA F 58 -20.59 14.77 -21.14
N ILE F 59 -19.55 15.51 -20.74
CA ILE F 59 -19.45 16.02 -19.37
C ILE F 59 -20.62 16.95 -19.06
N LEU F 60 -20.94 17.85 -20.00
CA LEU F 60 -21.97 18.86 -19.73
C LEU F 60 -23.37 18.27 -19.54
N THR F 61 -23.62 17.07 -20.07
CA THR F 61 -24.91 16.40 -19.80
C THR F 61 -25.10 16.05 -18.31
N VAL F 62 -24.00 15.95 -17.57
CA VAL F 62 -24.10 15.54 -16.17
C VAL F 62 -23.46 16.50 -15.17
N PHE F 63 -22.85 17.57 -15.67
CA PHE F 63 -21.99 18.42 -14.85
C PHE F 63 -22.50 19.84 -15.04
N PRO F 64 -23.17 20.40 -14.01
CA PRO F 64 -23.64 21.79 -14.07
C PRO F 64 -22.48 22.78 -13.92
N LEU F 65 -22.43 23.81 -14.77
CA LEU F 65 -21.40 24.84 -14.59
C LEU F 65 -21.76 25.86 -13.53
N ASP F 66 -20.77 26.26 -12.74
CA ASP F 66 -20.98 27.16 -11.59
C ASP F 66 -21.57 28.51 -11.98
N THR F 67 -22.70 28.88 -11.35
CA THR F 67 -23.32 30.21 -11.55
C THR F 67 -22.86 31.23 -10.52
N TYR F 68 -22.07 30.79 -9.54
CA TYR F 68 -21.61 31.68 -8.47
C TYR F 68 -20.36 32.43 -8.89
N VAL F 69 -19.86 32.06 -10.06
CA VAL F 69 -18.79 32.81 -10.71
C VAL F 69 -19.26 33.15 -12.13
N ASP F 70 -18.73 34.23 -12.68
CA ASP F 70 -19.12 34.67 -14.02
C ASP F 70 -18.54 33.77 -15.10
N LYS F 71 -17.33 33.24 -14.87
CA LYS F 71 -16.61 32.48 -15.89
C LYS F 71 -16.16 31.10 -15.36
N PRO F 72 -17.12 30.15 -15.27
CA PRO F 72 -16.78 28.80 -14.73
C PRO F 72 -15.97 27.91 -15.67
N ALA F 73 -15.81 28.31 -16.95
CA ALA F 73 -14.96 27.58 -17.88
C ALA F 73 -13.73 28.44 -18.18
N THR F 74 -12.55 27.81 -18.23
CA THR F 74 -11.31 28.55 -18.48
C THR F 74 -10.48 27.94 -19.59
N LEU F 75 -10.14 28.77 -20.59
CA LEU F 75 -9.20 28.38 -21.64
C LEU F 75 -7.76 28.81 -21.34
N GLU F 77 -4.69 30.85 -22.77
CA GLU F 77 -4.36 31.91 -23.74
C GLU F 77 -3.17 31.50 -24.60
N LYS F 78 -3.17 31.93 -25.85
CA LYS F 78 -2.04 31.60 -26.72
C LYS F 78 -0.80 32.32 -26.25
N VAL F 79 0.36 31.65 -26.33
CA VAL F 79 1.63 32.27 -26.02
C VAL F 79 1.79 33.45 -27.00
N PRO F 80 2.19 34.63 -26.49
CA PRO F 80 2.41 35.79 -27.38
C PRO F 80 3.33 35.43 -28.53
N GLY F 81 2.91 35.72 -29.76
CA GLY F 81 3.71 35.32 -30.91
C GLY F 81 3.28 34.00 -31.54
N ASP F 82 2.50 33.20 -30.80
CA ASP F 82 2.00 31.94 -31.32
C ASP F 82 0.63 32.25 -31.91
N THR F 83 0.58 32.32 -33.24
CA THR F 83 -0.59 32.86 -33.91
C THR F 83 -1.50 31.78 -34.50
N VAL F 84 -1.23 30.53 -34.12
CA VAL F 84 -2.01 29.36 -34.56
C VAL F 84 -3.52 29.58 -34.38
N ALA F 85 -4.32 29.17 -35.39
CA ALA F 85 -5.78 29.30 -35.31
C ALA F 85 -6.31 28.40 -34.20
N THR F 86 -7.33 28.87 -33.50
CA THR F 86 -8.01 28.11 -32.45
C THR F 86 -9.53 27.94 -32.66
N PRO F 87 -9.95 27.29 -33.77
CA PRO F 87 -11.39 27.12 -33.98
C PRO F 87 -12.11 26.28 -32.90
N ILE F 88 -11.36 25.45 -32.17
CA ILE F 88 -12.00 24.65 -31.10
C ILE F 88 -12.62 25.52 -30.01
N TRP F 89 -12.09 26.73 -29.83
CA TRP F 89 -12.67 27.67 -28.86
C TRP F 89 -14.14 27.95 -29.15
N ASP F 90 -14.48 28.08 -30.42
CA ASP F 90 -15.87 28.24 -30.86
C ASP F 90 -16.69 26.98 -30.66
N VAL F 91 -16.07 25.81 -30.88
CA VAL F 91 -16.73 24.51 -30.65
C VAL F 91 -17.16 24.44 -29.18
N TYR F 92 -16.23 24.73 -28.28
CA TYR F 92 -16.50 24.78 -26.85
C TYR F 92 -17.60 25.78 -26.43
N ALA F 93 -17.55 26.99 -26.97
CA ALA F 93 -18.54 28.01 -26.61
C ALA F 93 -19.94 27.55 -27.02
N GLY F 94 -20.04 26.95 -28.21
CA GLY F 94 -21.28 26.35 -28.71
C GLY F 94 -21.85 25.29 -27.77
N LEU F 95 -20.99 24.40 -27.30
CA LEU F 95 -21.42 23.32 -26.42
C LEU F 95 -21.86 23.87 -25.06
N ILE F 96 -21.16 24.89 -24.60
CA ILE F 96 -21.51 25.50 -23.34
C ILE F 96 -22.87 26.20 -23.46
N LYS F 97 -23.06 26.90 -24.58
CA LYS F 97 -24.33 27.58 -24.89
C LYS F 97 -25.57 26.67 -24.78
N GLU F 98 -25.44 25.41 -25.20
CA GLU F 98 -26.53 24.42 -25.09
C GLU F 98 -27.05 24.20 -23.66
N HIS F 99 -26.18 24.38 -22.66
CA HIS F 99 -26.58 24.14 -21.27
C HIS F 99 -26.69 25.40 -20.44
N ASP F 100 -25.99 26.43 -20.88
CA ASP F 100 -25.85 27.65 -20.09
C ASP F 100 -26.05 28.88 -20.99
N GLU F 101 -27.07 29.68 -20.65
CA GLU F 101 -27.38 30.93 -21.37
C GLU F 101 -26.19 31.85 -21.60
N ARG F 102 -25.21 31.84 -20.68
CA ARG F 102 -24.05 32.72 -20.76
C ARG F 102 -23.16 32.44 -21.98
N GLY F 103 -23.21 31.22 -22.49
CA GLY F 103 -22.41 30.78 -23.64
C GLY F 103 -20.96 31.21 -23.54
N ALA F 104 -20.47 31.87 -24.60
CA ALA F 104 -19.10 32.34 -24.69
C ALA F 104 -18.65 33.22 -23.51
N ASP F 105 -19.60 33.97 -22.91
CA ASP F 105 -19.31 34.84 -21.77
C ASP F 105 -19.00 34.07 -20.47
N ALA F 106 -19.26 32.77 -20.46
CA ALA F 106 -18.94 31.93 -19.31
C ALA F 106 -17.50 31.43 -19.40
N ILE F 107 -16.80 31.78 -20.49
CA ILE F 107 -15.43 31.32 -20.68
C ILE F 107 -14.41 32.44 -20.43
N GLY F 108 -13.53 32.22 -19.48
CA GLY F 108 -12.42 33.14 -19.22
C GLY F 108 -11.17 32.48 -19.75
N SER F 109 -10.02 33.01 -19.35
CA SER F 109 -8.76 32.50 -19.85
C SER F 109 -7.64 32.75 -18.85
N LEU F 110 -6.57 31.98 -18.98
CA LEU F 110 -5.40 32.17 -18.16
C LEU F 110 -4.19 32.06 -19.06
N GLU F 111 -3.18 32.89 -18.80
CA GLU F 111 -1.89 32.75 -19.47
C GLU F 111 -1.36 31.31 -19.25
N ARG F 112 -0.58 30.81 -20.20
CA ARG F 112 -0.13 29.42 -20.22
C ARG F 112 0.35 28.87 -18.85
N PHE F 113 1.34 29.51 -18.26
CA PHE F 113 1.89 29.01 -17.02
C PHE F 113 0.94 29.19 -15.84
N ALA F 114 0.15 30.25 -15.86
CA ALA F 114 -0.91 30.43 -14.86
C ALA F 114 -1.93 29.30 -14.94
N PHE F 115 -2.17 28.86 -16.16
CA PHE F 115 -3.14 27.80 -16.44
C PHE F 115 -2.65 26.50 -15.83
N TYR F 116 -1.38 26.18 -16.06
CA TYR F 116 -0.78 24.99 -15.46
C TYR F 116 -0.90 25.03 -13.95
N GLU F 117 -0.61 26.19 -13.35
CA GLU F 117 -0.71 26.31 -11.88
C GLU F 117 -2.12 26.08 -11.38
N GLN F 118 -3.10 26.64 -12.08
CA GLN F 118 -4.49 26.44 -11.67
C GLN F 118 -4.93 24.98 -11.89
N ALA F 119 -4.46 24.37 -12.99
CA ALA F 119 -4.78 22.98 -13.29
C ALA F 119 -4.25 22.01 -12.22
N LYS F 120 -3.15 22.37 -11.57
CA LYS F 120 -2.60 21.54 -10.48
C LYS F 120 -3.56 21.44 -9.28
N ASN F 121 -4.51 22.37 -9.20
CA ASN F 121 -5.52 22.35 -8.14
C ASN F 121 -6.77 21.58 -8.52
N ALA F 122 -6.83 21.07 -9.73
CA ALA F 122 -8.05 20.37 -10.14
C ALA F 122 -8.28 19.06 -9.36
N TYR F 123 -9.54 18.71 -9.15
CA TYR F 123 -9.88 17.39 -8.58
C TYR F 123 -9.55 16.26 -9.55
N CYS F 124 -9.75 16.52 -10.85
CA CYS F 124 -9.58 15.48 -11.86
C CYS F 124 -9.07 16.11 -13.13
N VAL F 125 -8.12 15.42 -13.77
CA VAL F 125 -7.63 15.79 -15.10
C VAL F 125 -8.02 14.68 -16.07
N ILE F 126 -8.73 15.04 -17.13
CA ILE F 126 -9.11 14.05 -18.15
C ILE F 126 -8.13 14.18 -19.31
N ALA F 127 -7.38 13.11 -19.59
CA ALA F 127 -6.30 13.20 -20.58
C ALA F 127 -6.88 12.79 -21.93
N SER F 128 -7.32 13.79 -22.71
CA SER F 128 -7.89 13.54 -24.04
C SER F 128 -6.82 13.28 -25.10
N GLY F 129 -7.26 12.88 -26.30
CA GLY F 129 -6.35 12.81 -27.44
C GLY F 129 -6.52 13.99 -28.39
N GLU F 130 -7.13 15.08 -27.92
CA GLU F 130 -7.40 16.25 -28.78
C GLU F 130 -6.14 16.77 -29.47
N SER F 131 -6.14 16.78 -30.81
CA SER F 131 -4.92 17.14 -31.54
C SER F 131 -4.73 18.65 -31.73
N ALA F 132 -5.79 19.42 -31.51
CA ALA F 132 -5.68 20.87 -31.61
C ALA F 132 -4.90 21.45 -30.43
N GLN F 133 -4.08 22.48 -30.66
CA GLN F 133 -3.44 23.17 -29.54
C GLN F 133 -4.39 24.16 -28.87
N TYR F 134 -4.07 24.51 -27.64
CA TYR F 134 -4.90 25.37 -26.81
C TYR F 134 -6.33 24.85 -26.72
N ALA F 135 -6.44 23.53 -26.61
CA ALA F 135 -7.72 22.87 -26.49
C ALA F 135 -8.04 22.43 -25.05
N ASN F 136 -7.21 22.88 -24.11
CA ASN F 136 -7.44 22.62 -22.69
C ASN F 136 -8.59 23.43 -22.16
N LEU F 137 -9.37 22.85 -21.26
CA LEU F 137 -10.45 23.60 -20.68
C LEU F 137 -10.63 23.22 -19.20
N ILE F 138 -10.64 24.21 -18.31
CA ILE F 138 -10.94 23.97 -16.89
C ILE F 138 -12.42 24.24 -16.70
N LEU F 139 -13.12 23.34 -16.00
CA LEU F 139 -14.56 23.54 -15.69
C LEU F 139 -14.81 23.54 -14.19
N GLN F 140 -15.60 24.49 -13.72
CA GLN F 140 -15.92 24.58 -12.30
C GLN F 140 -17.36 24.18 -12.05
N LYS F 141 -17.54 23.24 -11.12
CA LYS F 141 -18.86 22.66 -10.88
C LYS F 141 -19.78 23.60 -10.10
N GLY F 142 -21.03 23.66 -10.53
CA GLY F 142 -22.03 24.43 -9.80
C GLY F 142 -22.83 23.58 -8.83
N VAL F 143 -23.99 24.13 -8.48
CA VAL F 143 -24.88 23.52 -7.51
C VAL F 143 -25.88 22.62 -8.22
N VAL F 144 -26.41 21.62 -7.51
CA VAL F 144 -27.59 20.89 -7.95
C VAL F 144 -28.81 21.24 -7.10
N LYS G 3 33.42 -2.52 -7.18
CA LYS G 3 34.13 -2.31 -8.48
C LYS G 3 34.53 -3.62 -9.15
N GLY G 4 34.49 -4.72 -8.40
CA GLY G 4 34.54 -6.07 -9.00
C GLY G 4 33.17 -6.44 -9.56
N ILE G 5 32.16 -5.62 -9.28
CA ILE G 5 30.79 -5.87 -9.72
C ILE G 5 30.55 -5.30 -11.12
N PRO G 6 30.01 -6.13 -12.03
CA PRO G 6 29.72 -5.69 -13.39
C PRO G 6 28.81 -4.47 -13.41
N LYS G 7 29.23 -3.47 -14.18
CA LYS G 7 28.53 -2.21 -14.28
C LYS G 7 27.07 -2.32 -14.74
N ILE G 8 26.75 -3.37 -15.50
CA ILE G 8 25.39 -3.47 -16.03
C ILE G 8 24.33 -3.88 -14.99
N ILE G 9 24.77 -4.40 -13.84
CA ILE G 9 23.82 -4.89 -12.82
C ILE G 9 23.25 -3.69 -12.02
N PRO G 10 21.92 -3.44 -12.11
CA PRO G 10 21.35 -2.31 -11.35
C PRO G 10 21.29 -2.65 -9.85
N PRO G 11 21.17 -1.62 -8.98
CA PRO G 11 21.22 -1.89 -7.54
C PRO G 11 20.19 -2.92 -7.04
N GLU G 12 18.98 -2.90 -7.57
CA GLU G 12 17.99 -3.93 -7.22
C GLU G 12 18.43 -5.35 -7.54
N LEU G 13 19.07 -5.55 -8.68
CA LEU G 13 19.51 -6.91 -9.01
C LEU G 13 20.67 -7.33 -8.10
N LEU G 14 21.52 -6.39 -7.70
CA LEU G 14 22.62 -6.75 -6.82
C LEU G 14 22.03 -7.25 -5.50
N LYS G 15 21.02 -6.54 -5.01
CA LYS G 15 20.31 -6.95 -3.79
C LYS G 15 19.73 -8.37 -3.94
N VAL G 16 19.07 -8.60 -5.08
CA VAL G 16 18.48 -9.92 -5.37
C VAL G 16 19.55 -11.01 -5.35
N LEU G 17 20.66 -10.78 -6.04
CA LEU G 17 21.72 -11.80 -6.15
C LEU G 17 22.30 -12.13 -4.77
N CYS G 18 22.41 -11.10 -3.94
CA CYS G 18 22.97 -11.29 -2.59
CA CYS G 18 22.95 -11.28 -2.59
C CYS G 18 22.00 -12.03 -1.67
N GLU G 19 20.72 -11.73 -1.77
CA GLU G 19 19.80 -12.36 -0.85
C GLU G 19 19.31 -13.75 -1.28
N GLY G 21 19.80 -17.63 -1.84
CA GLY G 21 20.59 -18.63 -1.13
C GLY G 21 20.64 -19.93 -1.91
N HIS G 22 21.20 -20.95 -1.26
CA HIS G 22 21.42 -22.24 -1.90
C HIS G 22 20.11 -22.88 -2.43
N GLY G 23 20.06 -23.13 -3.73
CA GLY G 23 18.87 -23.69 -4.35
C GLY G 23 17.92 -22.71 -5.01
N ASP G 24 18.02 -21.43 -4.65
CA ASP G 24 17.18 -20.41 -5.30
C ASP G 24 17.51 -20.35 -6.79
N GLN G 25 16.49 -20.03 -7.59
CA GLN G 25 16.64 -19.92 -9.05
C GLN G 25 16.30 -18.53 -9.57
N LEU G 26 16.99 -18.13 -10.62
CA LEU G 26 16.57 -16.96 -11.36
C LEU G 26 16.47 -17.35 -12.83
N VAL G 27 15.72 -16.56 -13.59
CA VAL G 27 15.55 -16.82 -15.00
C VAL G 27 16.12 -15.65 -15.79
N ILE G 28 17.02 -15.94 -16.73
CA ILE G 28 17.38 -14.94 -17.74
C ILE G 28 16.39 -15.16 -18.88
N ALA G 29 15.49 -14.21 -19.06
CA ALA G 29 14.39 -14.35 -20.01
C ALA G 29 14.81 -13.67 -21.30
N ASP G 30 14.64 -14.38 -22.43
CA ASP G 30 14.89 -13.75 -23.72
C ASP G 30 13.79 -12.72 -24.07
N GLY G 31 14.00 -11.97 -25.15
CA GLY G 31 13.12 -10.87 -25.53
C GLY G 31 11.69 -11.30 -25.81
N ASN G 32 11.52 -12.55 -26.21
CA ASN G 32 10.20 -13.06 -26.53
C ASN G 32 9.47 -13.68 -25.35
N PHE G 33 10.16 -13.83 -24.22
CA PHE G 33 9.60 -14.54 -23.09
C PHE G 33 8.55 -13.66 -22.40
N PRO G 34 7.50 -14.30 -21.88
CA PRO G 34 6.47 -13.57 -21.13
C PRO G 34 6.96 -13.30 -19.69
N ALA G 35 7.90 -12.35 -19.56
CA ALA G 35 8.64 -12.21 -18.29
C ALA G 35 7.73 -11.70 -17.17
N GLU G 36 6.85 -10.75 -17.50
CA GLU G 36 6.00 -10.11 -16.49
C GLU G 36 4.92 -11.05 -15.99
N SER G 37 4.32 -11.84 -16.88
CA SER G 37 3.29 -12.77 -16.45
C SER G 37 3.87 -13.97 -15.70
N ILE G 38 4.90 -14.58 -16.26
CA ILE G 38 5.58 -15.69 -15.60
C ILE G 38 6.12 -15.22 -14.25
N GLY G 39 6.60 -13.98 -14.21
CA GLY G 39 7.24 -13.47 -13.00
C GLY G 39 6.28 -12.76 -12.06
N LYS G 40 4.99 -13.04 -12.21
CA LYS G 40 3.94 -12.30 -11.45
C LYS G 40 4.18 -12.35 -9.93
N ASN G 41 4.65 -13.49 -9.44
CA ASN G 41 4.91 -13.67 -8.00
C ASN G 41 6.39 -13.62 -7.66
N ALA G 42 7.18 -13.07 -8.57
CA ALA G 42 8.60 -12.99 -8.41
C ALA G 42 9.03 -11.53 -8.51
N ILE G 43 10.32 -11.31 -8.39
CA ILE G 43 10.89 -10.01 -8.65
C ILE G 43 11.31 -9.94 -10.13
N VAL G 44 10.72 -9.02 -10.90
CA VAL G 44 11.15 -8.91 -12.29
C VAL G 44 12.06 -7.68 -12.48
N VAL G 45 13.27 -7.90 -12.98
CA VAL G 45 14.17 -6.78 -13.25
C VAL G 45 14.29 -6.61 -14.74
N ARG G 46 14.02 -5.40 -15.25
CA ARG G 46 14.12 -5.13 -16.69
C ARG G 46 15.57 -4.95 -17.07
N ASP G 48 16.21 -4.61 -20.76
CA ASP G 48 15.75 -4.67 -22.16
C ASP G 48 16.83 -4.36 -23.16
N GLY G 49 17.81 -3.56 -22.76
CA GLY G 49 18.87 -3.22 -23.70
C GLY G 49 20.03 -4.19 -23.77
N HIS G 50 19.92 -5.34 -23.09
CA HIS G 50 21.05 -6.27 -22.97
C HIS G 50 20.74 -7.67 -23.49
N GLY G 51 21.75 -8.30 -24.05
CA GLY G 51 21.61 -9.66 -24.55
C GLY G 51 21.79 -10.71 -23.47
N GLY G 52 21.45 -11.95 -23.81
CA GLY G 52 21.55 -13.07 -22.84
C GLY G 52 22.98 -13.36 -22.40
N GLY G 53 23.90 -13.35 -23.36
CA GLY G 53 25.33 -13.62 -23.05
C GLY G 53 25.93 -12.58 -22.13
N GLU G 54 25.68 -11.30 -22.39
CA GLU G 54 26.28 -10.29 -21.53
C GLU G 54 25.70 -10.32 -20.13
N ILE G 55 24.40 -10.62 -20.03
CA ILE G 55 23.79 -10.80 -18.71
C ILE G 55 24.37 -12.00 -17.99
N LEU G 56 24.45 -13.14 -18.67
CA LEU G 56 25.01 -14.33 -18.02
C LEU G 56 26.42 -14.09 -17.57
N LYS G 57 27.22 -13.47 -18.43
CA LYS G 57 28.63 -13.22 -18.10
C LYS G 57 28.74 -12.39 -16.82
N ALA G 58 27.90 -11.36 -16.70
CA ALA G 58 27.90 -10.49 -15.54
C ALA G 58 27.46 -11.24 -14.28
N ILE G 59 26.39 -12.02 -14.39
CA ILE G 59 25.83 -12.74 -13.25
C ILE G 59 26.85 -13.76 -12.70
N LEU G 60 27.50 -14.48 -13.58
CA LEU G 60 28.42 -15.53 -13.16
C LEU G 60 29.64 -14.98 -12.39
N THR G 61 29.96 -13.70 -12.57
CA THR G 61 31.03 -13.11 -11.76
C THR G 61 30.67 -13.03 -10.27
N VAL G 62 29.37 -13.04 -9.95
CA VAL G 62 28.94 -12.90 -8.56
C VAL G 62 28.06 -14.05 -8.02
N PHE G 63 27.75 -15.01 -8.88
CA PHE G 63 26.70 -15.99 -8.60
C PHE G 63 27.27 -17.37 -8.84
N PRO G 64 27.51 -18.12 -7.76
CA PRO G 64 28.01 -19.49 -7.91
C PRO G 64 26.91 -20.44 -8.38
N LEU G 65 27.24 -21.27 -9.37
CA LEU G 65 26.29 -22.27 -9.84
C LEU G 65 26.32 -23.48 -8.92
N ASP G 66 25.13 -24.00 -8.63
CA ASP G 66 24.94 -25.11 -7.70
C ASP G 66 25.67 -26.39 -8.11
N THR G 67 26.51 -26.89 -7.20
CA THR G 67 27.24 -28.15 -7.42
C THR G 67 26.50 -29.34 -6.77
N TYR G 68 25.41 -29.06 -6.05
CA TYR G 68 24.58 -30.11 -5.42
C TYR G 68 23.57 -30.73 -6.38
N VAL G 69 23.50 -30.20 -7.60
CA VAL G 69 22.76 -30.83 -8.70
C VAL G 69 23.72 -30.94 -9.86
N ASP G 70 23.47 -31.89 -10.76
CA ASP G 70 24.34 -32.05 -11.94
C ASP G 70 24.16 -30.94 -12.96
N LYS G 71 22.93 -30.44 -13.09
CA LYS G 71 22.60 -29.47 -14.14
C LYS G 71 21.91 -28.19 -13.60
N PRO G 72 22.71 -27.29 -13.01
CA PRO G 72 22.16 -26.06 -12.37
C PRO G 72 21.66 -25.00 -13.36
N ALA G 73 21.96 -25.17 -14.65
CA ALA G 73 21.48 -24.27 -15.69
C ALA G 73 20.47 -25.01 -16.57
N THR G 74 19.35 -24.35 -16.91
CA THR G 74 18.33 -25.05 -17.70
C THR G 74 17.89 -24.22 -18.88
N LEU G 75 17.91 -24.85 -20.07
CA LEU G 75 17.37 -24.26 -21.30
C LEU G 75 15.96 -24.72 -21.61
N GLU G 77 13.65 -26.37 -24.38
CA GLU G 77 13.70 -27.19 -25.59
C GLU G 77 12.89 -26.57 -26.71
N LYS G 78 13.36 -26.71 -27.94
CA LYS G 78 12.61 -26.19 -29.08
C LYS G 78 11.32 -26.96 -29.26
N VAL G 79 10.27 -26.24 -29.64
CA VAL G 79 8.97 -26.86 -29.94
C VAL G 79 9.21 -27.85 -31.08
N PRO G 80 8.71 -29.11 -30.94
CA PRO G 80 8.95 -30.07 -32.02
C PRO G 80 8.55 -29.49 -33.38
N GLY G 81 9.44 -29.60 -34.37
CA GLY G 81 9.18 -29.03 -35.69
C GLY G 81 9.75 -27.64 -35.93
N ASP G 82 10.10 -26.93 -34.87
CA ASP G 82 10.72 -25.60 -34.98
C ASP G 82 12.23 -25.80 -35.16
N THR G 83 12.75 -25.49 -36.35
CA THR G 83 14.13 -25.82 -36.69
C THR G 83 15.12 -24.67 -36.47
N VAL G 84 14.67 -23.57 -35.84
CA VAL G 84 15.50 -22.36 -35.70
C VAL G 84 16.88 -22.68 -35.08
N ALA G 85 17.93 -22.10 -35.66
CA ALA G 85 19.26 -22.26 -35.07
C ALA G 85 19.29 -21.66 -33.65
N THR G 86 20.10 -22.28 -32.78
CA THR G 86 20.30 -21.80 -31.41
C THR G 86 21.79 -21.72 -31.01
N PRO G 87 22.56 -20.85 -31.68
CA PRO G 87 23.97 -20.73 -31.34
C PRO G 87 24.22 -20.20 -29.92
N ILE G 88 23.25 -19.50 -29.35
CA ILE G 88 23.47 -18.94 -28.00
C ILE G 88 23.64 -20.05 -26.95
N TRP G 89 23.15 -21.26 -27.23
CA TRP G 89 23.34 -22.38 -26.31
C TRP G 89 24.81 -22.66 -26.09
N ASP G 90 25.60 -22.61 -27.16
CA ASP G 90 27.05 -22.84 -27.04
C ASP G 90 27.75 -21.64 -26.43
N VAL G 91 27.24 -20.44 -26.68
CA VAL G 91 27.75 -19.25 -26.01
C VAL G 91 27.57 -19.41 -24.49
N TYR G 92 26.37 -19.81 -24.08
CA TYR G 92 26.10 -20.02 -22.65
C TYR G 92 27.04 -21.07 -22.06
N ALA G 93 27.25 -22.17 -22.78
CA ALA G 93 28.17 -23.21 -22.33
C ALA G 93 29.59 -22.69 -22.09
N GLY G 94 30.08 -21.85 -23.01
CA GLY G 94 31.40 -21.24 -22.93
C GLY G 94 31.50 -20.33 -21.73
N LEU G 95 30.45 -19.55 -21.48
CA LEU G 95 30.47 -18.63 -20.35
C LEU G 95 30.44 -19.38 -19.02
N ILE G 96 29.67 -20.46 -18.96
CA ILE G 96 29.63 -21.30 -17.77
C ILE G 96 30.99 -21.96 -17.56
N LYS G 97 31.59 -22.44 -18.64
CA LYS G 97 32.87 -23.17 -18.54
C LYS G 97 33.96 -22.31 -17.90
N GLU G 98 33.87 -20.99 -18.09
CA GLU G 98 34.82 -20.03 -17.51
C GLU G 98 34.81 -20.09 -15.97
N HIS G 99 33.69 -20.53 -15.39
CA HIS G 99 33.52 -20.59 -13.93
C HIS G 99 33.37 -21.98 -13.36
N ASP G 100 32.91 -22.91 -14.18
CA ASP G 100 32.54 -24.22 -13.69
C ASP G 100 33.00 -25.26 -14.71
N GLU G 101 33.88 -26.17 -14.27
CA GLU G 101 34.50 -27.16 -15.18
C GLU G 101 33.49 -28.01 -15.95
N ARG G 102 32.27 -28.12 -15.42
CA ARG G 102 31.24 -28.93 -16.07
C ARG G 102 30.85 -28.38 -17.43
N GLY G 103 30.96 -27.06 -17.58
CA GLY G 103 30.69 -26.39 -18.85
C GLY G 103 29.31 -26.74 -19.39
N ALA G 104 29.24 -27.14 -20.66
CA ALA G 104 27.99 -27.59 -21.26
C ALA G 104 27.27 -28.71 -20.48
N ASP G 105 28.03 -29.54 -19.78
CA ASP G 105 27.43 -30.64 -19.00
C ASP G 105 26.60 -30.13 -17.81
N ALA G 106 26.77 -28.86 -17.48
CA ALA G 106 26.01 -28.24 -16.38
C ALA G 106 24.65 -27.74 -16.86
N ILE G 107 24.37 -27.90 -18.16
CA ILE G 107 23.15 -27.36 -18.75
C ILE G 107 22.16 -28.46 -19.11
N GLY G 108 20.99 -28.44 -18.47
CA GLY G 108 19.90 -29.33 -18.80
C GLY G 108 18.85 -28.62 -19.62
N SER G 109 17.70 -29.24 -19.80
CA SER G 109 16.63 -28.65 -20.59
C SER G 109 15.26 -29.10 -20.12
N LEU G 110 14.24 -28.32 -20.48
CA LEU G 110 12.85 -28.63 -20.21
C LEU G 110 12.02 -28.30 -21.42
N GLU G 111 11.06 -29.19 -21.69
CA GLU G 111 10.02 -28.92 -22.67
C GLU G 111 9.36 -27.56 -22.37
N ARG G 112 8.92 -26.88 -23.44
CA ARG G 112 8.49 -25.48 -23.37
C ARG G 112 7.55 -25.19 -22.18
N PHE G 113 6.43 -25.91 -22.11
CA PHE G 113 5.44 -25.61 -21.09
C PHE G 113 5.91 -26.01 -19.68
N ALA G 114 6.70 -27.07 -19.60
CA ALA G 114 7.37 -27.44 -18.34
C ALA G 114 8.36 -26.34 -17.92
N PHE G 115 9.04 -25.76 -18.90
CA PHE G 115 9.95 -24.65 -18.62
C PHE G 115 9.18 -23.49 -18.01
N TYR G 116 8.03 -23.14 -18.58
CA TYR G 116 7.24 -22.03 -18.01
C TYR G 116 6.85 -22.34 -16.58
N GLU G 117 6.46 -23.58 -16.30
CA GLU G 117 6.03 -23.99 -14.96
C GLU G 117 7.15 -23.86 -13.96
N GLN G 118 8.36 -24.26 -14.35
CA GLN G 118 9.51 -24.12 -13.47
C GLN G 118 9.88 -22.64 -13.25
N ALA G 119 9.77 -21.84 -14.32
CA ALA G 119 10.11 -20.41 -14.24
C ALA G 119 9.20 -19.64 -13.32
N LYS G 120 7.96 -20.11 -13.17
CA LYS G 120 7.02 -19.47 -12.26
C LYS G 120 7.46 -19.60 -10.79
N ASN G 121 8.38 -20.52 -10.55
CA ASN G 121 8.90 -20.74 -9.20
C ASN G 121 10.19 -19.96 -8.91
N ALA G 122 10.66 -19.20 -9.89
CA ALA G 122 11.92 -18.48 -9.74
C ALA G 122 11.79 -17.33 -8.75
N TYR G 123 12.88 -17.03 -8.06
CA TYR G 123 12.91 -15.88 -7.15
C TYR G 123 12.90 -14.56 -7.95
N CYS G 124 13.58 -14.57 -9.09
CA CYS G 124 13.73 -13.38 -9.89
C CYS G 124 13.72 -13.75 -11.38
N VAL G 125 13.04 -12.95 -12.18
CA VAL G 125 13.08 -13.10 -13.67
C VAL G 125 13.71 -11.82 -14.20
N ILE G 126 14.78 -11.97 -14.95
CA ILE G 126 15.47 -10.85 -15.58
C ILE G 126 15.01 -10.76 -17.02
N ALA G 127 14.34 -9.65 -17.36
CA ALA G 127 13.74 -9.51 -18.71
C ALA G 127 14.79 -8.89 -19.64
N SER G 128 15.52 -9.75 -20.36
CA SER G 128 16.53 -9.23 -21.30
C SER G 128 15.89 -8.77 -22.58
N GLY G 129 16.73 -8.21 -23.45
CA GLY G 129 16.29 -7.91 -24.81
C GLY G 129 16.82 -8.86 -25.85
N GLU G 130 17.24 -10.06 -25.41
CA GLU G 130 17.85 -11.04 -26.30
C GLU G 130 16.93 -11.39 -27.46
N SER G 131 17.38 -11.10 -28.68
CA SER G 131 16.52 -11.30 -29.84
CA SER G 131 16.56 -11.30 -29.87
C SER G 131 16.48 -12.76 -30.31
N ALA G 132 17.47 -13.56 -29.93
CA ALA G 132 17.43 -14.98 -30.29
C ALA G 132 16.29 -15.73 -29.57
N GLN G 133 15.64 -16.64 -30.30
CA GLN G 133 14.69 -17.55 -29.67
C GLN G 133 15.38 -18.67 -28.88
N TYR G 134 14.61 -19.22 -27.94
CA TYR G 134 15.09 -20.24 -26.99
C TYR G 134 16.38 -19.84 -26.28
N ALA G 135 16.50 -18.55 -25.93
CA ALA G 135 17.67 -18.03 -25.20
C ALA G 135 17.39 -17.86 -23.71
N ASN G 136 16.27 -18.41 -23.26
CA ASN G 136 15.94 -18.41 -21.82
C ASN G 136 16.88 -19.30 -21.06
N LEU G 137 17.25 -18.90 -19.86
CA LEU G 137 18.14 -19.74 -19.06
C LEU G 137 17.80 -19.61 -17.59
N ILE G 138 17.46 -20.75 -16.98
CA ILE G 138 17.28 -20.81 -15.51
C ILE G 138 18.60 -21.15 -14.85
N LEU G 139 18.98 -20.40 -13.81
CA LEU G 139 20.23 -20.65 -13.07
C LEU G 139 19.89 -20.94 -11.62
N GLN G 140 20.50 -21.97 -11.05
CA GLN G 140 20.28 -22.32 -9.64
C GLN G 140 21.52 -22.01 -8.82
N LYS G 141 21.34 -21.31 -7.70
CA LYS G 141 22.47 -20.82 -6.94
C LYS G 141 23.08 -21.89 -6.05
N GLY G 142 24.40 -21.90 -6.01
CA GLY G 142 25.13 -22.80 -5.17
C GLY G 142 25.51 -22.20 -3.84
N VAL G 143 26.52 -22.80 -3.24
CA VAL G 143 27.00 -22.49 -1.89
C VAL G 143 28.17 -21.55 -2.01
N VAL G 144 28.29 -20.66 -1.03
CA VAL G 144 29.51 -19.89 -0.83
C VAL G 144 30.20 -20.55 0.37
N PHE G 145 31.30 -21.25 0.10
CA PHE G 145 31.96 -22.11 1.10
C PHE G 145 32.83 -21.32 2.08
N ILE H 5 -30.96 8.77 -11.50
CA ILE H 5 -30.14 7.89 -10.61
C ILE H 5 -30.53 8.12 -9.15
N PRO H 6 -30.99 7.05 -8.47
CA PRO H 6 -31.54 7.22 -7.14
C PRO H 6 -30.56 7.85 -6.17
N LYS H 7 -31.06 8.82 -5.40
CA LYS H 7 -30.22 9.63 -4.52
C LYS H 7 -29.42 8.82 -3.50
N ILE H 8 -29.96 7.68 -3.07
CA ILE H 8 -29.32 6.97 -1.97
C ILE H 8 -28.02 6.26 -2.39
N ILE H 9 -27.78 6.13 -3.70
CA ILE H 9 -26.60 5.37 -4.16
C ILE H 9 -25.32 6.22 -4.10
N PRO H 10 -24.33 5.80 -3.28
CA PRO H 10 -23.13 6.62 -3.18
C PRO H 10 -22.26 6.45 -4.42
N PRO H 11 -21.33 7.40 -4.66
CA PRO H 11 -20.47 7.37 -5.84
C PRO H 11 -19.80 6.01 -6.07
N GLU H 12 -19.27 5.41 -5.02
CA GLU H 12 -18.62 4.11 -5.16
C GLU H 12 -19.57 3.01 -5.64
N LEU H 13 -20.82 3.04 -5.19
CA LEU H 13 -21.76 2.01 -5.58
C LEU H 13 -22.20 2.23 -7.01
N LEU H 14 -22.33 3.49 -7.43
CA LEU H 14 -22.61 3.78 -8.84
C LEU H 14 -21.53 3.17 -9.76
N LYS H 15 -20.27 3.36 -9.37
CA LYS H 15 -19.15 2.81 -10.12
C LYS H 15 -19.22 1.28 -10.17
N VAL H 16 -19.51 0.66 -9.02
CA VAL H 16 -19.67 -0.80 -8.93
C VAL H 16 -20.76 -1.30 -9.90
N LEU H 17 -21.92 -0.66 -9.84
CA LEU H 17 -23.06 -1.10 -10.66
C LEU H 17 -22.76 -0.98 -12.15
N CYS H 18 -22.00 0.04 -12.54
CA CYS H 18 -21.61 0.24 -13.94
CA CYS H 18 -21.62 0.24 -13.94
C CYS H 18 -20.56 -0.76 -14.40
N GLU H 19 -19.63 -1.08 -13.51
CA GLU H 19 -18.56 -1.99 -13.92
C GLU H 19 -18.92 -3.49 -13.84
N GLY H 21 -20.74 -6.79 -14.98
CA GLY H 21 -21.24 -7.24 -16.28
C GLY H 21 -22.08 -8.49 -16.16
N HIS H 22 -22.34 -9.10 -17.32
CA HIS H 22 -23.28 -10.23 -17.40
C HIS H 22 -22.87 -11.39 -16.49
N GLY H 23 -23.76 -11.73 -15.54
CA GLY H 23 -23.51 -12.83 -14.64
C GLY H 23 -22.85 -12.47 -13.32
N ASP H 24 -22.37 -11.22 -13.19
CA ASP H 24 -21.85 -10.77 -11.90
C ASP H 24 -22.98 -10.68 -10.89
N GLN H 25 -22.67 -10.93 -9.61
CA GLN H 25 -23.70 -10.93 -8.55
C GLN H 25 -23.41 -9.86 -7.50
N LEU H 26 -24.47 -9.26 -6.97
CA LEU H 26 -24.32 -8.49 -5.75
C LEU H 26 -25.26 -9.02 -4.68
N VAL H 27 -24.91 -8.74 -3.43
CA VAL H 27 -25.73 -9.17 -2.31
C VAL H 27 -26.27 -7.97 -1.60
N ILE H 28 -27.59 -7.96 -1.39
CA ILE H 28 -28.17 -6.99 -0.47
C ILE H 28 -28.24 -7.73 0.86
N ALA H 29 -27.41 -7.31 1.81
CA ALA H 29 -27.27 -8.01 3.09
C ALA H 29 -28.19 -7.35 4.09
N ASP H 30 -28.95 -8.15 4.82
CA ASP H 30 -29.72 -7.59 5.93
C ASP H 30 -28.86 -7.20 7.13
N GLY H 31 -29.47 -6.57 8.11
CA GLY H 31 -28.68 -6.04 9.22
C GLY H 31 -28.01 -7.11 10.03
N ASN H 32 -28.54 -8.33 10.00
CA ASN H 32 -27.93 -9.43 10.74
C ASN H 32 -26.84 -10.16 9.98
N PHE H 33 -26.67 -9.82 8.71
CA PHE H 33 -25.79 -10.59 7.84
C PHE H 33 -24.31 -10.27 8.15
N PRO H 34 -23.46 -11.29 8.09
CA PRO H 34 -22.00 -11.03 8.25
C PRO H 34 -21.40 -10.41 6.99
N ALA H 35 -21.78 -9.16 6.69
CA ALA H 35 -21.41 -8.53 5.42
C ALA H 35 -19.90 -8.37 5.24
N GLU H 36 -19.19 -8.00 6.32
CA GLU H 36 -17.75 -7.76 6.19
C GLU H 36 -16.95 -9.03 6.00
N SER H 37 -17.29 -10.07 6.76
CA SER H 37 -16.55 -11.33 6.68
C SER H 37 -16.84 -12.08 5.39
N ILE H 38 -18.13 -12.17 5.02
CA ILE H 38 -18.54 -12.78 3.76
C ILE H 38 -17.96 -11.98 2.60
N GLY H 39 -17.94 -10.65 2.74
CA GLY H 39 -17.45 -9.78 1.66
C GLY H 39 -15.96 -9.52 1.68
N LYS H 40 -15.18 -10.38 2.36
CA LYS H 40 -13.73 -10.15 2.53
C LYS H 40 -13.02 -9.94 1.19
N ASN H 41 -13.44 -10.69 0.17
CA ASN H 41 -12.82 -10.61 -1.15
C ASN H 41 -13.66 -9.85 -2.16
N ALA H 42 -14.66 -9.12 -1.67
CA ALA H 42 -15.56 -8.33 -2.50
C ALA H 42 -15.45 -6.86 -2.12
N ILE H 43 -16.24 -6.03 -2.79
CA ILE H 43 -16.37 -4.65 -2.41
C ILE H 43 -17.54 -4.58 -1.46
N VAL H 44 -17.31 -4.09 -0.24
CA VAL H 44 -18.42 -3.96 0.70
C VAL H 44 -18.81 -2.49 0.78
N VAL H 45 -20.06 -2.17 0.46
CA VAL H 45 -20.55 -0.80 0.54
C VAL H 45 -21.54 -0.70 1.70
N ARG H 46 -21.29 0.19 2.65
CA ARG H 46 -22.21 0.34 3.80
C ARG H 46 -23.45 1.13 3.43
N ASP H 48 -26.05 1.28 6.10
CA ASP H 48 -26.64 0.89 7.38
C ASP H 48 -27.95 1.55 7.71
N GLY H 49 -28.17 2.75 7.20
CA GLY H 49 -29.41 3.45 7.54
C GLY H 49 -30.56 3.15 6.60
N HIS H 50 -30.40 2.17 5.71
CA HIS H 50 -31.42 1.87 4.71
C HIS H 50 -31.90 0.44 4.80
N GLY H 51 -33.18 0.24 4.49
CA GLY H 51 -33.75 -1.11 4.47
C GLY H 51 -33.62 -1.83 3.13
N GLY H 52 -33.98 -3.10 3.14
CA GLY H 52 -33.86 -3.96 1.93
C GLY H 52 -34.74 -3.48 0.80
N GLY H 53 -36.00 -3.16 1.08
CA GLY H 53 -36.90 -2.73 0.00
C GLY H 53 -36.41 -1.48 -0.70
N GLU H 54 -35.97 -0.49 0.09
CA GLU H 54 -35.50 0.77 -0.45
C GLU H 54 -34.28 0.57 -1.33
N ILE H 55 -33.37 -0.28 -0.87
CA ILE H 55 -32.17 -0.54 -1.64
C ILE H 55 -32.49 -1.29 -2.93
N LEU H 56 -33.30 -2.34 -2.82
CA LEU H 56 -33.70 -3.10 -4.01
C LEU H 56 -34.38 -2.21 -5.06
N LYS H 57 -35.30 -1.37 -4.62
CA LYS H 57 -36.00 -0.44 -5.51
C LYS H 57 -34.99 0.44 -6.26
N ALA H 58 -34.03 1.01 -5.54
CA ALA H 58 -33.04 1.89 -6.15
C ALA H 58 -32.16 1.10 -7.12
N ILE H 59 -31.71 -0.08 -6.72
CA ILE H 59 -30.82 -0.88 -7.57
C ILE H 59 -31.51 -1.30 -8.88
N LEU H 60 -32.76 -1.72 -8.79
CA LEU H 60 -33.48 -2.18 -9.98
C LEU H 60 -33.72 -1.08 -11.01
N THR H 61 -33.62 0.18 -10.61
CA THR H 61 -33.75 1.27 -11.57
C THR H 61 -32.57 1.31 -12.54
N VAL H 62 -31.42 0.74 -12.13
CA VAL H 62 -30.20 0.78 -12.95
C VAL H 62 -29.53 -0.57 -13.22
N PHE H 63 -30.15 -1.65 -12.78
CA PHE H 63 -29.52 -2.97 -12.80
C PHE H 63 -30.48 -3.97 -13.41
N PRO H 64 -30.18 -4.43 -14.62
CA PRO H 64 -31.08 -5.40 -15.26
C PRO H 64 -30.88 -6.79 -14.68
N LEU H 65 -31.98 -7.48 -14.36
CA LEU H 65 -31.83 -8.85 -13.85
C LEU H 65 -31.62 -9.85 -14.99
N ASP H 66 -30.71 -10.78 -14.77
CA ASP H 66 -30.31 -11.75 -15.80
C ASP H 66 -31.49 -12.55 -16.35
N THR H 67 -31.63 -12.54 -17.68
CA THR H 67 -32.65 -13.39 -18.33
C THR H 67 -32.07 -14.73 -18.81
N TYR H 68 -30.76 -14.90 -18.68
CA TYR H 68 -30.10 -16.13 -19.12
C TYR H 68 -30.20 -17.26 -18.08
N VAL H 69 -30.76 -16.91 -16.91
CA VAL H 69 -31.13 -17.91 -15.90
C VAL H 69 -32.60 -17.64 -15.54
N ASP H 70 -33.31 -18.64 -15.03
CA ASP H 70 -34.71 -18.46 -14.67
C ASP H 70 -34.90 -17.65 -13.39
N LYS H 71 -33.94 -17.78 -12.47
CA LYS H 71 -34.06 -17.20 -11.14
C LYS H 71 -32.83 -16.36 -10.76
N PRO H 72 -32.76 -15.12 -11.30
CA PRO H 72 -31.59 -14.27 -11.07
C PRO H 72 -31.58 -13.61 -9.69
N ALA H 73 -32.66 -13.77 -8.93
CA ALA H 73 -32.67 -13.27 -7.55
C ALA H 73 -32.70 -14.46 -6.61
N THR H 74 -31.92 -14.41 -5.53
CA THR H 74 -31.87 -15.54 -4.62
C THR H 74 -32.12 -15.11 -3.18
N LEU H 75 -33.08 -15.74 -2.50
CA LEU H 75 -33.28 -15.54 -1.06
C LEU H 75 -32.57 -16.59 -0.22
N GLU H 77 -33.15 -19.41 2.53
CA GLU H 77 -34.22 -20.23 3.13
C GLU H 77 -34.16 -20.17 4.65
N LYS H 78 -35.33 -20.20 5.29
CA LYS H 78 -35.39 -20.22 6.76
C LYS H 78 -34.75 -21.50 7.28
N VAL H 79 -34.02 -21.38 8.38
CA VAL H 79 -33.47 -22.56 9.05
C VAL H 79 -34.64 -23.46 9.46
N PRO H 80 -34.57 -24.78 9.18
CA PRO H 80 -35.69 -25.64 9.64
C PRO H 80 -35.95 -25.45 11.12
N GLY H 81 -37.22 -25.25 11.47
CA GLY H 81 -37.60 -25.00 12.87
C GLY H 81 -37.71 -23.52 13.21
N ASP H 82 -37.20 -22.67 12.33
CA ASP H 82 -37.30 -21.21 12.51
C ASP H 82 -38.49 -20.76 11.72
N THR H 83 -39.60 -20.49 12.40
CA THR H 83 -40.84 -20.24 11.70
C THR H 83 -41.20 -18.75 11.60
N VAL H 84 -40.21 -17.88 11.80
CA VAL H 84 -40.38 -16.41 11.76
C VAL H 84 -41.08 -15.98 10.46
N ALA H 85 -42.02 -15.03 10.57
CA ALA H 85 -42.72 -14.51 9.40
C ALA H 85 -41.75 -13.75 8.49
N THR H 86 -41.94 -13.87 7.18
CA THR H 86 -41.08 -13.16 6.23
C THR H 86 -41.86 -12.34 5.18
N PRO H 87 -42.60 -11.30 5.63
CA PRO H 87 -43.38 -10.51 4.67
C PRO H 87 -42.52 -9.75 3.66
N ILE H 88 -41.25 -9.51 3.98
CA ILE H 88 -40.36 -8.83 3.02
C ILE H 88 -40.18 -9.57 1.71
N TRP H 89 -40.32 -10.89 1.71
CA TRP H 89 -40.22 -11.66 0.49
C TRP H 89 -41.23 -11.19 -0.55
N ASP H 90 -42.44 -10.85 -0.09
CA ASP H 90 -43.49 -10.36 -1.00
C ASP H 90 -43.21 -8.94 -1.48
N VAL H 91 -42.65 -8.12 -0.60
CA VAL H 91 -42.17 -6.80 -0.97
C VAL H 91 -41.15 -6.93 -2.09
N TYR H 92 -40.15 -7.79 -1.90
CA TYR H 92 -39.16 -8.02 -2.95
C TYR H 92 -39.77 -8.50 -4.28
N ALA H 93 -40.69 -9.45 -4.22
CA ALA H 93 -41.37 -9.95 -5.40
C ALA H 93 -42.11 -8.81 -6.14
N GLY H 94 -42.80 -7.95 -5.39
CA GLY H 94 -43.49 -6.79 -5.97
C GLY H 94 -42.56 -5.80 -6.66
N LEU H 95 -41.45 -5.49 -6.01
CA LEU H 95 -40.43 -4.65 -6.62
C LEU H 95 -39.80 -5.23 -7.88
N ILE H 96 -39.50 -6.53 -7.88
CA ILE H 96 -38.99 -7.18 -9.08
C ILE H 96 -40.03 -7.14 -10.21
N LYS H 97 -41.29 -7.38 -9.86
CA LYS H 97 -42.37 -7.41 -10.86
C LYS H 97 -42.50 -6.10 -11.64
N GLU H 98 -42.10 -4.99 -11.04
CA GLU H 98 -42.13 -3.68 -11.70
C GLU H 98 -41.18 -3.59 -12.91
N HIS H 99 -40.14 -4.43 -12.93
CA HIS H 99 -39.11 -4.38 -13.97
C HIS H 99 -39.07 -5.64 -14.82
N ASP H 100 -39.48 -6.74 -14.23
CA ASP H 100 -39.36 -8.02 -14.87
C ASP H 100 -40.65 -8.78 -14.71
N GLU H 101 -41.24 -9.18 -15.82
CA GLU H 101 -42.52 -9.87 -15.85
C GLU H 101 -42.51 -11.18 -15.05
N ARG H 102 -41.34 -11.77 -14.87
CA ARG H 102 -41.22 -13.00 -14.05
C ARG H 102 -41.65 -12.81 -12.59
N GLY H 103 -41.49 -11.59 -12.06
CA GLY H 103 -41.93 -11.29 -10.69
C GLY H 103 -41.37 -12.28 -9.69
N ALA H 104 -42.22 -12.83 -8.83
CA ALA H 104 -41.82 -13.82 -7.84
C ALA H 104 -41.16 -15.09 -8.43
N ASP H 105 -41.48 -15.43 -9.68
CA ASP H 105 -40.89 -16.60 -10.34
C ASP H 105 -39.40 -16.42 -10.65
N ALA H 106 -38.94 -15.16 -10.62
CA ALA H 106 -37.53 -14.85 -10.79
C ALA H 106 -36.73 -15.04 -9.50
N ILE H 107 -37.40 -15.39 -8.40
CA ILE H 107 -36.72 -15.57 -7.10
C ILE H 107 -36.54 -17.04 -6.71
N GLY H 108 -35.28 -17.46 -6.56
CA GLY H 108 -34.97 -18.77 -6.05
C GLY H 108 -34.51 -18.64 -4.61
N SER H 109 -33.93 -19.71 -4.11
CA SER H 109 -33.48 -19.73 -2.73
C SER H 109 -32.32 -20.70 -2.49
N LEU H 110 -31.57 -20.45 -1.43
CA LEU H 110 -30.50 -21.33 -1.01
C LEU H 110 -30.61 -21.52 0.49
N GLU H 111 -30.35 -22.75 0.94
CA GLU H 111 -30.19 -23.03 2.36
C GLU H 111 -29.12 -22.10 2.94
N ARG H 112 -29.30 -21.74 4.22
CA ARG H 112 -28.49 -20.72 4.90
C ARG H 112 -26.99 -20.78 4.63
N PHE H 113 -26.37 -21.92 4.93
CA PHE H 113 -24.94 -22.01 4.76
C PHE H 113 -24.51 -22.02 3.30
N ALA H 114 -25.36 -22.57 2.44
CA ALA H 114 -25.09 -22.53 1.01
C ALA H 114 -25.22 -21.09 0.49
N PHE H 115 -26.10 -20.32 1.13
CA PHE H 115 -26.27 -18.90 0.79
C PHE H 115 -25.00 -18.13 1.11
N TYR H 116 -24.44 -18.39 2.29
CA TYR H 116 -23.18 -17.76 2.68
C TYR H 116 -22.08 -18.10 1.67
N GLU H 117 -21.99 -19.37 1.29
CA GLU H 117 -20.98 -19.79 0.30
C GLU H 117 -21.09 -19.05 -1.03
N GLN H 118 -22.31 -18.90 -1.51
CA GLN H 118 -22.56 -18.23 -2.77
C GLN H 118 -22.28 -16.73 -2.65
N ALA H 119 -22.67 -16.15 -1.52
CA ALA H 119 -22.45 -14.72 -1.29
C ALA H 119 -20.94 -14.35 -1.28
N LYS H 120 -20.10 -15.32 -0.91
CA LYS H 120 -18.65 -15.08 -0.90
C LYS H 120 -18.13 -14.84 -2.31
N ASN H 121 -18.89 -15.28 -3.32
CA ASN H 121 -18.50 -15.08 -4.72
C ASN H 121 -19.00 -13.78 -5.34
N ALA H 122 -19.77 -13.01 -4.57
CA ALA H 122 -20.33 -11.76 -5.08
C ALA H 122 -19.25 -10.71 -5.38
N TYR H 123 -19.51 -9.89 -6.39
CA TYR H 123 -18.64 -8.78 -6.73
C TYR H 123 -18.76 -7.70 -5.66
N CYS H 124 -19.97 -7.53 -5.12
CA CYS H 124 -20.23 -6.46 -4.18
C CYS H 124 -21.25 -6.91 -3.15
N VAL H 125 -21.00 -6.56 -1.88
CA VAL H 125 -21.97 -6.80 -0.80
C VAL H 125 -22.39 -5.45 -0.28
N ILE H 126 -23.70 -5.22 -0.28
CA ILE H 126 -24.26 -4.00 0.26
C ILE H 126 -24.78 -4.28 1.66
N ALA H 127 -24.20 -3.60 2.66
CA ALA H 127 -24.56 -3.86 4.03
C ALA H 127 -25.68 -2.94 4.48
N SER H 128 -26.92 -3.43 4.37
CA SER H 128 -28.08 -2.62 4.75
C SER H 128 -28.27 -2.67 6.26
N GLY H 129 -29.25 -1.88 6.73
CA GLY H 129 -29.66 -1.94 8.12
C GLY H 129 -30.97 -2.68 8.28
N GLU H 130 -31.37 -3.47 7.28
CA GLU H 130 -32.68 -4.13 7.28
C GLU H 130 -32.88 -4.99 8.53
N SER H 131 -33.91 -4.67 9.32
CA SER H 131 -34.10 -5.33 10.61
CA SER H 131 -34.14 -5.31 10.63
C SER H 131 -34.83 -6.66 10.54
N ALA H 132 -35.50 -6.92 9.43
CA ALA H 132 -36.18 -8.20 9.23
C ALA H 132 -35.16 -9.31 9.00
N GLN H 133 -35.41 -10.50 9.56
CA GLN H 133 -34.54 -11.65 9.27
C GLN H 133 -34.86 -12.26 7.89
N TYR H 134 -33.88 -12.95 7.33
CA TYR H 134 -34.03 -13.57 6.01
C TYR H 134 -34.40 -12.51 4.95
N ALA H 135 -33.79 -11.34 5.07
CA ALA H 135 -34.05 -10.28 4.10
C ALA H 135 -32.89 -10.12 3.11
N ASN H 136 -31.96 -11.06 3.18
CA ASN H 136 -30.81 -11.06 2.25
C ASN H 136 -31.26 -11.37 0.85
N LEU H 137 -30.65 -10.75 -0.17
CA LEU H 137 -31.03 -11.05 -1.54
C LEU H 137 -29.79 -11.00 -2.41
N ILE H 138 -29.55 -12.08 -3.17
CA ILE H 138 -28.47 -12.07 -4.18
C ILE H 138 -29.09 -11.71 -5.52
N LEU H 139 -28.51 -10.73 -6.22
CA LEU H 139 -28.98 -10.37 -7.57
C LEU H 139 -27.93 -10.63 -8.65
N GLN H 140 -28.34 -11.27 -9.74
CA GLN H 140 -27.43 -11.57 -10.85
C GLN H 140 -27.72 -10.65 -12.05
N LYS H 141 -26.67 -9.97 -12.54
CA LYS H 141 -26.83 -8.95 -13.57
C LYS H 141 -27.01 -9.56 -14.94
N GLY H 142 -27.91 -8.99 -15.71
CA GLY H 142 -28.15 -9.43 -17.08
C GLY H 142 -27.43 -8.56 -18.09
N VAL H 143 -27.87 -8.60 -19.34
CA VAL H 143 -27.20 -7.84 -20.39
C VAL H 143 -27.92 -6.52 -20.60
N VAL H 144 -27.19 -5.54 -21.15
CA VAL H 144 -27.84 -4.38 -21.75
C VAL H 144 -27.86 -4.58 -23.27
N PHE H 145 -29.06 -4.65 -23.87
CA PHE H 145 -29.22 -4.87 -25.33
C PHE H 145 -29.05 -3.58 -26.13
N ILE I 5 -21.40 1.39 26.83
CA ILE I 5 -20.24 0.66 26.25
C ILE I 5 -18.99 0.71 27.16
N PRO I 6 -18.51 -0.46 27.60
CA PRO I 6 -17.37 -0.55 28.50
C PRO I 6 -16.16 0.22 27.98
N LYS I 7 -15.51 0.97 28.88
CA LYS I 7 -14.41 1.85 28.50
C LYS I 7 -13.19 1.10 27.95
N ILE I 8 -13.03 -0.17 28.33
CA ILE I 8 -11.85 -0.94 27.90
C ILE I 8 -11.81 -1.26 26.40
N ILE I 9 -12.96 -1.20 25.74
CA ILE I 9 -13.02 -1.51 24.30
C ILE I 9 -12.48 -0.35 23.46
N PRO I 10 -11.37 -0.57 22.72
CA PRO I 10 -10.81 0.48 21.87
C PRO I 10 -11.69 0.72 20.64
N PRO I 11 -11.57 1.89 20.01
CA PRO I 11 -12.43 2.22 18.88
C PRO I 11 -12.44 1.13 17.81
N GLU I 12 -11.27 0.56 17.52
CA GLU I 12 -11.17 -0.47 16.49
C GLU I 12 -11.97 -1.71 16.84
N LEU I 13 -11.95 -2.09 18.12
CA LEU I 13 -12.74 -3.25 18.53
C LEU I 13 -14.24 -2.95 18.52
N LEU I 14 -14.63 -1.73 18.84
CA LEU I 14 -16.05 -1.35 18.73
C LEU I 14 -16.53 -1.54 17.29
N LYS I 15 -15.70 -1.08 16.35
CA LYS I 15 -16.02 -1.21 14.94
C LYS I 15 -16.16 -2.70 14.56
N VAL I 16 -15.22 -3.52 15.02
CA VAL I 16 -15.24 -4.95 14.76
C VAL I 16 -16.53 -5.58 15.30
N LEU I 17 -16.89 -5.22 16.53
CA LEU I 17 -18.04 -5.87 17.18
C LEU I 17 -19.31 -5.49 16.44
N CYS I 18 -19.34 -4.26 15.94
CA CYS I 18 -20.50 -3.78 15.21
CA CYS I 18 -20.51 -3.78 15.19
C CYS I 18 -20.63 -4.40 13.82
N GLU I 19 -19.50 -4.60 13.15
CA GLU I 19 -19.56 -5.13 11.79
C GLU I 19 -19.68 -6.66 11.69
N GLY I 21 -21.52 -10.19 12.06
CA GLY I 21 -22.91 -10.54 11.93
C GLY I 21 -23.15 -11.95 12.44
N HIS I 22 -24.33 -12.46 12.12
CA HIS I 22 -24.77 -13.75 12.64
C HIS I 22 -23.84 -14.90 12.22
N GLY I 23 -23.23 -15.56 13.20
CA GLY I 23 -22.31 -16.69 12.89
C GLY I 23 -20.82 -16.35 12.90
N ASP I 24 -20.50 -15.06 12.86
CA ASP I 24 -19.12 -14.62 12.91
C ASP I 24 -18.53 -14.99 14.27
N GLN I 25 -17.24 -15.31 14.28
CA GLN I 25 -16.56 -15.66 15.54
C GLN I 25 -15.43 -14.74 15.92
N LEU I 26 -15.28 -14.52 17.23
CA LEU I 26 -14.08 -13.90 17.75
C LEU I 26 -13.41 -14.76 18.77
N VAL I 27 -12.10 -14.60 18.90
CA VAL I 27 -11.33 -15.36 19.89
C VAL I 27 -10.80 -14.43 20.97
N ILE I 28 -11.06 -14.76 22.23
CA ILE I 28 -10.36 -14.14 23.34
C ILE I 28 -9.18 -15.06 23.64
N ALA I 29 -7.99 -14.60 23.24
CA ALA I 29 -6.76 -15.41 23.36
C ALA I 29 -6.05 -15.09 24.67
N ASP I 30 -5.56 -16.12 25.33
CA ASP I 30 -4.80 -15.90 26.56
C ASP I 30 -3.37 -15.46 26.25
N GLY I 31 -2.59 -15.21 27.30
CA GLY I 31 -1.28 -14.57 27.14
C GLY I 31 -0.29 -15.45 26.41
N ASN I 32 -0.48 -16.76 26.51
CA ASN I 32 0.41 -17.72 25.81
C ASN I 32 0.02 -18.07 24.39
N PHE I 33 -1.19 -17.67 23.98
CA PHE I 33 -1.75 -18.05 22.69
C PHE I 33 -0.98 -17.37 21.56
N PRO I 34 -0.77 -18.09 20.44
CA PRO I 34 -0.10 -17.49 19.30
C PRO I 34 -1.08 -16.62 18.53
N ALA I 35 -1.43 -15.46 19.11
CA ALA I 35 -2.54 -14.66 18.53
C ALA I 35 -2.19 -14.04 17.17
N GLU I 36 -0.96 -13.60 16.97
CA GLU I 36 -0.64 -12.98 15.68
C GLU I 36 -0.58 -13.96 14.51
N SER I 37 0.00 -15.15 14.73
CA SER I 37 0.11 -16.11 13.63
C SER I 37 -1.25 -16.75 13.36
N ILE I 38 -1.98 -17.13 14.41
CA ILE I 38 -3.34 -17.69 14.25
C ILE I 38 -4.24 -16.65 13.58
N GLY I 39 -4.09 -15.39 13.97
CA GLY I 39 -4.91 -14.31 13.44
C GLY I 39 -4.36 -13.63 12.19
N LYS I 40 -3.44 -14.29 11.47
CA LYS I 40 -2.78 -13.68 10.32
C LYS I 40 -3.78 -13.18 9.25
N ASN I 41 -4.88 -13.89 9.11
CA ASN I 41 -5.93 -13.48 8.17
C ASN I 41 -7.12 -12.80 8.84
N ALA I 42 -6.95 -12.45 10.11
CA ALA I 42 -8.01 -11.79 10.86
C ALA I 42 -7.57 -10.40 11.27
N ILE I 43 -8.42 -9.75 12.07
CA ILE I 43 -8.07 -8.52 12.72
C ILE I 43 -7.59 -8.90 14.13
N VAL I 44 -6.36 -8.56 14.48
CA VAL I 44 -5.84 -8.85 15.81
C VAL I 44 -5.81 -7.56 16.63
N VAL I 45 -6.52 -7.55 17.75
CA VAL I 45 -6.59 -6.38 18.63
C VAL I 45 -5.82 -6.71 19.88
N ARG I 46 -4.84 -5.87 20.20
CA ARG I 46 -4.04 -6.09 21.39
C ARG I 46 -4.80 -5.61 22.62
N ASP I 48 -3.20 -6.57 25.84
CA ASP I 48 -2.18 -7.22 26.65
C ASP I 48 -2.28 -7.03 28.16
N GLY I 49 -2.84 -5.89 28.56
CA GLY I 49 -2.96 -5.57 29.98
C GLY I 49 -4.23 -6.05 30.65
N HIS I 50 -5.06 -6.81 29.92
CA HIS I 50 -6.33 -7.23 30.48
C HIS I 50 -6.51 -8.72 30.56
N GLY I 51 -7.33 -9.13 31.51
CA GLY I 51 -7.69 -10.53 31.68
C GLY I 51 -8.86 -11.01 30.86
N GLY I 52 -8.97 -12.33 30.77
CA GLY I 52 -10.07 -12.96 30.04
C GLY I 52 -11.44 -12.60 30.60
N GLY I 53 -11.57 -12.62 31.93
CA GLY I 53 -12.83 -12.22 32.56
C GLY I 53 -13.33 -10.84 32.18
N GLU I 54 -12.48 -9.83 32.35
CA GLU I 54 -12.91 -8.47 32.06
C GLU I 54 -13.21 -8.22 30.58
N ILE I 55 -12.44 -8.84 29.68
CA ILE I 55 -12.76 -8.74 28.25
C ILE I 55 -14.10 -9.39 27.95
N LEU I 56 -14.33 -10.60 28.47
CA LEU I 56 -15.60 -11.28 28.21
C LEU I 56 -16.77 -10.45 28.73
N LYS I 57 -16.64 -9.92 29.94
CA LYS I 57 -17.70 -9.12 30.54
C LYS I 57 -18.03 -7.96 29.62
N ALA I 58 -16.99 -7.27 29.16
CA ALA I 58 -17.14 -6.11 28.29
C ALA I 58 -17.81 -6.47 26.96
N ILE I 59 -17.31 -7.53 26.31
CA ILE I 59 -17.86 -7.97 25.02
CA ILE I 59 -17.87 -7.95 25.02
C ILE I 59 -19.34 -8.31 25.15
N LEU I 60 -19.70 -9.08 26.16
CA LEU I 60 -21.08 -9.56 26.34
C LEU I 60 -22.12 -8.46 26.52
N THR I 61 -21.69 -7.26 26.92
CA THR I 61 -22.61 -6.12 26.99
C THR I 61 -23.11 -5.71 25.63
N VAL I 62 -22.33 -6.00 24.57
CA VAL I 62 -22.66 -5.53 23.24
C VAL I 62 -22.83 -6.64 22.19
N PHE I 63 -22.59 -7.89 22.58
CA PHE I 63 -22.42 -9.00 21.64
C PHE I 63 -23.34 -10.17 22.04
N PRO I 64 -24.43 -10.37 21.28
CA PRO I 64 -25.33 -11.47 21.63
C PRO I 64 -24.72 -12.81 21.25
N LEU I 65 -24.82 -13.80 22.13
CA LEU I 65 -24.34 -15.15 21.80
C LEU I 65 -25.37 -15.92 20.95
N ASP I 66 -24.88 -16.57 19.91
CA ASP I 66 -25.72 -17.28 18.96
C ASP I 66 -26.63 -18.32 19.64
N THR I 67 -27.93 -18.26 19.34
CA THR I 67 -28.89 -19.27 19.78
C THR I 67 -29.20 -20.32 18.71
N TYR I 68 -28.60 -20.16 17.53
CA TYR I 68 -28.80 -21.11 16.43
C TYR I 68 -27.83 -22.29 16.53
N VAL I 69 -26.95 -22.23 17.51
CA VAL I 69 -26.14 -23.36 17.89
C VAL I 69 -26.34 -23.53 19.40
N ASP I 70 -26.12 -24.74 19.90
CA ASP I 70 -26.29 -24.99 21.33
C ASP I 70 -25.16 -24.43 22.16
N LYS I 71 -23.94 -24.45 21.61
CA LYS I 71 -22.75 -24.05 22.35
C LYS I 71 -21.94 -22.96 21.64
N PRO I 72 -22.42 -21.70 21.70
CA PRO I 72 -21.77 -20.57 21.02
C PRO I 72 -20.44 -20.12 21.62
N ALA I 73 -20.10 -20.57 22.83
CA ALA I 73 -18.77 -20.30 23.42
C ALA I 73 -17.98 -21.61 23.43
N THR I 74 -16.71 -21.54 23.07
CA THR I 74 -15.89 -22.75 22.96
C THR I 74 -14.59 -22.57 23.72
N LEU I 75 -14.29 -23.51 24.62
CA LEU I 75 -13.02 -23.54 25.37
C LEU I 75 -12.03 -24.51 24.71
N GLU I 77 -9.76 -27.75 25.26
CA GLU I 77 -9.62 -28.91 26.15
C GLU I 77 -8.24 -28.99 26.74
N LYS I 78 -8.19 -29.42 28.00
CA LYS I 78 -6.94 -29.55 28.73
C LYS I 78 -6.07 -30.64 28.12
N VAL I 79 -4.77 -30.42 28.18
CA VAL I 79 -3.78 -31.46 27.90
C VAL I 79 -4.22 -32.72 28.64
N PRO I 80 -4.31 -33.85 27.91
CA PRO I 80 -4.68 -35.12 28.55
C PRO I 80 -3.87 -35.36 29.84
N GLY I 81 -4.58 -35.82 30.88
CA GLY I 81 -3.96 -36.07 32.19
C GLY I 81 -3.82 -34.84 33.09
N ASP I 82 -4.06 -33.65 32.54
CA ASP I 82 -3.99 -32.42 33.33
C ASP I 82 -5.25 -32.27 34.17
N THR I 83 -5.07 -32.25 35.50
CA THR I 83 -6.21 -32.13 36.43
C THR I 83 -6.21 -30.79 37.17
N VAL I 84 -5.36 -29.86 36.72
CA VAL I 84 -5.29 -28.51 37.28
C VAL I 84 -6.69 -27.88 37.36
N ALA I 85 -6.94 -27.14 38.43
CA ALA I 85 -8.18 -26.38 38.54
C ALA I 85 -8.27 -25.36 37.40
N THR I 86 -9.50 -25.14 36.92
CA THR I 86 -9.74 -24.15 35.89
C THR I 86 -10.80 -23.19 36.41
N PRO I 87 -10.44 -22.37 37.42
CA PRO I 87 -11.43 -21.46 37.99
C PRO I 87 -12.00 -20.49 36.97
N ILE I 88 -11.24 -20.15 35.92
CA ILE I 88 -11.73 -19.16 34.95
C ILE I 88 -12.93 -19.66 34.17
N TRP I 89 -13.06 -20.99 34.07
CA TRP I 89 -14.22 -21.57 33.41
C TRP I 89 -15.52 -21.22 34.12
N ASP I 90 -15.48 -21.21 35.45
CA ASP I 90 -16.63 -20.79 36.25
C ASP I 90 -16.87 -19.30 36.15
N VAL I 91 -15.79 -18.51 36.07
CA VAL I 91 -15.91 -17.08 35.85
C VAL I 91 -16.64 -16.86 34.53
N TYR I 92 -16.15 -17.54 33.49
CA TYR I 92 -16.77 -17.44 32.16
C TYR I 92 -18.25 -17.85 32.18
N ALA I 93 -18.55 -18.99 32.80
CA ALA I 93 -19.94 -19.45 32.92
C ALA I 93 -20.87 -18.41 33.57
N GLY I 94 -20.40 -17.78 34.65
CA GLY I 94 -21.15 -16.75 35.36
C GLY I 94 -21.44 -15.51 34.53
N LEU I 95 -20.42 -15.07 33.78
CA LEU I 95 -20.57 -13.90 32.94
C LEU I 95 -21.55 -14.17 31.81
N ILE I 96 -21.50 -15.39 31.27
CA ILE I 96 -22.46 -15.80 30.23
C ILE I 96 -23.88 -15.85 30.80
N LYS I 97 -24.02 -16.44 31.99
CA LYS I 97 -25.31 -16.52 32.70
C LYS I 97 -26.03 -15.17 32.88
N GLU I 98 -25.25 -14.10 33.07
CA GLU I 98 -25.82 -12.75 33.19
C GLU I 98 -26.64 -12.33 31.97
N HIS I 99 -26.28 -12.85 30.79
CA HIS I 99 -26.95 -12.49 29.52
C HIS I 99 -27.73 -13.61 28.88
N ASP I 100 -27.40 -14.85 29.22
CA ASP I 100 -27.94 -15.99 28.49
C ASP I 100 -28.29 -17.09 29.47
N GLU I 101 -29.54 -17.56 29.39
CA GLU I 101 -30.05 -18.56 30.33
C GLU I 101 -29.28 -19.89 30.32
N ARG I 102 -28.67 -20.23 29.18
CA ARG I 102 -27.92 -21.47 29.08
C ARG I 102 -26.72 -21.53 30.02
N GLY I 103 -26.17 -20.36 30.39
CA GLY I 103 -24.96 -20.30 31.21
C GLY I 103 -23.87 -21.29 30.79
N ALA I 104 -23.42 -22.11 31.74
CA ALA I 104 -22.37 -23.10 31.46
C ALA I 104 -22.70 -24.04 30.30
N ASP I 105 -24.00 -24.29 30.09
CA ASP I 105 -24.45 -25.16 29.00
C ASP I 105 -24.21 -24.56 27.61
N ALA I 106 -23.89 -23.26 27.57
CA ALA I 106 -23.57 -22.59 26.31
C ALA I 106 -22.10 -22.78 25.94
N ILE I 107 -21.34 -23.42 26.82
CA ILE I 107 -19.91 -23.61 26.58
C ILE I 107 -19.54 -25.03 26.17
N GLY I 108 -18.97 -25.16 24.97
CA GLY I 108 -18.37 -26.40 24.48
C GLY I 108 -16.85 -26.35 24.49
N SER I 109 -16.22 -27.30 23.82
CA SER I 109 -14.75 -27.41 23.83
C SER I 109 -14.18 -28.07 22.59
N LEU I 110 -12.90 -27.83 22.37
CA LEU I 110 -12.16 -28.41 21.26
C LEU I 110 -10.77 -28.78 21.73
N GLU I 111 -10.30 -29.93 21.22
CA GLU I 111 -8.93 -30.37 21.43
C GLU I 111 -7.97 -29.30 20.90
N ARG I 112 -6.83 -29.15 21.56
CA ARG I 112 -5.91 -28.05 21.30
C ARG I 112 -5.73 -27.72 19.80
N PHE I 113 -5.38 -28.71 18.98
CA PHE I 113 -5.09 -28.42 17.56
C PHE I 113 -6.34 -28.13 16.73
N ALA I 114 -7.46 -28.78 17.06
CA ALA I 114 -8.76 -28.43 16.46
C ALA I 114 -9.18 -26.99 16.83
N PHE I 115 -8.88 -26.58 18.06
CA PHE I 115 -9.17 -25.24 18.52
C PHE I 115 -8.38 -24.24 17.69
N TYR I 116 -7.09 -24.50 17.46
CA TYR I 116 -6.31 -23.62 16.60
C TYR I 116 -6.92 -23.50 15.21
N GLU I 117 -7.31 -24.63 14.62
CA GLU I 117 -7.91 -24.63 13.29
C GLU I 117 -9.19 -23.78 13.26
N GLN I 118 -10.01 -23.89 14.29
CA GLN I 118 -11.22 -23.07 14.32
C GLN I 118 -10.89 -21.58 14.55
N ALA I 119 -9.93 -21.30 15.43
CA ALA I 119 -9.49 -19.93 15.68
C ALA I 119 -8.95 -19.24 14.41
N LYS I 120 -8.35 -20.00 13.50
CA LYS I 120 -7.83 -19.45 12.23
C LYS I 120 -8.94 -18.86 11.37
N ASN I 121 -10.18 -19.26 11.65
CA ASN I 121 -11.35 -18.83 10.87
C ASN I 121 -12.07 -17.64 11.49
N ALA I 122 -11.64 -17.23 12.68
CA ALA I 122 -12.30 -16.13 13.38
C ALA I 122 -12.12 -14.80 12.66
N TYR I 123 -13.13 -13.94 12.82
CA TYR I 123 -13.07 -12.60 12.22
C TYR I 123 -12.04 -11.74 12.92
N CYS I 124 -11.91 -11.95 14.23
CA CYS I 124 -11.10 -11.10 15.10
C CYS I 124 -10.48 -11.95 16.21
N VAL I 125 -9.23 -11.68 16.52
CA VAL I 125 -8.56 -12.33 17.64
C VAL I 125 -8.14 -11.25 18.61
N ILE I 126 -8.59 -11.35 19.86
CA ILE I 126 -8.23 -10.38 20.90
C ILE I 126 -7.08 -10.96 21.71
N ALA I 127 -5.92 -10.30 21.68
CA ALA I 127 -4.73 -10.84 22.39
C ALA I 127 -4.71 -10.31 23.80
N SER I 128 -5.23 -11.09 24.77
CA SER I 128 -5.25 -10.68 26.18
C SER I 128 -3.92 -11.00 26.85
N GLY I 129 -3.79 -10.57 28.11
CA GLY I 129 -2.65 -10.98 28.91
C GLY I 129 -3.04 -12.00 29.95
N GLU I 130 -4.16 -12.68 29.73
CA GLU I 130 -4.67 -13.68 30.69
C GLU I 130 -3.65 -14.79 30.98
N SER I 131 -3.39 -15.02 32.27
CA SER I 131 -2.49 -16.10 32.69
C SER I 131 -3.22 -17.32 33.30
N ALA I 132 -4.52 -17.22 33.54
CA ALA I 132 -5.30 -18.33 34.12
C ALA I 132 -5.24 -19.57 33.26
N GLN I 133 -5.48 -20.72 33.88
CA GLN I 133 -5.45 -22.00 33.18
C GLN I 133 -6.58 -22.14 32.15
N TYR I 134 -6.17 -22.52 30.93
CA TYR I 134 -7.11 -22.84 29.82
C TYR I 134 -8.13 -21.74 29.58
N ALA I 135 -7.61 -20.54 29.33
CA ALA I 135 -8.42 -19.33 29.29
C ALA I 135 -8.87 -18.91 27.89
N ASN I 136 -8.37 -19.54 26.83
CA ASN I 136 -8.81 -19.17 25.46
C ASN I 136 -10.29 -19.43 25.25
N LEU I 137 -10.97 -18.54 24.56
CA LEU I 137 -12.40 -18.68 24.41
C LEU I 137 -12.87 -18.17 23.05
N ILE I 138 -13.56 -19.01 22.27
CA ILE I 138 -14.11 -18.55 20.99
C ILE I 138 -15.58 -18.19 21.21
N LEU I 139 -16.03 -17.06 20.67
CA LEU I 139 -17.43 -16.68 20.82
C LEU I 139 -18.07 -16.55 19.47
N GLN I 140 -19.30 -17.03 19.33
CA GLN I 140 -20.01 -16.92 18.04
C GLN I 140 -21.21 -15.99 18.17
N LYS I 141 -21.29 -15.03 17.26
CA LYS I 141 -22.31 -13.96 17.33
C LYS I 141 -23.70 -14.42 16.91
N GLY I 142 -24.67 -14.01 17.68
CA GLY I 142 -26.06 -14.29 17.35
C GLY I 142 -26.77 -13.17 16.59
N VAL I 143 -28.09 -13.19 16.66
CA VAL I 143 -28.97 -12.30 15.92
C VAL I 143 -29.36 -11.15 16.82
N VAL I 144 -29.59 -9.99 16.22
CA VAL I 144 -30.29 -8.91 16.88
C VAL I 144 -31.73 -8.93 16.32
N PHE I 145 -32.70 -9.24 17.19
CA PHE I 145 -34.10 -9.41 16.77
C PHE I 145 -34.86 -8.09 16.66
N ILE J 5 2.05 4.62 -33.85
CA ILE J 5 1.18 4.05 -32.77
C ILE J 5 -0.25 4.63 -32.84
N PRO J 6 -1.26 3.75 -32.96
CA PRO J 6 -2.64 4.29 -32.98
C PRO J 6 -2.95 5.17 -31.78
N LYS J 7 -3.56 6.32 -32.06
CA LYS J 7 -3.78 7.36 -31.06
C LYS J 7 -4.70 6.90 -29.93
N ILE J 8 -5.55 5.93 -30.18
CA ILE J 8 -6.51 5.50 -29.15
C ILE J 8 -5.89 4.70 -28.01
N ILE J 9 -4.68 4.21 -28.19
CA ILE J 9 -4.05 3.37 -27.16
C ILE J 9 -3.45 4.26 -26.06
N PRO J 10 -3.95 4.15 -24.81
CA PRO J 10 -3.38 4.95 -23.73
C PRO J 10 -2.00 4.42 -23.32
N PRO J 11 -1.20 5.26 -22.64
CA PRO J 11 0.15 4.88 -22.23
C PRO J 11 0.24 3.53 -21.48
N GLU J 12 -0.68 3.29 -20.55
CA GLU J 12 -0.65 2.05 -19.81
C GLU J 12 -0.84 0.84 -20.72
N LEU J 13 -1.69 0.97 -21.75
CA LEU J 13 -1.93 -0.18 -22.64
C LEU J 13 -0.72 -0.39 -23.53
N LEU J 14 -0.07 0.70 -23.94
CA LEU J 14 1.18 0.54 -24.71
C LEU J 14 2.21 -0.27 -23.92
N LYS J 15 2.35 0.07 -22.64
CA LYS J 15 3.25 -0.66 -21.73
C LYS J 15 2.87 -2.14 -21.65
N VAL J 16 1.57 -2.41 -21.50
CA VAL J 16 1.04 -3.77 -21.44
C VAL J 16 1.39 -4.57 -22.70
N LEU J 17 1.15 -3.98 -23.86
CA LEU J 17 1.40 -4.69 -25.12
C LEU J 17 2.89 -4.99 -25.29
N CYS J 18 3.73 -4.10 -24.79
CA CYS J 18 5.18 -4.28 -24.91
CA CYS J 18 5.18 -4.27 -24.91
C CYS J 18 5.70 -5.34 -23.97
N GLU J 19 5.12 -5.42 -22.78
CA GLU J 19 5.62 -6.36 -21.83
C GLU J 19 5.04 -7.77 -21.94
N GLY J 21 4.57 -11.29 -23.74
CA GLY J 21 5.52 -12.12 -24.46
C GLY J 21 4.77 -13.24 -25.15
N HIS J 22 5.54 -14.14 -25.73
CA HIS J 22 5.00 -15.19 -26.60
C HIS J 22 4.08 -16.10 -25.79
N GLY J 23 2.81 -16.14 -26.22
CA GLY J 23 1.80 -16.95 -25.55
C GLY J 23 0.91 -16.20 -24.58
N ASP J 24 1.31 -15.01 -24.14
CA ASP J 24 0.42 -14.20 -23.30
C ASP J 24 -0.88 -13.85 -24.05
N GLN J 25 -1.96 -13.74 -23.29
CA GLN J 25 -3.26 -13.39 -23.86
C GLN J 25 -3.83 -12.09 -23.36
N LEU J 26 -4.57 -11.41 -24.23
CA LEU J 26 -5.40 -10.32 -23.78
C LEU J 26 -6.82 -10.54 -24.26
N VAL J 27 -7.74 -9.88 -23.56
CA VAL J 27 -9.16 -9.98 -23.87
C VAL J 27 -9.68 -8.64 -24.28
N ILE J 28 -10.29 -8.58 -25.46
CA ILE J 28 -11.10 -7.43 -25.84
C ILE J 28 -12.51 -7.77 -25.37
N ALA J 29 -12.95 -7.11 -24.31
CA ALA J 29 -14.25 -7.40 -23.72
C ALA J 29 -15.29 -6.47 -24.31
N ASP J 30 -16.45 -7.02 -24.69
CA ASP J 30 -17.56 -6.18 -25.10
C ASP J 30 -18.24 -5.49 -23.88
N GLY J 31 -19.21 -4.63 -24.17
CA GLY J 31 -19.80 -3.76 -23.18
C GLY J 31 -20.58 -4.53 -22.14
N ASN J 32 -21.02 -5.73 -22.50
CA ASN J 32 -21.75 -6.60 -21.57
C ASN J 32 -20.88 -7.49 -20.69
N PHE J 33 -19.59 -7.59 -21.01
CA PHE J 33 -18.71 -8.55 -20.36
C PHE J 33 -18.35 -8.11 -18.95
N PRO J 34 -18.27 -9.07 -18.02
CA PRO J 34 -17.87 -8.76 -16.64
C PRO J 34 -16.35 -8.52 -16.54
N ALA J 35 -15.89 -7.42 -17.14
CA ALA J 35 -14.43 -7.20 -17.32
C ALA J 35 -13.69 -7.04 -16.00
N GLU J 36 -14.28 -6.32 -15.05
CA GLU J 36 -13.58 -6.10 -13.76
C GLU J 36 -13.47 -7.37 -12.92
N SER J 37 -14.54 -8.17 -12.88
CA SER J 37 -14.49 -9.39 -12.07
C SER J 37 -13.63 -10.47 -12.71
N ILE J 38 -13.82 -10.69 -14.02
CA ILE J 38 -12.94 -11.59 -14.74
C ILE J 38 -11.49 -11.15 -14.65
N GLY J 39 -11.26 -9.85 -14.76
CA GLY J 39 -9.91 -9.28 -14.74
C GLY J 39 -9.35 -8.99 -13.36
N LYS J 40 -9.93 -9.58 -12.31
CA LYS J 40 -9.54 -9.20 -10.94
C LYS J 40 -8.04 -9.42 -10.65
N ASN J 41 -7.47 -10.43 -11.29
CA ASN J 41 -6.04 -10.75 -11.11
C ASN J 41 -5.18 -10.32 -12.28
N ALA J 42 -5.74 -9.46 -13.12
CA ALA J 42 -5.09 -9.00 -14.35
C ALA J 42 -5.05 -7.47 -14.36
N ILE J 43 -4.56 -6.93 -15.47
CA ILE J 43 -4.59 -5.50 -15.71
C ILE J 43 -5.82 -5.18 -16.54
N VAL J 44 -6.72 -4.39 -15.98
CA VAL J 44 -7.93 -3.99 -16.71
C VAL J 44 -7.81 -2.54 -17.19
N VAL J 45 -7.87 -2.35 -18.51
CA VAL J 45 -7.76 -1.03 -19.13
C VAL J 45 -9.14 -0.63 -19.65
N ARG J 46 -9.65 0.50 -19.17
CA ARG J 46 -10.96 1.00 -19.63
C ARG J 46 -10.86 1.63 -21.01
N ASP J 48 -14.14 2.46 -22.62
CA ASP J 48 -15.62 2.45 -22.68
C ASP J 48 -16.19 3.17 -23.89
N GLY J 49 -15.48 4.16 -24.42
CA GLY J 49 -16.00 4.90 -25.57
C GLY J 49 -15.64 4.32 -26.92
N HIS J 50 -15.07 3.11 -26.93
CA HIS J 50 -14.62 2.51 -28.19
C HIS J 50 -15.26 1.17 -28.46
N GLY J 51 -15.42 0.86 -29.74
CA GLY J 51 -15.98 -0.43 -30.17
C GLY J 51 -14.92 -1.49 -30.36
N GLY J 52 -15.35 -2.75 -30.49
CA GLY J 52 -14.43 -3.87 -30.65
C GLY J 52 -13.58 -3.78 -31.90
N GLY J 53 -14.18 -3.39 -33.02
CA GLY J 53 -13.46 -3.34 -34.30
C GLY J 53 -12.32 -2.34 -34.24
N GLU J 54 -12.63 -1.14 -33.75
CA GLU J 54 -11.58 -0.11 -33.68
C GLU J 54 -10.45 -0.50 -32.74
N ILE J 55 -10.79 -1.14 -31.62
CA ILE J 55 -9.76 -1.63 -30.71
C ILE J 55 -8.92 -2.72 -31.33
N LEU J 56 -9.56 -3.70 -31.97
CA LEU J 56 -8.83 -4.78 -32.62
C LEU J 56 -7.90 -4.24 -33.72
N LYS J 57 -8.44 -3.35 -34.55
CA LYS J 57 -7.63 -2.71 -35.62
C LYS J 57 -6.39 -2.05 -35.04
N ALA J 58 -6.57 -1.28 -33.97
CA ALA J 58 -5.45 -0.58 -33.32
C ALA J 58 -4.44 -1.58 -32.73
N ILE J 59 -4.93 -2.56 -31.98
CA ILE J 59 -4.05 -3.58 -31.37
C ILE J 59 -3.23 -4.34 -32.43
N LEU J 60 -3.89 -4.71 -33.54
CA LEU J 60 -3.19 -5.52 -34.54
C LEU J 60 -2.05 -4.79 -35.22
N THR J 61 -2.02 -3.45 -35.13
CA THR J 61 -0.90 -2.70 -35.72
C THR J 61 0.39 -2.93 -34.91
N VAL J 62 0.27 -3.37 -33.66
CA VAL J 62 1.45 -3.52 -32.81
C VAL J 62 1.58 -4.90 -32.14
N PHE J 63 0.62 -5.79 -32.39
CA PHE J 63 0.53 -7.07 -31.67
C PHE J 63 0.50 -8.22 -32.67
N PRO J 64 1.59 -9.00 -32.76
CA PRO J 64 1.58 -10.14 -33.68
C PRO J 64 0.77 -11.32 -33.08
N LEU J 65 -0.08 -11.93 -33.89
CA LEU J 65 -0.86 -13.09 -33.47
C LEU J 65 -0.01 -14.36 -33.53
N ASP J 66 -0.11 -15.20 -32.50
CA ASP J 66 0.73 -16.40 -32.36
C ASP J 66 0.56 -17.38 -33.54
N THR J 67 1.67 -17.71 -34.19
CA THR J 67 1.71 -18.74 -35.22
C THR J 67 2.00 -20.14 -34.67
N TYR J 68 2.30 -20.26 -33.37
CA TYR J 68 2.54 -21.56 -32.73
C TYR J 68 1.26 -22.29 -32.33
N VAL J 69 0.13 -21.63 -32.55
CA VAL J 69 -1.18 -22.28 -32.42
C VAL J 69 -1.96 -21.98 -33.68
N ASP J 70 -2.91 -22.85 -34.02
CA ASP J 70 -3.69 -22.69 -35.22
C ASP J 70 -4.65 -21.50 -35.13
N LYS J 71 -5.21 -21.30 -33.95
CA LYS J 71 -6.26 -20.30 -33.74
C LYS J 71 -5.93 -19.33 -32.59
N PRO J 72 -5.12 -18.30 -32.88
CA PRO J 72 -4.71 -17.37 -31.80
C PRO J 72 -5.77 -16.37 -31.37
N ALA J 73 -6.89 -16.28 -32.09
CA ALA J 73 -7.98 -15.40 -31.68
C ALA J 73 -9.15 -16.29 -31.28
N THR J 74 -9.87 -15.94 -30.22
CA THR J 74 -10.95 -16.81 -29.74
C THR J 74 -12.21 -15.99 -29.50
N LEU J 75 -13.33 -16.42 -30.10
CA LEU J 75 -14.63 -15.85 -29.80
C LEU J 75 -15.37 -16.70 -28.76
N GLU J 77 -18.72 -18.65 -28.03
CA GLU J 77 -19.88 -19.29 -28.67
C GLU J 77 -21.21 -18.83 -28.10
N LYS J 78 -22.23 -18.71 -28.96
CA LYS J 78 -23.57 -18.38 -28.51
C LYS J 78 -24.09 -19.45 -27.59
N VAL J 79 -24.74 -19.03 -26.52
CA VAL J 79 -25.39 -19.97 -25.60
C VAL J 79 -26.42 -20.75 -26.43
N PRO J 80 -26.40 -22.09 -26.34
CA PRO J 80 -27.43 -22.85 -27.06
C PRO J 80 -28.84 -22.28 -26.80
N GLY J 81 -29.59 -22.02 -27.88
CA GLY J 81 -30.91 -21.41 -27.76
C GLY J 81 -30.95 -19.90 -27.97
N ASP J 82 -29.78 -19.26 -27.89
CA ASP J 82 -29.67 -17.81 -28.09
C ASP J 82 -29.47 -17.49 -29.57
N THR J 83 -30.58 -17.23 -30.24
CA THR J 83 -30.57 -16.95 -31.67
C THR J 83 -30.36 -15.46 -31.80
N VAL J 84 -29.14 -15.06 -32.14
CA VAL J 84 -28.81 -13.65 -32.32
C VAL J 84 -27.77 -13.51 -33.44
N ALA J 85 -27.89 -12.42 -34.20
CA ALA J 85 -26.94 -12.17 -35.25
C ALA J 85 -25.64 -11.62 -34.66
N THR J 86 -24.53 -12.04 -35.26
CA THR J 86 -23.21 -11.62 -34.83
C THR J 86 -22.36 -11.13 -36.02
N PRO J 87 -22.80 -10.03 -36.68
CA PRO J 87 -22.04 -9.48 -37.81
C PRO J 87 -20.61 -9.05 -37.45
N ILE J 88 -20.35 -8.78 -36.17
CA ILE J 88 -19.01 -8.35 -35.80
C ILE J 88 -17.96 -9.45 -35.98
N TRP J 89 -18.39 -10.71 -35.96
CA TRP J 89 -17.47 -11.81 -36.19
C TRP J 89 -16.81 -11.68 -37.57
N ASP J 90 -17.59 -11.31 -38.58
CA ASP J 90 -17.02 -11.07 -39.92
C ASP J 90 -16.10 -9.83 -39.96
N VAL J 91 -16.48 -8.78 -39.24
CA VAL J 91 -15.62 -7.59 -39.05
C VAL J 91 -14.26 -8.01 -38.51
N TYR J 92 -14.27 -8.73 -37.39
CA TYR J 92 -13.04 -9.24 -36.80
C TYR J 92 -12.20 -10.07 -37.77
N ALA J 93 -12.85 -10.99 -38.50
CA ALA J 93 -12.17 -11.80 -39.51
C ALA J 93 -11.43 -10.91 -40.53
N GLY J 94 -12.13 -9.89 -41.01
CA GLY J 94 -11.58 -8.91 -41.96
C GLY J 94 -10.34 -8.21 -41.45
N LEU J 95 -10.42 -7.75 -40.21
CA LEU J 95 -9.30 -7.07 -39.58
C LEU J 95 -8.09 -7.97 -39.36
N ILE J 96 -8.34 -9.24 -39.01
CA ILE J 96 -7.25 -10.17 -38.81
C ILE J 96 -6.57 -10.51 -40.16
N LYS J 97 -7.39 -10.68 -41.20
CA LYS J 97 -6.92 -10.94 -42.56
C LYS J 97 -5.95 -9.86 -43.06
N GLU J 98 -6.12 -8.63 -42.59
CA GLU J 98 -5.21 -7.55 -42.95
C GLU J 98 -3.76 -7.84 -42.52
N HIS J 99 -3.59 -8.60 -41.43
CA HIS J 99 -2.26 -8.84 -40.85
C HIS J 99 -1.78 -10.29 -40.91
N ASP J 100 -2.73 -11.21 -41.05
CA ASP J 100 -2.42 -12.62 -40.95
C ASP J 100 -3.18 -13.35 -42.05
N GLU J 101 -2.45 -14.08 -42.89
CA GLU J 101 -3.05 -14.75 -44.06
C GLU J 101 -4.13 -15.75 -43.67
N ARG J 102 -4.06 -16.26 -42.44
CA ARG J 102 -5.05 -17.21 -41.96
C ARG J 102 -6.45 -16.61 -41.91
N GLY J 103 -6.55 -15.29 -41.73
CA GLY J 103 -7.84 -14.59 -41.65
C GLY J 103 -8.84 -15.25 -40.71
N ALA J 104 -10.04 -15.51 -41.20
CA ALA J 104 -11.08 -16.20 -40.45
C ALA J 104 -10.65 -17.53 -39.82
N ASP J 105 -9.68 -18.21 -40.45
CA ASP J 105 -9.22 -19.50 -39.93
C ASP J 105 -8.36 -19.40 -38.68
N ALA J 106 -7.88 -18.19 -38.39
CA ALA J 106 -7.14 -17.95 -37.16
C ALA J 106 -8.07 -17.76 -35.96
N ILE J 107 -9.38 -17.78 -36.20
CA ILE J 107 -10.38 -17.55 -35.13
C ILE J 107 -11.07 -18.83 -34.69
N GLY J 108 -10.88 -19.18 -33.42
CA GLY J 108 -11.55 -20.31 -32.80
C GLY J 108 -12.61 -19.83 -31.87
N SER J 109 -13.12 -20.74 -31.05
CA SER J 109 -14.20 -20.36 -30.16
C SER J 109 -14.25 -21.22 -28.92
N LEU J 110 -14.87 -20.68 -27.90
CA LEU J 110 -15.09 -21.40 -26.65
C LEU J 110 -16.51 -21.19 -26.19
N GLU J 111 -17.08 -22.25 -25.63
CA GLU J 111 -18.34 -22.16 -24.93
C GLU J 111 -18.25 -21.10 -23.82
N ARG J 112 -19.37 -20.44 -23.52
CA ARG J 112 -19.40 -19.27 -22.62
C ARG J 112 -18.59 -19.40 -21.34
N PHE J 113 -18.87 -20.44 -20.56
CA PHE J 113 -18.15 -20.60 -19.29
C PHE J 113 -16.68 -20.99 -19.46
N ALA J 114 -16.38 -21.80 -20.47
CA ALA J 114 -14.99 -22.08 -20.84
C ALA J 114 -14.27 -20.79 -21.21
N PHE J 115 -14.99 -19.89 -21.88
CA PHE J 115 -14.43 -18.60 -22.33
C PHE J 115 -14.07 -17.78 -21.12
N TYR J 116 -14.98 -17.71 -20.13
CA TYR J 116 -14.71 -16.93 -18.92
C TYR J 116 -13.49 -17.50 -18.22
N GLU J 117 -13.40 -18.83 -18.16
CA GLU J 117 -12.27 -19.48 -17.48
C GLU J 117 -10.93 -19.15 -18.13
N GLN J 118 -10.91 -19.15 -19.46
CA GLN J 118 -9.73 -18.74 -20.19
C GLN J 118 -9.40 -17.25 -19.97
N ALA J 119 -10.43 -16.41 -20.00
CA ALA J 119 -10.28 -14.96 -19.83
C ALA J 119 -9.69 -14.63 -18.45
N LYS J 120 -10.01 -15.42 -17.43
CA LYS J 120 -9.45 -15.20 -16.09
C LYS J 120 -7.94 -15.34 -16.06
N ASN J 121 -7.36 -16.02 -17.06
CA ASN J 121 -5.90 -16.22 -17.13
C ASN J 121 -5.21 -15.20 -18.00
N ALA J 122 -5.97 -14.26 -18.56
CA ALA J 122 -5.37 -13.25 -19.44
C ALA J 122 -4.48 -12.27 -18.67
N TYR J 123 -3.48 -11.75 -19.35
CA TYR J 123 -2.61 -10.72 -18.78
C TYR J 123 -3.34 -9.41 -18.63
N CYS J 124 -4.20 -9.11 -19.58
CA CYS J 124 -4.87 -7.83 -19.61
C CYS J 124 -6.27 -8.00 -20.19
N VAL J 125 -7.24 -7.31 -19.61
CA VAL J 125 -8.59 -7.24 -20.15
C VAL J 125 -8.87 -5.80 -20.56
N ILE J 126 -9.25 -5.60 -21.81
CA ILE J 126 -9.62 -4.27 -22.27
C ILE J 126 -11.16 -4.16 -22.24
N ALA J 127 -11.65 -3.24 -21.44
CA ALA J 127 -13.10 -3.07 -21.28
C ALA J 127 -13.63 -2.09 -22.30
N SER J 128 -14.09 -2.62 -23.42
CA SER J 128 -14.66 -1.76 -24.47
C SER J 128 -16.09 -1.37 -24.15
N GLY J 129 -16.64 -0.49 -24.98
CA GLY J 129 -18.06 -0.19 -24.94
C GLY J 129 -18.84 -0.86 -26.07
N GLU J 130 -18.29 -1.91 -26.66
CA GLU J 130 -18.94 -2.53 -27.82
C GLU J 130 -20.35 -3.04 -27.47
N SER J 131 -21.37 -2.60 -28.22
CA SER J 131 -22.75 -2.96 -27.91
C SER J 131 -23.23 -4.25 -28.61
N ALA J 132 -22.47 -4.69 -29.62
CA ALA J 132 -22.75 -5.97 -30.31
C ALA J 132 -22.63 -7.10 -29.30
N GLN J 133 -23.52 -8.10 -29.37
CA GLN J 133 -23.35 -9.20 -28.40
C GLN J 133 -22.39 -10.25 -28.96
N TYR J 134 -21.80 -11.02 -28.04
CA TYR J 134 -20.77 -12.00 -28.38
C TYR J 134 -19.64 -11.35 -29.16
N ALA J 135 -19.29 -10.13 -28.74
CA ALA J 135 -18.20 -9.39 -29.37
C ALA J 135 -16.85 -9.51 -28.60
N ASN J 136 -16.82 -10.34 -27.57
CA ASN J 136 -15.57 -10.62 -26.87
C ASN J 136 -14.55 -11.35 -27.72
N LEU J 137 -13.27 -11.04 -27.54
CA LEU J 137 -12.22 -11.66 -28.35
C LEU J 137 -10.96 -11.84 -27.53
N ILE J 138 -10.47 -13.06 -27.42
CA ILE J 138 -9.17 -13.31 -26.78
C ILE J 138 -8.11 -13.35 -27.88
N LEU J 139 -7.01 -12.64 -27.68
CA LEU J 139 -5.89 -12.66 -28.64
C LEU J 139 -4.69 -13.24 -27.96
N GLN J 140 -3.98 -14.13 -28.64
CA GLN J 140 -2.74 -14.72 -28.12
C GLN J 140 -1.52 -14.19 -28.85
N LYS J 141 -0.53 -13.67 -28.10
CA LYS J 141 0.61 -12.99 -28.72
C LYS J 141 1.63 -13.98 -29.28
N GLY J 142 2.13 -13.64 -30.46
CA GLY J 142 3.15 -14.41 -31.15
C GLY J 142 4.56 -13.91 -30.87
N VAL J 143 5.48 -14.37 -31.70
CA VAL J 143 6.90 -14.08 -31.56
C VAL J 143 7.24 -12.85 -32.38
N VAL J 144 8.17 -12.05 -31.86
CA VAL J 144 8.85 -11.05 -32.65
C VAL J 144 10.17 -11.67 -33.10
N PHE J 145 10.26 -11.98 -34.39
CA PHE J 145 11.45 -12.58 -34.98
C PHE J 145 12.40 -11.44 -35.31
#